data_1WHW
#
_entry.id   1WHW
#
_entity_poly.entity_id   1
_entity_poly.type   'polypeptide(L)'
_entity_poly.pdbx_seq_one_letter_code
;GSSGSSGSGRLFVRNLSYTSSEEDLEKLFSAYGPLSELHYPIDSLTKKPKGFAFVTFMFPEHAVKAYAEVDGQVFQGRML
HVLPSTIKKEASQSGPSSG
;
_entity_poly.pdbx_strand_id   A
#
# COMPACT_ATOMS: atom_id res chain seq x y z
N GLY A 1 -17.64 -7.68 12.61
CA GLY A 1 -16.64 -6.87 11.93
C GLY A 1 -16.81 -5.39 12.18
N SER A 2 -15.71 -4.65 12.11
CA SER A 2 -15.74 -3.21 12.35
C SER A 2 -15.12 -2.45 11.17
N SER A 3 -15.58 -1.22 10.96
CA SER A 3 -15.08 -0.40 9.87
C SER A 3 -13.56 -0.36 9.87
N GLY A 4 -12.99 0.03 11.02
CA GLY A 4 -11.55 0.11 11.14
C GLY A 4 -11.10 1.27 12.01
N SER A 5 -9.79 1.37 12.22
CA SER A 5 -9.23 2.43 13.04
C SER A 5 -8.16 3.20 12.28
N SER A 6 -8.10 4.52 12.49
CA SER A 6 -7.12 5.35 11.83
C SER A 6 -5.72 5.08 12.36
N GLY A 7 -4.71 5.49 11.60
CA GLY A 7 -3.34 5.28 12.01
C GLY A 7 -2.35 5.49 10.88
N SER A 8 -2.39 4.60 9.89
CA SER A 8 -1.49 4.68 8.74
C SER A 8 -2.16 4.14 7.49
N GLY A 9 -1.99 4.84 6.38
CA GLY A 9 -2.58 4.41 5.12
C GLY A 9 -1.67 3.47 4.34
N ARG A 10 -0.85 2.73 5.06
CA ARG A 10 0.08 1.78 4.43
C ARG A 10 -0.66 0.54 3.95
N LEU A 11 -0.26 0.03 2.78
CA LEU A 11 -0.89 -1.14 2.21
C LEU A 11 0.13 -1.98 1.42
N PHE A 12 0.09 -3.29 1.61
CA PHE A 12 1.00 -4.18 0.91
C PHE A 12 0.42 -4.63 -0.43
N VAL A 13 1.06 -4.21 -1.51
CA VAL A 13 0.61 -4.56 -2.85
C VAL A 13 1.60 -5.50 -3.53
N ARG A 14 1.07 -6.41 -4.35
CA ARG A 14 1.90 -7.37 -5.07
C ARG A 14 1.31 -7.70 -6.43
N ASN A 15 2.03 -8.48 -7.22
CA ASN A 15 1.58 -8.87 -8.55
C ASN A 15 1.61 -7.68 -9.51
N LEU A 16 2.77 -7.05 -9.61
CA LEU A 16 2.93 -5.89 -10.49
C LEU A 16 3.60 -6.29 -11.80
N SER A 17 2.96 -5.95 -12.92
CA SER A 17 3.50 -6.29 -14.23
C SER A 17 4.80 -5.54 -14.49
N TYR A 18 5.81 -6.26 -14.97
CA TYR A 18 7.11 -5.66 -15.25
C TYR A 18 6.99 -4.57 -16.30
N THR A 19 5.81 -4.48 -16.93
CA THR A 19 5.56 -3.48 -17.95
C THR A 19 5.12 -2.16 -17.33
N SER A 20 4.84 -2.18 -16.03
CA SER A 20 4.39 -1.00 -15.32
C SER A 20 5.58 -0.13 -14.92
N SER A 21 5.36 1.18 -14.83
CA SER A 21 6.42 2.11 -14.46
C SER A 21 6.06 2.86 -13.17
N GLU A 22 7.05 3.08 -12.33
CA GLU A 22 6.84 3.79 -11.07
C GLU A 22 5.78 4.86 -11.22
N GLU A 23 5.74 5.50 -12.39
CA GLU A 23 4.78 6.56 -12.66
C GLU A 23 3.38 5.97 -12.84
N ASP A 24 3.27 5.00 -13.73
CA ASP A 24 1.98 4.35 -13.99
C ASP A 24 1.25 4.05 -12.69
N LEU A 25 1.97 3.50 -11.73
CA LEU A 25 1.38 3.16 -10.43
C LEU A 25 0.90 4.42 -9.70
N GLU A 26 1.76 5.42 -9.65
CA GLU A 26 1.42 6.67 -8.98
C GLU A 26 0.03 7.14 -9.37
N LYS A 27 -0.26 7.08 -10.67
CA LYS A 27 -1.57 7.50 -11.18
C LYS A 27 -2.65 6.49 -10.79
N LEU A 28 -2.33 5.21 -10.90
CA LEU A 28 -3.27 4.15 -10.56
C LEU A 28 -3.84 4.35 -9.16
N PHE A 29 -2.95 4.55 -8.19
CA PHE A 29 -3.37 4.76 -6.81
C PHE A 29 -3.81 6.21 -6.59
N SER A 30 -2.97 7.15 -6.99
CA SER A 30 -3.28 8.57 -6.85
C SER A 30 -4.78 8.82 -7.03
N ALA A 31 -5.33 8.27 -8.09
CA ALA A 31 -6.75 8.44 -8.38
C ALA A 31 -7.58 8.41 -7.10
N TYR A 32 -7.42 7.34 -6.32
CA TYR A 32 -8.16 7.20 -5.07
C TYR A 32 -7.90 8.38 -4.15
N GLY A 33 -6.66 8.86 -4.14
CA GLY A 33 -6.31 9.98 -3.29
C GLY A 33 -4.83 10.29 -3.33
N PRO A 34 -4.40 11.23 -2.48
CA PRO A 34 -2.99 11.64 -2.40
C PRO A 34 -2.10 10.55 -1.80
N LEU A 35 -0.96 10.30 -2.44
CA LEU A 35 -0.03 9.29 -1.97
C LEU A 35 1.06 9.91 -1.10
N SER A 36 1.18 9.41 0.13
CA SER A 36 2.18 9.91 1.07
C SER A 36 3.59 9.53 0.61
N GLU A 37 3.75 8.31 0.14
CA GLU A 37 5.04 7.83 -0.33
C GLU A 37 4.89 6.54 -1.14
N LEU A 38 5.70 6.41 -2.18
CA LEU A 38 5.66 5.23 -3.04
C LEU A 38 6.98 4.47 -3.01
N HIS A 39 6.90 3.15 -3.02
CA HIS A 39 8.09 2.31 -2.99
C HIS A 39 8.06 1.29 -4.12
N TYR A 40 8.87 1.53 -5.15
CA TYR A 40 8.93 0.62 -6.29
C TYR A 40 10.35 0.09 -6.48
N PRO A 41 10.61 -1.08 -5.90
CA PRO A 41 11.93 -1.73 -5.99
C PRO A 41 12.22 -2.25 -7.39
N ILE A 42 13.46 -2.08 -7.83
CA ILE A 42 13.87 -2.53 -9.16
C ILE A 42 15.27 -3.15 -9.12
N ASP A 43 15.38 -4.36 -9.65
CA ASP A 43 16.66 -5.07 -9.68
C ASP A 43 17.74 -4.19 -10.32
N SER A 44 18.90 -4.13 -9.68
CA SER A 44 20.01 -3.34 -10.18
C SER A 44 20.71 -4.03 -11.35
N LEU A 45 20.23 -5.22 -11.68
CA LEU A 45 20.80 -6.00 -12.77
C LEU A 45 19.88 -5.98 -13.99
N THR A 46 18.67 -6.51 -13.82
CA THR A 46 17.70 -6.55 -14.90
C THR A 46 16.98 -5.21 -15.05
N LYS A 47 17.18 -4.33 -14.07
CA LYS A 47 16.56 -3.02 -14.10
C LYS A 47 15.04 -3.13 -14.13
N LYS A 48 14.51 -4.21 -13.54
CA LYS A 48 13.07 -4.43 -13.50
C LYS A 48 12.63 -4.81 -12.08
N PRO A 49 11.37 -4.49 -11.76
CA PRO A 49 10.80 -4.79 -10.44
C PRO A 49 10.58 -6.28 -10.23
N LYS A 50 10.27 -6.65 -8.99
CA LYS A 50 10.04 -8.06 -8.66
C LYS A 50 8.54 -8.38 -8.69
N GLY A 51 7.75 -7.40 -9.07
CA GLY A 51 6.30 -7.60 -9.14
C GLY A 51 5.61 -7.28 -7.83
N PHE A 52 6.19 -6.36 -7.07
CA PHE A 52 5.62 -5.96 -5.78
C PHE A 52 6.02 -4.53 -5.43
N ALA A 53 5.16 -3.86 -4.66
CA ALA A 53 5.42 -2.48 -4.26
C ALA A 53 4.64 -2.13 -2.99
N PHE A 54 5.01 -1.01 -2.36
CA PHE A 54 4.34 -0.56 -1.14
C PHE A 54 3.79 0.84 -1.32
N VAL A 55 2.48 0.98 -1.19
CA VAL A 55 1.83 2.28 -1.32
C VAL A 55 1.41 2.83 0.04
N THR A 56 1.79 4.07 0.31
CA THR A 56 1.45 4.72 1.58
C THR A 56 0.50 5.89 1.36
N PHE A 57 -0.75 5.70 1.78
CA PHE A 57 -1.76 6.74 1.63
C PHE A 57 -1.73 7.71 2.81
N MET A 58 -1.97 8.98 2.52
CA MET A 58 -1.96 10.01 3.56
C MET A 58 -3.07 9.77 4.57
N PHE A 59 -4.28 9.51 4.07
CA PHE A 59 -5.43 9.27 4.92
C PHE A 59 -5.89 7.82 4.82
N PRO A 60 -6.39 7.27 5.94
CA PRO A 60 -6.87 5.89 5.99
C PRO A 60 -8.16 5.69 5.21
N GLU A 61 -9.02 6.70 5.22
CA GLU A 61 -10.29 6.65 4.51
C GLU A 61 -10.08 6.19 3.07
N HIS A 62 -9.12 6.80 2.40
CA HIS A 62 -8.82 6.46 1.01
C HIS A 62 -8.20 5.07 0.91
N ALA A 63 -7.21 4.81 1.76
CA ALA A 63 -6.53 3.52 1.78
C ALA A 63 -7.53 2.37 1.75
N VAL A 64 -8.65 2.56 2.46
CA VAL A 64 -9.69 1.55 2.53
C VAL A 64 -10.42 1.41 1.19
N LYS A 65 -10.83 2.55 0.65
CA LYS A 65 -11.55 2.56 -0.63
C LYS A 65 -10.74 1.84 -1.71
N ALA A 66 -9.44 2.04 -1.70
CA ALA A 66 -8.55 1.41 -2.67
C ALA A 66 -8.39 -0.07 -2.38
N TYR A 67 -8.23 -0.40 -1.10
CA TYR A 67 -8.06 -1.80 -0.69
C TYR A 67 -9.31 -2.62 -0.99
N ALA A 68 -10.42 -1.92 -1.19
CA ALA A 68 -11.69 -2.58 -1.50
C ALA A 68 -11.88 -2.73 -3.00
N GLU A 69 -11.38 -1.76 -3.76
CA GLU A 69 -11.50 -1.78 -5.21
C GLU A 69 -10.26 -2.42 -5.85
N VAL A 70 -9.09 -1.87 -5.56
CA VAL A 70 -7.84 -2.38 -6.10
C VAL A 70 -7.71 -3.88 -5.84
N ASP A 71 -7.88 -4.28 -4.59
CA ASP A 71 -7.77 -5.69 -4.21
C ASP A 71 -8.71 -6.54 -5.05
N GLY A 72 -8.24 -6.94 -6.22
CA GLY A 72 -9.04 -7.77 -7.11
C GLY A 72 -9.24 -7.13 -8.47
N GLN A 73 -8.29 -6.30 -8.88
CA GLN A 73 -8.36 -5.63 -10.16
C GLN A 73 -7.27 -6.12 -11.11
N VAL A 74 -7.39 -5.77 -12.39
CA VAL A 74 -6.41 -6.18 -13.38
C VAL A 74 -5.72 -4.97 -14.01
N PHE A 75 -4.39 -5.05 -14.12
CA PHE A 75 -3.62 -3.96 -14.70
C PHE A 75 -2.45 -4.50 -15.53
N GLN A 76 -2.47 -4.22 -16.83
CA GLN A 76 -1.42 -4.69 -17.72
C GLN A 76 -1.36 -6.21 -17.75
N GLY A 77 -2.52 -6.85 -17.58
CA GLY A 77 -2.56 -8.30 -17.59
C GLY A 77 -1.98 -8.91 -16.33
N ARG A 78 -2.14 -8.21 -15.21
CA ARG A 78 -1.62 -8.68 -13.93
C ARG A 78 -2.58 -8.35 -12.79
N MET A 79 -3.19 -9.37 -12.21
CA MET A 79 -4.13 -9.18 -11.11
C MET A 79 -3.44 -8.56 -9.91
N LEU A 80 -3.83 -7.34 -9.56
CA LEU A 80 -3.24 -6.63 -8.43
C LEU A 80 -3.83 -7.13 -7.12
N HIS A 81 -2.96 -7.46 -6.17
CA HIS A 81 -3.40 -7.94 -4.87
C HIS A 81 -3.01 -6.97 -3.76
N VAL A 82 -3.99 -6.53 -2.98
CA VAL A 82 -3.76 -5.59 -1.90
C VAL A 82 -4.15 -6.19 -0.55
N LEU A 83 -3.27 -6.07 0.44
CA LEU A 83 -3.52 -6.60 1.77
C LEU A 83 -3.22 -5.56 2.84
N PRO A 84 -3.96 -5.62 3.95
CA PRO A 84 -3.77 -4.69 5.07
C PRO A 84 -2.47 -4.93 5.82
N SER A 85 -1.67 -3.88 5.96
CA SER A 85 -0.38 -3.98 6.65
C SER A 85 -0.18 -2.79 7.58
N THR A 86 0.20 -3.08 8.82
CA THR A 86 0.43 -2.04 9.81
C THR A 86 1.89 -2.00 10.24
N ILE A 87 2.41 -0.79 10.46
CA ILE A 87 3.80 -0.63 10.89
C ILE A 87 4.09 -1.41 12.15
N LYS A 88 4.71 -2.58 11.98
CA LYS A 88 5.05 -3.43 13.11
C LYS A 88 6.35 -2.97 13.77
N LYS A 89 6.43 -1.67 14.08
CA LYS A 89 7.60 -1.11 14.71
C LYS A 89 7.24 0.12 15.54
N GLU A 90 8.07 0.43 16.54
CA GLU A 90 7.83 1.58 17.41
C GLU A 90 8.42 2.84 16.79
N ALA A 91 8.16 3.06 15.50
CA ALA A 91 8.66 4.23 14.81
C ALA A 91 7.72 5.42 14.99
N SER A 92 6.43 5.14 15.06
CA SER A 92 5.42 6.19 15.22
C SER A 92 5.16 6.46 16.69
N GLN A 93 5.74 7.53 17.22
CA GLN A 93 5.57 7.89 18.62
C GLN A 93 4.09 8.03 18.97
N SER A 94 3.37 8.78 18.14
CA SER A 94 1.94 9.01 18.36
C SER A 94 1.26 9.47 17.08
N GLY A 95 -0.07 9.39 17.05
CA GLY A 95 -0.82 9.80 15.88
C GLY A 95 -1.87 10.83 16.21
N PRO A 96 -1.46 12.11 16.25
CA PRO A 96 -2.37 13.22 16.56
C PRO A 96 -3.36 13.48 15.42
N SER A 97 -4.35 14.34 15.69
CA SER A 97 -5.36 14.67 14.69
C SER A 97 -5.70 16.15 14.75
N SER A 98 -5.45 16.84 13.64
CA SER A 98 -5.72 18.27 13.55
C SER A 98 -6.96 18.54 12.70
N GLY A 99 -7.58 19.70 12.90
CA GLY A 99 -8.77 20.05 12.16
C GLY A 99 -10.02 19.37 12.68
N GLY A 1 -0.06 2.52 23.43
CA GLY A 1 -0.32 3.75 22.68
C GLY A 1 -1.76 4.19 22.77
N SER A 2 -1.99 5.48 22.62
CA SER A 2 -3.34 6.04 22.69
C SER A 2 -4.17 5.58 21.51
N SER A 3 -5.20 4.78 21.78
CA SER A 3 -6.07 4.27 20.73
C SER A 3 -6.43 5.37 19.74
N GLY A 4 -6.48 5.01 18.46
CA GLY A 4 -6.81 5.98 17.42
C GLY A 4 -5.77 6.02 16.31
N SER A 5 -5.92 6.96 15.40
CA SER A 5 -4.99 7.10 14.29
C SER A 5 -4.77 8.58 13.93
N SER A 6 -3.61 8.88 13.36
CA SER A 6 -3.29 10.24 12.98
C SER A 6 -3.34 10.42 11.46
N GLY A 7 -2.67 9.53 10.75
CA GLY A 7 -2.65 9.60 9.30
C GLY A 7 -1.94 8.41 8.67
N SER A 8 -2.23 7.22 9.17
CA SER A 8 -1.61 6.01 8.64
C SER A 8 -2.45 5.39 7.54
N GLY A 9 -1.83 5.13 6.39
CA GLY A 9 -2.55 4.54 5.28
C GLY A 9 -1.65 3.68 4.41
N ARG A 10 -0.80 2.88 5.05
CA ARG A 10 0.12 2.01 4.33
C ARG A 10 -0.59 0.73 3.89
N LEU A 11 -0.20 0.21 2.73
CA LEU A 11 -0.80 -1.01 2.21
C LEU A 11 0.23 -1.81 1.41
N PHE A 12 -0.04 -3.11 1.23
CA PHE A 12 0.85 -3.99 0.49
C PHE A 12 0.26 -4.36 -0.86
N VAL A 13 1.05 -4.23 -1.91
CA VAL A 13 0.61 -4.56 -3.26
C VAL A 13 1.63 -5.43 -3.99
N ARG A 14 1.16 -6.50 -4.61
CA ARG A 14 2.03 -7.41 -5.34
C ARG A 14 1.45 -7.74 -6.72
N ASN A 15 2.19 -8.51 -7.50
CA ASN A 15 1.75 -8.89 -8.83
C ASN A 15 1.78 -7.69 -9.78
N LEU A 16 2.92 -7.01 -9.83
CA LEU A 16 3.08 -5.85 -10.69
C LEU A 16 3.68 -6.24 -12.03
N SER A 17 3.06 -5.79 -13.11
CA SER A 17 3.55 -6.09 -14.45
C SER A 17 4.80 -5.28 -14.78
N TYR A 18 5.88 -5.99 -15.10
CA TYR A 18 7.14 -5.33 -15.43
C TYR A 18 6.92 -4.20 -16.44
N THR A 19 5.82 -4.29 -17.19
CA THR A 19 5.50 -3.28 -18.18
C THR A 19 5.19 -1.93 -17.52
N SER A 20 4.47 -1.98 -16.40
CA SER A 20 4.11 -0.78 -15.68
C SER A 20 5.33 -0.14 -15.03
N SER A 21 5.33 1.18 -14.96
CA SER A 21 6.45 1.92 -14.36
C SER A 21 6.01 2.63 -13.09
N GLU A 22 6.97 2.95 -12.23
CA GLU A 22 6.69 3.64 -10.97
C GLU A 22 5.68 4.76 -11.19
N GLU A 23 5.90 5.54 -12.25
CA GLU A 23 5.02 6.66 -12.56
C GLU A 23 3.57 6.19 -12.72
N ASP A 24 3.39 5.13 -13.49
CA ASP A 24 2.06 4.57 -13.72
C ASP A 24 1.35 4.30 -12.40
N LEU A 25 2.03 3.62 -11.48
CA LEU A 25 1.45 3.29 -10.19
C LEU A 25 0.99 4.55 -9.47
N GLU A 26 1.87 5.54 -9.37
CA GLU A 26 1.55 6.80 -8.71
C GLU A 26 0.17 7.29 -9.14
N LYS A 27 -0.05 7.36 -10.45
CA LYS A 27 -1.32 7.82 -11.00
C LYS A 27 -2.44 6.83 -10.68
N LEU A 28 -2.16 5.54 -10.92
CA LEU A 28 -3.13 4.49 -10.66
C LEU A 28 -3.79 4.68 -9.30
N PHE A 29 -2.98 4.60 -8.25
CA PHE A 29 -3.47 4.75 -6.89
C PHE A 29 -3.91 6.19 -6.63
N SER A 30 -3.06 7.14 -6.99
CA SER A 30 -3.36 8.56 -6.80
C SER A 30 -4.83 8.84 -7.07
N ALA A 31 -5.35 8.27 -8.16
CA ALA A 31 -6.74 8.47 -8.53
C ALA A 31 -7.65 8.39 -7.31
N TYR A 32 -7.50 7.32 -6.53
CA TYR A 32 -8.31 7.14 -5.34
C TYR A 32 -8.10 8.28 -4.35
N GLY A 33 -6.84 8.64 -4.13
CA GLY A 33 -6.52 9.71 -3.20
C GLY A 33 -5.05 10.07 -3.22
N PRO A 34 -4.64 10.97 -2.31
CA PRO A 34 -3.25 11.41 -2.20
C PRO A 34 -2.33 10.32 -1.70
N LEU A 35 -1.12 10.26 -2.25
CA LEU A 35 -0.14 9.26 -1.85
C LEU A 35 0.91 9.86 -0.93
N SER A 36 1.03 9.30 0.27
CA SER A 36 1.99 9.79 1.25
C SER A 36 3.42 9.41 0.84
N GLU A 37 3.59 8.16 0.40
CA GLU A 37 4.90 7.67 -0.01
C GLU A 37 4.77 6.43 -0.88
N LEU A 38 5.65 6.30 -1.87
CA LEU A 38 5.64 5.15 -2.76
C LEU A 38 6.98 4.43 -2.77
N HIS A 39 6.95 3.12 -2.95
CA HIS A 39 8.17 2.32 -2.99
C HIS A 39 8.13 1.32 -4.13
N TYR A 40 8.90 1.60 -5.19
CA TYR A 40 8.95 0.71 -6.34
C TYR A 40 10.35 0.12 -6.52
N PRO A 41 10.56 -1.08 -5.96
CA PRO A 41 11.84 -1.78 -6.03
C PRO A 41 12.14 -2.27 -7.44
N ILE A 42 13.39 -2.11 -7.87
CA ILE A 42 13.80 -2.55 -9.19
C ILE A 42 15.23 -3.09 -9.17
N ASP A 43 15.42 -4.30 -9.69
CA ASP A 43 16.72 -4.92 -9.72
C ASP A 43 17.75 -3.99 -10.38
N SER A 44 18.98 -4.03 -9.88
CA SER A 44 20.05 -3.19 -10.42
C SER A 44 20.73 -3.87 -11.60
N LEU A 45 20.43 -5.15 -11.79
CA LEU A 45 21.01 -5.91 -12.89
C LEU A 45 20.05 -6.02 -14.06
N THR A 46 18.85 -6.55 -13.79
CA THR A 46 17.83 -6.70 -14.83
C THR A 46 17.08 -5.39 -15.05
N LYS A 47 17.27 -4.44 -14.15
CA LYS A 47 16.61 -3.15 -14.23
C LYS A 47 15.09 -3.32 -14.29
N LYS A 48 14.60 -4.36 -13.63
CA LYS A 48 13.17 -4.63 -13.60
C LYS A 48 12.72 -5.03 -12.20
N PRO A 49 11.47 -4.69 -11.85
CA PRO A 49 10.89 -5.01 -10.54
C PRO A 49 10.64 -6.49 -10.37
N LYS A 50 10.45 -6.92 -9.12
CA LYS A 50 10.19 -8.32 -8.82
C LYS A 50 8.69 -8.60 -8.79
N GLY A 51 7.89 -7.57 -9.00
CA GLY A 51 6.45 -7.73 -9.00
C GLY A 51 5.84 -7.43 -7.64
N PHE A 52 6.40 -6.46 -6.94
CA PHE A 52 5.90 -6.09 -5.61
C PHE A 52 6.29 -4.65 -5.27
N ALA A 53 5.48 -4.01 -4.43
CA ALA A 53 5.74 -2.64 -4.02
C ALA A 53 4.94 -2.27 -2.78
N PHE A 54 5.18 -1.08 -2.24
CA PHE A 54 4.50 -0.62 -1.04
C PHE A 54 3.88 0.75 -1.27
N VAL A 55 2.56 0.83 -1.16
CA VAL A 55 1.84 2.09 -1.34
C VAL A 55 1.41 2.68 -0.01
N THR A 56 1.73 3.95 0.20
CA THR A 56 1.38 4.64 1.44
C THR A 56 0.52 5.85 1.16
N PHE A 57 -0.70 5.85 1.70
CA PHE A 57 -1.63 6.95 1.51
C PHE A 57 -1.55 7.94 2.67
N MET A 58 -1.96 9.17 2.43
CA MET A 58 -1.94 10.22 3.44
C MET A 58 -3.05 9.99 4.48
N PHE A 59 -4.24 9.66 4.00
CA PHE A 59 -5.38 9.43 4.88
C PHE A 59 -5.81 7.97 4.81
N PRO A 60 -6.28 7.44 5.96
CA PRO A 60 -6.73 6.05 6.07
C PRO A 60 -8.03 5.81 5.31
N GLU A 61 -8.94 6.78 5.36
CA GLU A 61 -10.22 6.67 4.68
C GLU A 61 -10.03 6.27 3.22
N HIS A 62 -9.06 6.89 2.56
CA HIS A 62 -8.77 6.60 1.17
C HIS A 62 -8.10 5.23 1.03
N ALA A 63 -7.11 4.98 1.87
CA ALA A 63 -6.39 3.71 1.83
C ALA A 63 -7.36 2.53 1.87
N VAL A 64 -8.37 2.63 2.72
CA VAL A 64 -9.36 1.57 2.85
C VAL A 64 -10.18 1.42 1.57
N LYS A 65 -10.69 2.54 1.07
CA LYS A 65 -11.48 2.54 -0.15
C LYS A 65 -10.74 1.85 -1.29
N ALA A 66 -9.45 2.14 -1.41
CA ALA A 66 -8.63 1.55 -2.45
C ALA A 66 -8.50 0.04 -2.26
N TYR A 67 -8.18 -0.37 -1.05
CA TYR A 67 -8.02 -1.79 -0.74
C TYR A 67 -9.31 -2.55 -1.04
N ALA A 68 -10.42 -1.83 -1.11
CA ALA A 68 -11.72 -2.44 -1.40
C ALA A 68 -11.93 -2.59 -2.90
N GLU A 69 -11.47 -1.61 -3.65
CA GLU A 69 -11.61 -1.64 -5.11
C GLU A 69 -10.36 -2.25 -5.77
N VAL A 70 -9.22 -1.64 -5.51
CA VAL A 70 -7.96 -2.12 -6.07
C VAL A 70 -7.82 -3.63 -5.89
N ASP A 71 -7.87 -4.08 -4.65
CA ASP A 71 -7.76 -5.49 -4.33
C ASP A 71 -8.62 -6.33 -5.27
N GLY A 72 -7.99 -6.97 -6.24
CA GLY A 72 -8.72 -7.79 -7.19
C GLY A 72 -8.88 -7.12 -8.54
N GLN A 73 -8.10 -6.07 -8.77
CA GLN A 73 -8.17 -5.34 -10.03
C GLN A 73 -7.10 -5.83 -11.00
N VAL A 74 -7.41 -5.74 -12.30
CA VAL A 74 -6.48 -6.19 -13.33
C VAL A 74 -5.72 -5.00 -13.92
N PHE A 75 -4.39 -5.11 -13.94
CA PHE A 75 -3.54 -4.06 -14.48
C PHE A 75 -2.53 -4.62 -15.47
N GLN A 76 -2.82 -4.49 -16.76
CA GLN A 76 -1.93 -4.99 -17.79
C GLN A 76 -1.91 -6.51 -17.82
N GLY A 77 -3.00 -7.11 -17.35
CA GLY A 77 -3.10 -8.56 -17.32
C GLY A 77 -2.38 -9.17 -16.14
N ARG A 78 -2.39 -8.45 -15.02
CA ARG A 78 -1.72 -8.92 -13.81
C ARG A 78 -2.64 -8.78 -12.60
N MET A 79 -2.99 -9.90 -11.98
CA MET A 79 -3.87 -9.89 -10.82
C MET A 79 -3.17 -9.23 -9.63
N LEU A 80 -3.49 -7.97 -9.39
CA LEU A 80 -2.90 -7.22 -8.28
C LEU A 80 -3.55 -7.61 -6.95
N HIS A 81 -2.75 -8.16 -6.04
CA HIS A 81 -3.25 -8.58 -4.74
C HIS A 81 -2.89 -7.55 -3.67
N VAL A 82 -3.90 -6.83 -3.17
CA VAL A 82 -3.68 -5.82 -2.15
C VAL A 82 -4.01 -6.36 -0.76
N LEU A 83 -3.00 -6.45 0.09
CA LEU A 83 -3.19 -6.95 1.45
C LEU A 83 -3.17 -5.80 2.46
N PRO A 84 -3.99 -5.92 3.50
CA PRO A 84 -4.08 -4.91 4.56
C PRO A 84 -2.83 -4.86 5.43
N SER A 85 -2.36 -3.66 5.73
CA SER A 85 -1.17 -3.48 6.56
C SER A 85 -1.32 -2.28 7.48
N THR A 86 -0.79 -2.39 8.69
CA THR A 86 -0.86 -1.32 9.67
C THR A 86 0.38 -1.29 10.55
N ILE A 87 0.52 -0.23 11.34
CA ILE A 87 1.66 -0.07 12.23
C ILE A 87 2.11 -1.43 12.78
N LYS A 88 3.25 -1.91 12.31
CA LYS A 88 3.79 -3.18 12.77
C LYS A 88 4.89 -2.98 13.81
N LYS A 89 4.54 -2.33 14.90
CA LYS A 89 5.50 -2.06 15.98
C LYS A 89 4.82 -2.07 17.34
N GLU A 90 5.59 -2.34 18.39
CA GLU A 90 5.05 -2.38 19.74
C GLU A 90 5.85 -1.47 20.67
N ALA A 91 5.46 -0.19 20.72
CA ALA A 91 6.14 0.77 21.56
C ALA A 91 5.25 1.99 21.84
N SER A 92 5.45 2.61 23.00
CA SER A 92 4.66 3.77 23.37
C SER A 92 5.33 4.54 24.51
N GLN A 93 5.03 5.84 24.60
CA GLN A 93 5.61 6.68 25.64
C GLN A 93 4.83 6.54 26.94
N SER A 94 5.51 6.04 27.97
CA SER A 94 4.88 5.86 29.28
C SER A 94 4.67 7.20 29.97
N GLY A 95 5.65 8.08 29.86
CA GLY A 95 5.55 9.40 30.47
C GLY A 95 5.74 9.34 31.97
N PRO A 96 6.37 10.37 32.54
CA PRO A 96 6.63 10.47 33.98
C PRO A 96 5.36 10.70 34.78
N SER A 97 4.70 9.61 35.16
CA SER A 97 3.47 9.69 35.93
C SER A 97 3.60 10.70 37.07
N SER A 98 4.56 10.46 37.96
CA SER A 98 4.79 11.35 39.08
C SER A 98 5.72 12.50 38.70
N GLY A 99 5.43 13.69 39.23
CA GLY A 99 6.24 14.85 38.92
C GLY A 99 6.57 15.67 40.15
N GLY A 1 -2.87 15.32 18.94
CA GLY A 1 -2.45 14.84 20.25
C GLY A 1 -1.02 15.21 20.57
N SER A 2 -0.35 14.35 21.32
CA SER A 2 1.03 14.57 21.71
C SER A 2 1.99 14.14 20.61
N SER A 3 2.65 15.10 19.98
CA SER A 3 3.59 14.80 18.90
C SER A 3 3.10 13.62 18.06
N GLY A 4 1.81 13.63 17.74
CA GLY A 4 1.25 12.56 16.95
C GLY A 4 1.41 12.79 15.46
N SER A 5 0.92 11.84 14.66
CA SER A 5 1.02 11.96 13.21
C SER A 5 -0.37 11.91 12.57
N SER A 6 -1.17 10.93 12.98
CA SER A 6 -2.52 10.77 12.44
C SER A 6 -2.49 10.70 10.92
N GLY A 7 -1.59 9.87 10.39
CA GLY A 7 -1.48 9.72 8.95
C GLY A 7 -1.15 8.31 8.54
N SER A 8 -1.81 7.34 9.16
CA SER A 8 -1.57 5.93 8.86
C SER A 8 -2.34 5.50 7.61
N GLY A 9 -1.64 4.86 6.68
CA GLY A 9 -2.27 4.41 5.46
C GLY A 9 -1.35 3.53 4.63
N ARG A 10 -0.63 2.64 5.29
CA ARG A 10 0.29 1.73 4.60
C ARG A 10 -0.45 0.54 4.02
N LEU A 11 -0.11 0.18 2.80
CA LEU A 11 -0.75 -0.96 2.13
C LEU A 11 0.27 -1.76 1.33
N PHE A 12 0.08 -3.08 1.30
CA PHE A 12 0.99 -3.96 0.56
C PHE A 12 0.37 -4.38 -0.76
N VAL A 13 1.15 -4.27 -1.84
CA VAL A 13 0.68 -4.64 -3.18
C VAL A 13 1.72 -5.50 -3.89
N ARG A 14 1.23 -6.47 -4.66
CA ARG A 14 2.11 -7.36 -5.40
C ARG A 14 1.48 -7.75 -6.75
N ASN A 15 2.27 -8.41 -7.59
CA ASN A 15 1.80 -8.84 -8.91
C ASN A 15 1.73 -7.65 -9.87
N LEU A 16 2.82 -6.90 -9.93
CA LEU A 16 2.89 -5.73 -10.81
C LEU A 16 3.47 -6.11 -12.17
N SER A 17 3.07 -5.38 -13.20
CA SER A 17 3.55 -5.64 -14.56
C SER A 17 4.89 -4.95 -14.80
N TYR A 18 5.92 -5.75 -15.02
CA TYR A 18 7.26 -5.23 -15.24
C TYR A 18 7.21 -4.02 -16.18
N THR A 19 6.43 -4.15 -17.25
CA THR A 19 6.29 -3.07 -18.23
C THR A 19 5.84 -1.78 -17.55
N SER A 20 4.98 -1.90 -16.55
CA SER A 20 4.47 -0.74 -15.83
C SER A 20 5.61 0.05 -15.20
N SER A 21 5.43 1.36 -15.08
CA SER A 21 6.44 2.23 -14.50
C SER A 21 5.93 2.87 -13.22
N GLU A 22 6.86 3.27 -12.35
CA GLU A 22 6.49 3.90 -11.09
C GLU A 22 5.35 4.89 -11.28
N GLU A 23 5.44 5.69 -12.34
CA GLU A 23 4.41 6.69 -12.63
C GLU A 23 3.04 6.01 -12.75
N ASP A 24 2.96 5.00 -13.61
CA ASP A 24 1.71 4.28 -13.82
C ASP A 24 1.03 3.96 -12.49
N LEU A 25 1.80 3.45 -11.54
CA LEU A 25 1.28 3.09 -10.24
C LEU A 25 0.72 4.32 -9.51
N GLU A 26 1.52 5.38 -9.46
CA GLU A 26 1.11 6.62 -8.81
C GLU A 26 -0.27 7.05 -9.29
N LYS A 27 -0.41 7.20 -10.61
CA LYS A 27 -1.68 7.61 -11.21
C LYS A 27 -2.78 6.64 -10.84
N LEU A 28 -2.52 5.35 -11.01
CA LEU A 28 -3.50 4.32 -10.70
C LEU A 28 -4.10 4.54 -9.32
N PHE A 29 -3.27 4.43 -8.29
CA PHE A 29 -3.71 4.61 -6.92
C PHE A 29 -4.14 6.06 -6.67
N SER A 30 -3.21 6.99 -6.89
CA SER A 30 -3.48 8.41 -6.69
C SER A 30 -4.92 8.75 -7.08
N ALA A 31 -5.36 8.21 -8.21
CA ALA A 31 -6.72 8.45 -8.68
C ALA A 31 -7.72 8.43 -7.53
N TYR A 32 -7.64 7.39 -6.70
CA TYR A 32 -8.54 7.27 -5.57
C TYR A 32 -8.36 8.41 -4.58
N GLY A 33 -7.10 8.72 -4.27
CA GLY A 33 -6.81 9.80 -3.35
C GLY A 33 -5.35 10.20 -3.37
N PRO A 34 -5.00 11.24 -2.59
CA PRO A 34 -3.63 11.74 -2.50
C PRO A 34 -2.70 10.76 -1.78
N LEU A 35 -1.58 10.45 -2.41
CA LEU A 35 -0.61 9.52 -1.83
C LEU A 35 0.40 10.28 -0.96
N SER A 36 1.11 9.53 -0.12
CA SER A 36 2.11 10.12 0.76
C SER A 36 3.52 9.69 0.36
N GLU A 37 3.69 8.39 0.17
CA GLU A 37 4.99 7.84 -0.21
C GLU A 37 4.82 6.56 -1.02
N LEU A 38 5.71 6.35 -1.99
CA LEU A 38 5.66 5.16 -2.83
C LEU A 38 6.98 4.39 -2.77
N HIS A 39 6.90 3.07 -2.92
CA HIS A 39 8.07 2.22 -2.88
C HIS A 39 8.07 1.24 -4.05
N TYR A 40 8.87 1.54 -5.06
CA TYR A 40 8.95 0.68 -6.24
C TYR A 40 10.35 0.11 -6.39
N PRO A 41 10.56 -1.11 -5.86
CA PRO A 41 11.85 -1.80 -5.92
C PRO A 41 12.20 -2.24 -7.34
N ILE A 42 13.49 -2.26 -7.65
CA ILE A 42 13.95 -2.67 -8.96
C ILE A 42 15.28 -3.43 -8.88
N ASP A 43 15.42 -4.46 -9.70
CA ASP A 43 16.63 -5.27 -9.72
C ASP A 43 17.81 -4.47 -10.29
N SER A 44 18.99 -4.75 -9.79
CA SER A 44 20.20 -4.06 -10.25
C SER A 44 20.78 -4.73 -11.49
N LEU A 45 20.23 -5.90 -11.81
CA LEU A 45 20.69 -6.66 -12.97
C LEU A 45 19.68 -6.59 -14.11
N THR A 46 18.44 -6.97 -13.81
CA THR A 46 17.38 -6.94 -14.81
C THR A 46 16.77 -5.55 -14.93
N LYS A 47 17.15 -4.66 -14.02
CA LYS A 47 16.64 -3.29 -14.02
C LYS A 47 15.12 -3.27 -14.07
N LYS A 48 14.51 -4.30 -13.49
CA LYS A 48 13.05 -4.40 -13.46
C LYS A 48 12.57 -4.85 -12.07
N PRO A 49 11.32 -4.51 -11.75
CA PRO A 49 10.71 -4.87 -10.46
C PRO A 49 10.43 -6.36 -10.35
N LYS A 50 10.49 -6.88 -9.12
CA LYS A 50 10.25 -8.29 -8.88
C LYS A 50 8.76 -8.60 -8.85
N GLY A 51 7.96 -7.56 -8.62
CA GLY A 51 6.51 -7.73 -8.57
C GLY A 51 5.94 -7.44 -7.20
N PHE A 52 6.41 -6.36 -6.58
CA PHE A 52 5.94 -5.98 -5.25
C PHE A 52 6.29 -4.53 -4.95
N ALA A 53 5.45 -3.88 -4.16
CA ALA A 53 5.67 -2.48 -3.78
C ALA A 53 4.84 -2.10 -2.56
N PHE A 54 5.20 -0.98 -1.94
CA PHE A 54 4.49 -0.50 -0.76
C PHE A 54 3.96 0.91 -0.97
N VAL A 55 2.64 1.05 -0.98
CA VAL A 55 2.00 2.34 -1.17
C VAL A 55 1.44 2.88 0.14
N THR A 56 1.68 4.17 0.40
CA THR A 56 1.21 4.80 1.62
C THR A 56 0.36 6.03 1.30
N PHE A 57 -0.96 5.88 1.45
CA PHE A 57 -1.87 6.99 1.18
C PHE A 57 -1.78 8.06 2.25
N MET A 58 -2.13 9.29 1.90
CA MET A 58 -2.08 10.41 2.83
C MET A 58 -3.06 10.21 3.97
N PHE A 59 -4.31 9.87 3.62
CA PHE A 59 -5.34 9.65 4.62
C PHE A 59 -5.73 8.17 4.70
N PRO A 60 -6.11 7.73 5.90
CA PRO A 60 -6.51 6.33 6.13
C PRO A 60 -7.83 5.98 5.48
N GLU A 61 -8.77 6.94 5.52
CA GLU A 61 -10.09 6.73 4.93
C GLU A 61 -9.98 6.44 3.43
N HIS A 62 -8.89 6.91 2.83
CA HIS A 62 -8.67 6.70 1.40
C HIS A 62 -8.08 5.33 1.14
N ALA A 63 -7.09 4.96 1.94
CA ALA A 63 -6.43 3.66 1.79
C ALA A 63 -7.46 2.53 1.76
N VAL A 64 -8.50 2.65 2.58
CA VAL A 64 -9.54 1.65 2.65
C VAL A 64 -10.31 1.56 1.33
N LYS A 65 -10.90 2.67 0.91
CA LYS A 65 -11.66 2.72 -0.34
C LYS A 65 -10.90 2.03 -1.46
N ALA A 66 -9.60 2.30 -1.53
CA ALA A 66 -8.75 1.71 -2.56
C ALA A 66 -8.52 0.22 -2.29
N TYR A 67 -8.14 -0.11 -1.06
CA TYR A 67 -7.89 -1.48 -0.68
C TYR A 67 -9.10 -2.37 -0.99
N ALA A 68 -10.27 -1.75 -1.09
CA ALA A 68 -11.49 -2.47 -1.38
C ALA A 68 -11.63 -2.72 -2.88
N GLU A 69 -11.31 -1.70 -3.68
CA GLU A 69 -11.41 -1.81 -5.12
C GLU A 69 -10.15 -2.44 -5.71
N VAL A 70 -9.01 -1.83 -5.45
CA VAL A 70 -7.74 -2.32 -5.96
C VAL A 70 -7.63 -3.83 -5.77
N ASP A 71 -7.81 -4.28 -4.53
CA ASP A 71 -7.73 -5.71 -4.22
C ASP A 71 -8.52 -6.53 -5.23
N GLY A 72 -7.80 -7.12 -6.18
CA GLY A 72 -8.45 -7.93 -7.20
C GLY A 72 -8.67 -7.17 -8.50
N GLN A 73 -7.78 -6.21 -8.77
CA GLN A 73 -7.88 -5.41 -9.98
C GLN A 73 -6.85 -5.84 -11.01
N VAL A 74 -7.21 -5.75 -12.28
CA VAL A 74 -6.31 -6.13 -13.36
C VAL A 74 -5.59 -4.91 -13.94
N PHE A 75 -4.27 -5.02 -14.06
CA PHE A 75 -3.47 -3.92 -14.60
C PHE A 75 -2.47 -4.43 -15.64
N GLN A 76 -2.76 -4.15 -16.90
CA GLN A 76 -1.89 -4.59 -18.00
C GLN A 76 -1.80 -6.10 -18.05
N GLY A 77 -2.85 -6.78 -17.58
CA GLY A 77 -2.88 -8.23 -17.58
C GLY A 77 -2.18 -8.82 -16.37
N ARG A 78 -2.24 -8.10 -15.25
CA ARG A 78 -1.61 -8.56 -14.01
C ARG A 78 -2.56 -8.41 -12.84
N MET A 79 -2.99 -9.54 -12.28
CA MET A 79 -3.90 -9.54 -11.14
C MET A 79 -3.21 -9.00 -9.90
N LEU A 80 -3.40 -7.71 -9.63
CA LEU A 80 -2.80 -7.07 -8.46
C LEU A 80 -3.47 -7.56 -7.18
N HIS A 81 -2.65 -7.81 -6.16
CA HIS A 81 -3.16 -8.27 -4.88
C HIS A 81 -2.85 -7.26 -3.77
N VAL A 82 -3.87 -6.90 -2.99
CA VAL A 82 -3.71 -5.95 -1.91
C VAL A 82 -4.10 -6.57 -0.57
N LEU A 83 -3.24 -6.36 0.43
CA LEU A 83 -3.50 -6.90 1.77
C LEU A 83 -3.21 -5.86 2.84
N PRO A 84 -4.02 -5.87 3.91
CA PRO A 84 -3.87 -4.93 5.02
C PRO A 84 -2.62 -5.20 5.85
N SER A 85 -1.81 -4.17 6.05
CA SER A 85 -0.57 -4.32 6.82
C SER A 85 -0.61 -3.41 8.05
N THR A 86 0.05 -3.86 9.13
CA THR A 86 0.09 -3.10 10.36
C THR A 86 1.50 -3.10 10.96
N ILE A 87 1.74 -2.19 11.89
CA ILE A 87 3.04 -2.09 12.54
C ILE A 87 3.18 -3.11 13.66
N LYS A 88 4.19 -3.98 13.55
CA LYS A 88 4.42 -5.01 14.56
C LYS A 88 5.34 -4.48 15.66
N LYS A 89 5.15 -5.00 16.87
CA LYS A 89 5.95 -4.58 18.02
C LYS A 89 6.45 -5.80 18.79
N GLU A 90 7.76 -6.01 18.76
CA GLU A 90 8.37 -7.14 19.47
C GLU A 90 9.28 -6.65 20.59
N ALA A 91 8.88 -6.90 21.82
CA ALA A 91 9.67 -6.50 22.97
C ALA A 91 9.21 -7.22 24.24
N SER A 92 10.10 -7.31 25.22
CA SER A 92 9.79 -7.99 26.48
C SER A 92 9.85 -7.01 27.66
N GLN A 93 8.73 -6.36 27.94
CA GLN A 93 8.66 -5.41 29.03
C GLN A 93 7.78 -5.94 30.16
N SER A 94 8.23 -5.74 31.39
CA SER A 94 7.50 -6.21 32.56
C SER A 94 7.79 -5.33 33.77
N GLY A 95 6.77 -5.10 34.59
CA GLY A 95 6.94 -4.27 35.78
C GLY A 95 7.58 -5.03 36.92
N PRO A 96 8.40 -4.33 37.72
CA PRO A 96 9.09 -4.91 38.87
C PRO A 96 8.14 -5.28 40.00
N SER A 97 7.19 -4.38 40.29
CA SER A 97 6.23 -4.61 41.34
C SER A 97 4.83 -4.21 40.90
N SER A 98 3.82 -4.84 41.49
CA SER A 98 2.43 -4.55 41.15
C SER A 98 1.85 -3.49 42.08
N GLY A 99 1.37 -2.40 41.50
CA GLY A 99 0.79 -1.32 42.29
C GLY A 99 1.53 -0.01 42.12
N GLY A 1 -11.08 -0.08 17.26
CA GLY A 1 -10.98 0.81 18.40
C GLY A 1 -9.61 0.80 19.03
N SER A 2 -8.71 1.63 18.50
CA SER A 2 -7.34 1.70 19.01
C SER A 2 -7.09 3.05 19.69
N SER A 3 -6.64 2.98 20.94
CA SER A 3 -6.36 4.20 21.71
C SER A 3 -4.95 4.72 21.42
N GLY A 4 -4.79 6.04 21.46
CA GLY A 4 -3.49 6.64 21.21
C GLY A 4 -3.38 7.20 19.80
N SER A 5 -2.25 6.97 19.15
CA SER A 5 -2.02 7.47 17.81
C SER A 5 -2.58 6.49 16.77
N SER A 6 -3.58 6.94 16.02
CA SER A 6 -4.20 6.11 15.00
C SER A 6 -4.18 6.80 13.64
N GLY A 7 -3.73 6.08 12.63
CA GLY A 7 -3.66 6.64 11.29
C GLY A 7 -2.61 5.97 10.43
N SER A 8 -2.86 4.71 10.06
CA SER A 8 -1.93 3.95 9.24
C SER A 8 -2.45 3.82 7.81
N GLY A 9 -1.86 4.57 6.89
CA GLY A 9 -2.28 4.52 5.51
C GLY A 9 -1.35 3.68 4.66
N ARG A 10 -0.79 2.63 5.25
CA ARG A 10 0.13 1.75 4.54
C ARG A 10 -0.61 0.57 3.94
N LEU A 11 -0.30 0.24 2.69
CA LEU A 11 -0.94 -0.87 2.00
C LEU A 11 0.08 -1.69 1.21
N PHE A 12 -0.03 -3.01 1.30
CA PHE A 12 0.88 -3.91 0.60
C PHE A 12 0.29 -4.34 -0.75
N VAL A 13 1.09 -4.19 -1.80
CA VAL A 13 0.64 -4.57 -3.14
C VAL A 13 1.68 -5.45 -3.84
N ARG A 14 1.22 -6.54 -4.44
CA ARG A 14 2.10 -7.46 -5.13
C ARG A 14 1.55 -7.82 -6.51
N ASN A 15 2.32 -8.57 -7.28
CA ASN A 15 1.91 -8.99 -8.61
C ASN A 15 1.95 -7.81 -9.58
N LEU A 16 3.05 -7.07 -9.55
CA LEU A 16 3.22 -5.91 -10.43
C LEU A 16 3.76 -6.34 -11.79
N SER A 17 3.27 -5.69 -12.84
CA SER A 17 3.70 -6.00 -14.20
C SER A 17 5.03 -5.32 -14.52
N TYR A 18 5.97 -6.09 -15.05
CA TYR A 18 7.29 -5.54 -15.39
C TYR A 18 7.17 -4.47 -16.47
N THR A 19 6.04 -4.47 -17.18
CA THR A 19 5.81 -3.50 -18.23
C THR A 19 5.30 -2.18 -17.67
N SER A 20 4.94 -2.19 -16.39
CA SER A 20 4.44 -0.99 -15.72
C SER A 20 5.59 -0.12 -15.24
N SER A 21 5.32 1.17 -15.10
CA SER A 21 6.34 2.12 -14.65
C SER A 21 5.91 2.79 -13.34
N GLU A 22 6.89 3.24 -12.57
CA GLU A 22 6.63 3.90 -11.30
C GLU A 22 5.60 5.02 -11.47
N GLU A 23 5.71 5.73 -12.60
CA GLU A 23 4.79 6.83 -12.88
C GLU A 23 3.35 6.34 -12.98
N ASP A 24 3.17 5.21 -13.65
CA ASP A 24 1.84 4.62 -13.81
C ASP A 24 1.22 4.30 -12.46
N LEU A 25 2.02 3.71 -11.57
CA LEU A 25 1.54 3.34 -10.24
C LEU A 25 1.04 4.57 -9.49
N GLU A 26 1.87 5.60 -9.43
CA GLU A 26 1.51 6.84 -8.74
C GLU A 26 0.09 7.28 -9.12
N LYS A 27 -0.14 7.45 -10.41
CA LYS A 27 -1.45 7.86 -10.91
C LYS A 27 -2.52 6.85 -10.52
N LEU A 28 -2.27 5.58 -10.84
CA LEU A 28 -3.22 4.52 -10.53
C LEU A 28 -3.83 4.72 -9.15
N PHE A 29 -3.01 4.58 -8.11
CA PHE A 29 -3.47 4.75 -6.75
C PHE A 29 -3.91 6.19 -6.49
N SER A 30 -3.05 7.13 -6.87
CA SER A 30 -3.34 8.55 -6.69
C SER A 30 -4.82 8.84 -6.94
N ALA A 31 -5.34 8.31 -8.05
CA ALA A 31 -6.74 8.51 -8.40
C ALA A 31 -7.64 8.39 -7.17
N TYR A 32 -7.39 7.36 -6.36
CA TYR A 32 -8.18 7.13 -5.16
C TYR A 32 -8.00 8.27 -4.16
N GLY A 33 -6.74 8.65 -3.94
CA GLY A 33 -6.45 9.73 -3.00
C GLY A 33 -5.01 10.19 -3.09
N PRO A 34 -4.66 11.22 -2.30
CA PRO A 34 -3.31 11.78 -2.27
C PRO A 34 -2.30 10.83 -1.65
N LEU A 35 -1.36 10.35 -2.47
CA LEU A 35 -0.34 9.43 -1.99
C LEU A 35 0.66 10.15 -1.09
N SER A 36 1.09 9.47 -0.02
CA SER A 36 2.03 10.05 0.92
C SER A 36 3.46 9.63 0.57
N GLU A 37 3.60 8.43 0.02
CA GLU A 37 4.92 7.91 -0.36
C GLU A 37 4.78 6.62 -1.17
N LEU A 38 5.67 6.47 -2.14
CA LEU A 38 5.65 5.28 -3.00
C LEU A 38 6.99 4.55 -2.96
N HIS A 39 6.95 3.22 -3.07
CA HIS A 39 8.16 2.42 -3.05
C HIS A 39 8.15 1.39 -4.17
N TYR A 40 8.87 1.68 -5.25
CA TYR A 40 8.94 0.78 -6.39
C TYR A 40 10.35 0.23 -6.57
N PRO A 41 10.60 -0.95 -5.98
CA PRO A 41 11.90 -1.61 -6.07
C PRO A 41 12.20 -2.13 -7.46
N ILE A 42 13.47 -2.03 -7.86
CA ILE A 42 13.89 -2.49 -9.18
C ILE A 42 15.29 -3.10 -9.14
N ASP A 43 15.43 -4.28 -9.72
CA ASP A 43 16.71 -4.97 -9.74
C ASP A 43 17.78 -4.11 -10.43
N SER A 44 19.02 -4.25 -9.98
CA SER A 44 20.12 -3.48 -10.55
C SER A 44 20.79 -4.25 -11.69
N LEU A 45 20.36 -5.49 -11.89
CA LEU A 45 20.90 -6.33 -12.95
C LEU A 45 19.91 -6.48 -14.10
N THR A 46 18.67 -6.79 -13.77
CA THR A 46 17.62 -6.96 -14.77
C THR A 46 16.88 -5.64 -15.01
N LYS A 47 17.15 -4.65 -14.18
CA LYS A 47 16.51 -3.34 -14.30
C LYS A 47 15.00 -3.48 -14.35
N LYS A 48 14.49 -4.57 -13.77
CA LYS A 48 13.05 -4.82 -13.75
C LYS A 48 12.58 -5.15 -12.33
N PRO A 49 11.35 -4.75 -12.01
CA PRO A 49 10.75 -4.98 -10.70
C PRO A 49 10.43 -6.46 -10.46
N LYS A 50 10.53 -6.88 -9.21
CA LYS A 50 10.26 -8.27 -8.85
C LYS A 50 8.75 -8.54 -8.85
N GLY A 51 7.97 -7.49 -9.06
CA GLY A 51 6.52 -7.63 -9.08
C GLY A 51 5.91 -7.38 -7.72
N PHE A 52 6.39 -6.36 -7.03
CA PHE A 52 5.89 -6.01 -5.70
C PHE A 52 6.23 -4.57 -5.35
N ALA A 53 5.40 -3.96 -4.50
CA ALA A 53 5.63 -2.58 -4.09
C ALA A 53 4.82 -2.26 -2.83
N PHE A 54 5.06 -1.08 -2.27
CA PHE A 54 4.36 -0.65 -1.06
C PHE A 54 3.91 0.81 -1.19
N VAL A 55 2.60 1.02 -1.15
CA VAL A 55 2.05 2.37 -1.26
C VAL A 55 1.51 2.84 0.08
N THR A 56 1.73 4.12 0.38
CA THR A 56 1.26 4.70 1.63
C THR A 56 0.41 5.93 1.38
N PHE A 57 -0.91 5.79 1.57
CA PHE A 57 -1.84 6.88 1.36
C PHE A 57 -1.73 7.90 2.49
N MET A 58 -2.02 9.16 2.18
CA MET A 58 -1.96 10.23 3.16
C MET A 58 -3.07 10.06 4.21
N PHE A 59 -4.26 9.72 3.75
CA PHE A 59 -5.41 9.53 4.64
C PHE A 59 -5.81 8.05 4.70
N PRO A 60 -6.24 7.61 5.88
CA PRO A 60 -6.68 6.22 6.09
C PRO A 60 -7.99 5.91 5.39
N GLU A 61 -8.95 6.83 5.49
CA GLU A 61 -10.24 6.65 4.85
C GLU A 61 -10.09 6.38 3.36
N HIS A 62 -8.98 6.84 2.79
CA HIS A 62 -8.72 6.66 1.37
C HIS A 62 -8.06 5.30 1.11
N ALA A 63 -7.32 4.83 2.10
CA ALA A 63 -6.63 3.55 1.98
C ALA A 63 -7.62 2.39 1.92
N VAL A 64 -8.73 2.53 2.64
CA VAL A 64 -9.77 1.50 2.66
C VAL A 64 -10.40 1.34 1.29
N LYS A 65 -10.89 2.44 0.73
CA LYS A 65 -11.52 2.42 -0.58
C LYS A 65 -10.62 1.77 -1.62
N ALA A 66 -9.32 2.05 -1.52
CA ALA A 66 -8.35 1.48 -2.44
C ALA A 66 -8.22 -0.03 -2.25
N TYR A 67 -8.10 -0.45 -1.00
CA TYR A 67 -7.95 -1.86 -0.68
C TYR A 67 -9.26 -2.61 -0.96
N ALA A 68 -10.36 -1.87 -1.01
CA ALA A 68 -11.66 -2.46 -1.29
C ALA A 68 -11.95 -2.53 -2.78
N GLU A 69 -11.31 -1.64 -3.54
CA GLU A 69 -11.49 -1.59 -4.98
C GLU A 69 -10.33 -2.27 -5.70
N VAL A 70 -9.12 -1.79 -5.44
CA VAL A 70 -7.93 -2.35 -6.07
C VAL A 70 -7.88 -3.87 -5.89
N ASP A 71 -7.95 -4.32 -4.65
CA ASP A 71 -7.91 -5.75 -4.35
C ASP A 71 -8.81 -6.52 -5.30
N GLY A 72 -8.22 -7.08 -6.35
CA GLY A 72 -8.98 -7.84 -7.32
C GLY A 72 -9.17 -7.09 -8.63
N GLN A 73 -8.18 -6.27 -8.98
CA GLN A 73 -8.24 -5.50 -10.21
C GLN A 73 -7.09 -5.87 -11.14
N VAL A 74 -7.40 -6.03 -12.43
CA VAL A 74 -6.39 -6.39 -13.42
C VAL A 74 -5.69 -5.14 -13.96
N PHE A 75 -4.36 -5.14 -13.84
CA PHE A 75 -3.56 -4.01 -14.31
C PHE A 75 -2.50 -4.47 -15.31
N GLN A 76 -2.74 -4.21 -16.58
CA GLN A 76 -1.80 -4.61 -17.63
C GLN A 76 -1.67 -6.12 -17.70
N GLY A 77 -2.75 -6.82 -17.36
CA GLY A 77 -2.73 -8.28 -17.40
C GLY A 77 -2.04 -8.88 -16.18
N ARG A 78 -2.05 -8.14 -15.08
CA ARG A 78 -1.41 -8.61 -13.85
C ARG A 78 -2.38 -8.52 -12.67
N MET A 79 -2.73 -9.67 -12.11
CA MET A 79 -3.64 -9.71 -10.97
C MET A 79 -3.05 -9.02 -9.76
N LEU A 80 -3.45 -7.76 -9.54
CA LEU A 80 -2.94 -6.99 -8.41
C LEU A 80 -3.56 -7.47 -7.10
N HIS A 81 -2.70 -7.85 -6.16
CA HIS A 81 -3.16 -8.32 -4.86
C HIS A 81 -2.85 -7.30 -3.76
N VAL A 82 -3.88 -6.91 -3.02
CA VAL A 82 -3.72 -5.94 -1.95
C VAL A 82 -4.07 -6.56 -0.60
N LEU A 83 -3.23 -6.27 0.39
CA LEU A 83 -3.44 -6.80 1.75
C LEU A 83 -3.26 -5.71 2.79
N PRO A 84 -4.14 -5.70 3.80
CA PRO A 84 -4.09 -4.72 4.89
C PRO A 84 -2.89 -4.94 5.80
N SER A 85 -2.10 -3.89 6.00
CA SER A 85 -0.92 -3.96 6.86
C SER A 85 -0.95 -2.87 7.92
N THR A 86 -1.04 -3.28 9.18
CA THR A 86 -1.08 -2.34 10.29
C THR A 86 -0.06 -2.72 11.36
N ILE A 87 0.13 -1.82 12.33
CA ILE A 87 1.08 -2.07 13.41
C ILE A 87 0.38 -2.70 14.61
N LYS A 88 0.85 -3.88 15.00
CA LYS A 88 0.28 -4.61 16.13
C LYS A 88 0.98 -4.22 17.43
N LYS A 89 0.46 -3.20 18.11
CA LYS A 89 1.04 -2.74 19.37
C LYS A 89 -0.03 -2.15 20.27
N GLU A 90 0.09 -2.41 21.57
CA GLU A 90 -0.88 -1.90 22.55
C GLU A 90 -2.30 -2.08 22.04
N ALA A 91 -2.59 -3.25 21.48
CA ALA A 91 -3.92 -3.54 20.95
C ALA A 91 -4.76 -4.30 21.98
N SER A 92 -4.16 -5.30 22.60
CA SER A 92 -4.85 -6.11 23.61
C SER A 92 -4.89 -5.39 24.95
N GLN A 93 -5.68 -5.92 25.86
CA GLN A 93 -5.82 -5.33 27.19
C GLN A 93 -6.44 -6.31 28.18
N SER A 94 -5.98 -6.27 29.42
CA SER A 94 -6.49 -7.17 30.45
C SER A 94 -6.09 -6.67 31.84
N GLY A 95 -6.82 -7.13 32.86
CA GLY A 95 -6.53 -6.74 34.22
C GLY A 95 -6.03 -5.31 34.31
N PRO A 96 -4.69 -5.15 34.35
CA PRO A 96 -4.05 -3.83 34.44
C PRO A 96 -4.20 -3.03 33.16
N SER A 97 -3.78 -1.77 33.20
CA SER A 97 -3.87 -0.89 32.04
C SER A 97 -2.99 0.34 32.21
N SER A 98 -2.70 1.02 31.11
CA SER A 98 -1.87 2.21 31.14
C SER A 98 -2.53 3.36 30.39
N GLY A 99 -3.06 3.06 29.20
CA GLY A 99 -3.71 4.06 28.40
C GLY A 99 -2.73 4.89 27.58
N GLY A 1 -11.26 -0.42 24.65
CA GLY A 1 -10.30 0.66 24.69
C GLY A 1 -10.60 1.74 23.67
N SER A 2 -9.65 2.65 23.46
CA SER A 2 -9.82 3.74 22.51
C SER A 2 -10.23 3.21 21.15
N SER A 3 -11.43 3.59 20.70
CA SER A 3 -11.95 3.14 19.41
C SER A 3 -11.43 4.04 18.29
N GLY A 4 -11.60 3.58 17.05
CA GLY A 4 -11.15 4.35 15.90
C GLY A 4 -9.69 4.75 16.02
N SER A 5 -8.79 3.84 15.68
CA SER A 5 -7.37 4.11 15.76
C SER A 5 -6.75 4.18 14.36
N SER A 6 -6.64 5.39 13.83
CA SER A 6 -6.08 5.59 12.50
C SER A 6 -4.82 6.45 12.57
N GLY A 7 -4.01 6.38 11.52
CA GLY A 7 -2.78 7.15 11.48
C GLY A 7 -1.94 6.84 10.26
N SER A 8 -1.65 5.56 10.06
CA SER A 8 -0.84 5.13 8.93
C SER A 8 -1.69 4.37 7.90
N GLY A 9 -1.63 4.81 6.65
CA GLY A 9 -2.40 4.16 5.61
C GLY A 9 -1.53 3.36 4.65
N ARG A 10 -0.58 2.60 5.22
CA ARG A 10 0.31 1.78 4.42
C ARG A 10 -0.37 0.49 3.98
N LEU A 11 -0.20 0.14 2.71
CA LEU A 11 -0.80 -1.06 2.16
C LEU A 11 0.21 -1.86 1.34
N PHE A 12 0.10 -3.18 1.39
CA PHE A 12 1.01 -4.05 0.65
C PHE A 12 0.41 -4.42 -0.71
N VAL A 13 1.21 -4.29 -1.76
CA VAL A 13 0.77 -4.61 -3.11
C VAL A 13 1.81 -5.45 -3.84
N ARG A 14 1.34 -6.34 -4.71
CA ARG A 14 2.23 -7.20 -5.47
C ARG A 14 1.62 -7.53 -6.83
N ASN A 15 2.36 -8.32 -7.63
CA ASN A 15 1.90 -8.70 -8.96
C ASN A 15 1.79 -7.49 -9.87
N LEU A 16 2.87 -6.73 -9.97
CA LEU A 16 2.91 -5.54 -10.81
C LEU A 16 3.60 -5.84 -12.13
N SER A 17 2.86 -5.69 -13.23
CA SER A 17 3.40 -5.94 -14.56
C SER A 17 4.71 -5.18 -14.76
N TYR A 18 5.75 -5.90 -15.15
CA TYR A 18 7.06 -5.28 -15.38
C TYR A 18 6.96 -4.14 -16.38
N THR A 19 5.99 -4.25 -17.29
CA THR A 19 5.79 -3.23 -18.31
C THR A 19 5.37 -1.90 -17.68
N SER A 20 4.91 -1.96 -16.44
CA SER A 20 4.47 -0.76 -15.72
C SER A 20 5.65 -0.06 -15.07
N SER A 21 5.54 1.25 -14.88
CA SER A 21 6.59 2.04 -14.26
C SER A 21 6.08 2.75 -13.02
N GLU A 22 7.01 3.20 -12.18
CA GLU A 22 6.66 3.89 -10.94
C GLU A 22 5.59 4.96 -11.21
N GLU A 23 5.65 5.56 -12.40
CA GLU A 23 4.69 6.59 -12.77
C GLU A 23 3.28 6.03 -12.84
N ASP A 24 3.08 5.05 -13.71
CA ASP A 24 1.78 4.42 -13.88
C ASP A 24 1.13 4.14 -12.53
N LEU A 25 1.90 3.52 -11.63
CA LEU A 25 1.40 3.20 -10.29
C LEU A 25 0.86 4.44 -9.60
N GLU A 26 1.73 5.41 -9.34
CA GLU A 26 1.33 6.64 -8.69
C GLU A 26 -0.05 7.08 -9.13
N LYS A 27 -0.23 7.20 -10.45
CA LYS A 27 -1.51 7.61 -11.01
C LYS A 27 -2.62 6.64 -10.61
N LEU A 28 -2.42 5.37 -10.95
CA LEU A 28 -3.41 4.33 -10.63
C LEU A 28 -4.02 4.58 -9.26
N PHE A 29 -3.20 4.46 -8.22
CA PHE A 29 -3.67 4.66 -6.85
C PHE A 29 -4.07 6.12 -6.63
N SER A 30 -3.14 7.04 -6.85
CA SER A 30 -3.40 8.46 -6.68
C SER A 30 -4.83 8.80 -7.09
N ALA A 31 -5.33 8.12 -8.11
CA ALA A 31 -6.68 8.35 -8.60
C ALA A 31 -7.68 8.34 -7.45
N TYR A 32 -7.61 7.31 -6.62
CA TYR A 32 -8.52 7.18 -5.48
C TYR A 32 -8.35 8.35 -4.52
N GLY A 33 -7.11 8.78 -4.32
CA GLY A 33 -6.85 9.89 -3.42
C GLY A 33 -5.39 10.31 -3.43
N PRO A 34 -5.05 11.33 -2.64
CA PRO A 34 -3.69 11.85 -2.54
C PRO A 34 -2.75 10.87 -1.83
N LEU A 35 -1.63 10.57 -2.48
CA LEU A 35 -0.65 9.65 -1.91
C LEU A 35 0.33 10.38 -1.00
N SER A 36 1.07 9.62 -0.20
CA SER A 36 2.04 10.20 0.72
C SER A 36 3.46 9.74 0.38
N GLU A 37 3.60 8.46 0.07
CA GLU A 37 4.90 7.89 -0.28
C GLU A 37 4.73 6.62 -1.10
N LEU A 38 5.67 6.40 -2.02
CA LEU A 38 5.63 5.21 -2.87
C LEU A 38 6.97 4.47 -2.84
N HIS A 39 6.90 3.15 -2.96
CA HIS A 39 8.10 2.32 -2.94
C HIS A 39 8.09 1.32 -4.09
N TYR A 40 8.88 1.60 -5.12
CA TYR A 40 8.96 0.72 -6.29
C TYR A 40 10.37 0.16 -6.44
N PRO A 41 10.58 -1.04 -5.88
CA PRO A 41 11.88 -1.73 -5.94
C PRO A 41 12.20 -2.23 -7.35
N ILE A 42 13.47 -2.10 -7.73
CA ILE A 42 13.91 -2.54 -9.05
C ILE A 42 15.26 -3.24 -8.98
N ASP A 43 15.33 -4.44 -9.54
CA ASP A 43 16.56 -5.22 -9.52
C ASP A 43 17.68 -4.47 -10.24
N SER A 44 18.82 -4.35 -9.58
CA SER A 44 19.97 -3.64 -10.14
C SER A 44 20.67 -4.50 -11.18
N LEU A 45 20.11 -5.68 -11.44
CA LEU A 45 20.69 -6.60 -12.42
C LEU A 45 19.87 -6.61 -13.70
N THR A 46 18.58 -6.90 -13.57
CA THR A 46 17.68 -6.94 -14.72
C THR A 46 17.05 -5.58 -14.97
N LYS A 47 17.16 -4.69 -14.00
CA LYS A 47 16.60 -3.35 -14.11
C LYS A 47 15.07 -3.40 -14.19
N LYS A 48 14.49 -4.43 -13.57
CA LYS A 48 13.04 -4.59 -13.57
C LYS A 48 12.55 -5.02 -12.20
N PRO A 49 11.33 -4.59 -11.84
CA PRO A 49 10.72 -4.93 -10.56
C PRO A 49 10.33 -6.40 -10.46
N LYS A 50 10.61 -7.01 -9.31
CA LYS A 50 10.30 -8.41 -9.10
C LYS A 50 8.79 -8.63 -9.08
N GLY A 51 8.05 -7.62 -8.64
CA GLY A 51 6.60 -7.72 -8.59
C GLY A 51 6.06 -7.42 -7.20
N PHE A 52 6.53 -6.33 -6.60
CA PHE A 52 6.09 -5.93 -5.27
C PHE A 52 6.46 -4.48 -4.99
N ALA A 53 5.61 -3.80 -4.22
CA ALA A 53 5.84 -2.40 -3.87
C ALA A 53 5.01 -1.99 -2.67
N PHE A 54 5.44 -0.94 -1.98
CA PHE A 54 4.73 -0.44 -0.82
C PHE A 54 4.10 0.92 -1.09
N VAL A 55 2.78 0.99 -1.00
CA VAL A 55 2.05 2.23 -1.25
C VAL A 55 1.58 2.86 0.06
N THR A 56 1.88 4.14 0.23
CA THR A 56 1.49 4.86 1.44
C THR A 56 0.54 6.01 1.11
N PHE A 57 -0.73 5.84 1.49
CA PHE A 57 -1.74 6.85 1.24
C PHE A 57 -1.67 7.96 2.28
N MET A 58 -2.04 9.17 1.88
CA MET A 58 -2.02 10.32 2.76
C MET A 58 -3.01 10.14 3.91
N PHE A 59 -4.24 9.76 3.57
CA PHE A 59 -5.28 9.56 4.58
C PHE A 59 -5.64 8.09 4.68
N PRO A 60 -6.05 7.66 5.88
CA PRO A 60 -6.45 6.27 6.14
C PRO A 60 -7.75 5.90 5.45
N GLU A 61 -8.75 6.77 5.57
CA GLU A 61 -10.06 6.53 4.96
C GLU A 61 -9.90 6.10 3.50
N HIS A 62 -9.06 6.82 2.77
CA HIS A 62 -8.82 6.51 1.36
C HIS A 62 -8.14 5.15 1.21
N ALA A 63 -7.13 4.91 2.04
CA ALA A 63 -6.40 3.64 2.00
C ALA A 63 -7.35 2.45 2.08
N VAL A 64 -8.57 2.71 2.52
CA VAL A 64 -9.57 1.66 2.65
C VAL A 64 -10.26 1.39 1.31
N LYS A 65 -10.65 2.45 0.62
CA LYS A 65 -11.31 2.33 -0.67
C LYS A 65 -10.41 1.60 -1.67
N ALA A 66 -9.17 2.07 -1.80
CA ALA A 66 -8.21 1.46 -2.71
C ALA A 66 -8.07 -0.03 -2.44
N TYR A 67 -8.03 -0.41 -1.16
CA TYR A 67 -7.89 -1.80 -0.78
C TYR A 67 -9.18 -2.58 -1.06
N ALA A 68 -10.28 -1.85 -1.19
CA ALA A 68 -11.57 -2.47 -1.47
C ALA A 68 -11.78 -2.65 -2.97
N GLU A 69 -11.16 -1.79 -3.76
CA GLU A 69 -11.27 -1.85 -5.21
C GLU A 69 -10.05 -2.54 -5.83
N VAL A 70 -8.86 -2.02 -5.50
CA VAL A 70 -7.62 -2.57 -6.03
C VAL A 70 -7.55 -4.08 -5.79
N ASP A 71 -7.70 -4.48 -4.52
CA ASP A 71 -7.65 -5.88 -4.16
C ASP A 71 -8.66 -6.69 -4.96
N GLY A 72 -8.27 -7.07 -6.18
CA GLY A 72 -9.15 -7.83 -7.04
C GLY A 72 -9.34 -7.20 -8.41
N GLN A 73 -8.38 -6.37 -8.80
CA GLN A 73 -8.44 -5.71 -10.10
C GLN A 73 -7.30 -6.15 -11.00
N VAL A 74 -7.47 -5.96 -12.30
CA VAL A 74 -6.46 -6.36 -13.27
C VAL A 74 -5.78 -5.13 -13.88
N PHE A 75 -4.46 -5.17 -13.98
CA PHE A 75 -3.70 -4.07 -14.54
C PHE A 75 -2.75 -4.56 -15.64
N GLN A 76 -2.93 -4.04 -16.84
CA GLN A 76 -2.10 -4.43 -17.97
C GLN A 76 -1.93 -5.94 -18.03
N GLY A 77 -2.98 -6.66 -17.67
CA GLY A 77 -2.92 -8.12 -17.69
C GLY A 77 -2.22 -8.68 -16.46
N ARG A 78 -2.34 -7.98 -15.34
CA ARG A 78 -1.70 -8.42 -14.10
C ARG A 78 -2.62 -8.17 -12.91
N MET A 79 -3.11 -9.26 -12.31
CA MET A 79 -3.99 -9.17 -11.16
C MET A 79 -3.29 -8.51 -9.98
N LEU A 80 -3.81 -7.36 -9.55
CA LEU A 80 -3.22 -6.64 -8.42
C LEU A 80 -3.77 -7.15 -7.09
N HIS A 81 -2.87 -7.53 -6.19
CA HIS A 81 -3.26 -8.04 -4.89
C HIS A 81 -2.88 -7.06 -3.78
N VAL A 82 -3.84 -6.75 -2.92
CA VAL A 82 -3.62 -5.83 -1.82
C VAL A 82 -4.01 -6.45 -0.48
N LEU A 83 -3.11 -6.36 0.49
CA LEU A 83 -3.36 -6.92 1.81
C LEU A 83 -3.11 -5.87 2.90
N PRO A 84 -3.93 -5.91 3.96
CA PRO A 84 -3.81 -4.98 5.09
C PRO A 84 -2.56 -5.22 5.92
N SER A 85 -1.83 -4.15 6.22
CA SER A 85 -0.61 -4.25 7.01
C SER A 85 -0.56 -3.16 8.06
N THR A 86 -0.60 -3.56 9.34
CA THR A 86 -0.55 -2.62 10.44
C THR A 86 0.67 -2.86 11.33
N ILE A 87 1.02 -1.87 12.14
CA ILE A 87 2.15 -1.98 13.04
C ILE A 87 1.78 -2.74 14.31
N LYS A 88 2.10 -4.03 14.33
CA LYS A 88 1.80 -4.87 15.49
C LYS A 88 2.94 -4.83 16.50
N LYS A 89 3.14 -3.68 17.12
CA LYS A 89 4.21 -3.51 18.12
C LYS A 89 3.77 -4.05 19.47
N GLU A 90 4.72 -4.18 20.39
CA GLU A 90 4.43 -4.68 21.73
C GLU A 90 4.52 -3.56 22.76
N ALA A 91 3.39 -3.26 23.40
CA ALA A 91 3.33 -2.21 24.41
C ALA A 91 2.08 -2.35 25.27
N SER A 92 2.23 -2.06 26.56
CA SER A 92 1.11 -2.17 27.50
C SER A 92 0.36 -0.84 27.57
N GLN A 93 -0.97 -0.92 27.47
CA GLN A 93 -1.81 0.27 27.52
C GLN A 93 -3.02 0.04 28.42
N SER A 94 -3.01 0.64 29.60
CA SER A 94 -4.10 0.51 30.55
C SER A 94 -4.25 1.76 31.40
N GLY A 95 -5.49 2.09 31.75
CA GLY A 95 -5.75 3.27 32.55
C GLY A 95 -7.21 3.69 32.50
N PRO A 96 -8.04 3.05 33.34
CA PRO A 96 -9.47 3.35 33.42
C PRO A 96 -9.75 4.72 34.03
N SER A 97 -8.95 5.10 35.01
CA SER A 97 -9.11 6.38 35.69
C SER A 97 -9.09 7.52 34.67
N SER A 98 -10.23 8.19 34.52
CA SER A 98 -10.34 9.30 33.58
C SER A 98 -10.59 10.61 34.33
N GLY A 99 -9.51 11.24 34.80
CA GLY A 99 -9.64 12.48 35.51
C GLY A 99 -9.64 12.29 37.02
N GLY A 1 -12.16 -0.68 15.22
CA GLY A 1 -11.19 0.38 15.46
C GLY A 1 -10.43 0.17 16.76
N SER A 2 -9.30 0.86 16.89
CA SER A 2 -8.48 0.75 18.09
C SER A 2 -8.36 2.09 18.79
N SER A 3 -7.79 2.07 19.99
CA SER A 3 -7.62 3.29 20.78
C SER A 3 -6.18 3.43 21.26
N GLY A 4 -5.64 4.64 21.18
CA GLY A 4 -4.27 4.88 21.61
C GLY A 4 -3.30 4.86 20.47
N SER A 5 -3.43 3.87 19.59
CA SER A 5 -2.53 3.73 18.45
C SER A 5 -3.32 3.78 17.14
N SER A 6 -3.43 4.98 16.57
CA SER A 6 -4.16 5.17 15.32
C SER A 6 -3.33 5.99 14.33
N GLY A 7 -3.46 5.66 13.05
CA GLY A 7 -2.73 6.38 12.02
C GLY A 7 -2.10 5.46 11.00
N SER A 8 -2.94 4.78 10.22
CA SER A 8 -2.47 3.85 9.20
C SER A 8 -2.41 4.52 7.84
N GLY A 9 -2.03 3.76 6.82
CA GLY A 9 -1.95 4.30 5.48
C GLY A 9 -1.13 3.43 4.55
N ARG A 10 -0.23 2.64 5.12
CA ARG A 10 0.63 1.75 4.34
C ARG A 10 -0.15 0.52 3.89
N LEU A 11 -0.08 0.22 2.60
CA LEU A 11 -0.77 -0.93 2.03
C LEU A 11 0.18 -1.82 1.25
N PHE A 12 0.02 -3.13 1.41
CA PHE A 12 0.87 -4.09 0.72
C PHE A 12 0.28 -4.48 -0.63
N VAL A 13 1.00 -4.13 -1.70
CA VAL A 13 0.55 -4.44 -3.05
C VAL A 13 1.58 -5.27 -3.81
N ARG A 14 1.13 -6.34 -4.43
CA ARG A 14 2.01 -7.22 -5.19
C ARG A 14 1.43 -7.54 -6.55
N ASN A 15 2.20 -8.26 -7.38
CA ASN A 15 1.75 -8.64 -8.71
C ASN A 15 1.81 -7.43 -9.65
N LEU A 16 2.98 -6.82 -9.75
CA LEU A 16 3.18 -5.66 -10.62
C LEU A 16 3.82 -6.07 -11.93
N SER A 17 3.16 -5.77 -13.04
CA SER A 17 3.67 -6.12 -14.36
C SER A 17 5.00 -5.41 -14.63
N TYR A 18 6.01 -6.19 -15.00
CA TYR A 18 7.33 -5.64 -15.28
C TYR A 18 7.24 -4.48 -16.26
N THR A 19 6.21 -4.51 -17.11
CA THR A 19 6.01 -3.45 -18.10
C THR A 19 5.57 -2.14 -17.44
N SER A 20 4.90 -2.26 -16.30
CA SER A 20 4.44 -1.09 -15.57
C SER A 20 5.61 -0.28 -15.02
N SER A 21 5.39 1.02 -14.86
CA SER A 21 6.44 1.91 -14.34
C SER A 21 5.97 2.60 -13.06
N GLU A 22 6.92 3.19 -12.35
CA GLU A 22 6.62 3.88 -11.10
C GLU A 22 5.52 4.94 -11.31
N GLU A 23 5.69 5.75 -12.34
CA GLU A 23 4.72 6.80 -12.66
C GLU A 23 3.32 6.22 -12.78
N ASP A 24 3.18 5.16 -13.57
CA ASP A 24 1.88 4.51 -13.76
C ASP A 24 1.18 4.29 -12.43
N LEU A 25 1.87 3.59 -11.52
CA LEU A 25 1.31 3.30 -10.21
C LEU A 25 0.81 4.59 -9.53
N GLU A 26 1.68 5.58 -9.44
CA GLU A 26 1.34 6.86 -8.82
C GLU A 26 -0.07 7.29 -9.24
N LYS A 27 -0.30 7.36 -10.55
CA LYS A 27 -1.59 7.76 -11.07
C LYS A 27 -2.68 6.77 -10.65
N LEU A 28 -2.52 5.51 -11.01
CA LEU A 28 -3.49 4.47 -10.67
C LEU A 28 -4.07 4.71 -9.28
N PHE A 29 -3.23 4.56 -8.26
CA PHE A 29 -3.65 4.75 -6.88
C PHE A 29 -4.11 6.19 -6.66
N SER A 30 -3.29 7.14 -7.07
CA SER A 30 -3.61 8.56 -6.91
C SER A 30 -5.08 8.81 -7.17
N ALA A 31 -5.63 8.16 -8.19
CA ALA A 31 -7.03 8.31 -8.54
C ALA A 31 -7.92 8.13 -7.32
N TYR A 32 -7.65 7.09 -6.55
CA TYR A 32 -8.43 6.79 -5.35
C TYR A 32 -8.25 7.89 -4.31
N GLY A 33 -7.03 8.39 -4.19
CA GLY A 33 -6.74 9.43 -3.22
C GLY A 33 -5.28 9.84 -3.22
N PRO A 34 -4.90 10.69 -2.25
CA PRO A 34 -3.52 11.17 -2.12
C PRO A 34 -2.56 10.07 -1.67
N LEU A 35 -1.30 10.19 -2.07
CA LEU A 35 -0.29 9.21 -1.70
C LEU A 35 0.78 9.83 -0.81
N SER A 36 0.99 9.23 0.36
CA SER A 36 1.98 9.72 1.31
C SER A 36 3.39 9.40 0.85
N GLU A 37 3.55 8.23 0.25
CA GLU A 37 4.86 7.80 -0.26
C GLU A 37 4.74 6.54 -1.10
N LEU A 38 5.55 6.45 -2.15
CA LEU A 38 5.53 5.30 -3.04
C LEU A 38 6.89 4.60 -3.06
N HIS A 39 6.87 3.27 -3.13
CA HIS A 39 8.10 2.50 -3.17
C HIS A 39 8.06 1.47 -4.30
N TYR A 40 8.88 1.68 -5.31
CA TYR A 40 8.94 0.77 -6.46
C TYR A 40 10.36 0.23 -6.65
N PRO A 41 10.62 -0.95 -6.07
CA PRO A 41 11.92 -1.61 -6.16
C PRO A 41 12.22 -2.13 -7.56
N ILE A 42 13.47 -2.02 -7.98
CA ILE A 42 13.88 -2.48 -9.32
C ILE A 42 15.27 -3.08 -9.27
N ASP A 43 15.41 -4.28 -9.82
CA ASP A 43 16.70 -4.96 -9.86
C ASP A 43 17.77 -4.09 -10.52
N SER A 44 18.99 -4.19 -10.04
CA SER A 44 20.10 -3.41 -10.58
C SER A 44 20.76 -4.14 -11.74
N LEU A 45 20.45 -5.42 -11.89
CA LEU A 45 21.02 -6.23 -12.96
C LEU A 45 20.04 -6.37 -14.11
N THR A 46 18.82 -6.79 -13.81
CA THR A 46 17.79 -6.94 -14.82
C THR A 46 17.13 -5.62 -15.16
N LYS A 47 17.16 -4.69 -14.21
CA LYS A 47 16.56 -3.38 -14.41
C LYS A 47 15.05 -3.47 -14.46
N LYS A 48 14.49 -4.38 -13.66
CA LYS A 48 13.04 -4.56 -13.61
C LYS A 48 12.59 -4.93 -12.20
N PRO A 49 11.32 -4.63 -11.88
CA PRO A 49 10.74 -4.92 -10.57
C PRO A 49 10.55 -6.42 -10.35
N LYS A 50 10.57 -6.83 -9.08
CA LYS A 50 10.39 -8.23 -8.73
C LYS A 50 8.92 -8.62 -8.75
N GLY A 51 8.05 -7.61 -8.80
CA GLY A 51 6.62 -7.86 -8.83
C GLY A 51 5.94 -7.50 -7.53
N PHE A 52 6.47 -6.50 -6.84
CA PHE A 52 5.91 -6.05 -5.58
C PHE A 52 6.31 -4.61 -5.27
N ALA A 53 5.53 -3.94 -4.43
CA ALA A 53 5.80 -2.56 -4.06
C ALA A 53 5.07 -2.18 -2.78
N PHE A 54 5.30 -0.96 -2.31
CA PHE A 54 4.67 -0.48 -1.08
C PHE A 54 4.10 0.92 -1.29
N VAL A 55 2.77 1.01 -1.25
CA VAL A 55 2.09 2.29 -1.43
C VAL A 55 1.50 2.79 -0.11
N THR A 56 1.84 4.02 0.26
CA THR A 56 1.36 4.61 1.49
C THR A 56 0.48 5.84 1.20
N PHE A 57 -0.65 5.93 1.90
CA PHE A 57 -1.57 7.05 1.72
C PHE A 57 -1.57 7.95 2.94
N MET A 58 -1.75 9.25 2.72
CA MET A 58 -1.77 10.22 3.80
C MET A 58 -2.99 10.01 4.69
N PHE A 59 -4.15 9.82 4.07
CA PHE A 59 -5.39 9.62 4.81
C PHE A 59 -5.83 8.15 4.73
N PRO A 60 -6.36 7.64 5.84
CA PRO A 60 -6.84 6.25 5.92
C PRO A 60 -8.10 6.02 5.10
N GLU A 61 -9.04 6.95 5.20
CA GLU A 61 -10.30 6.85 4.47
C GLU A 61 -10.04 6.47 3.00
N HIS A 62 -9.13 7.20 2.37
CA HIS A 62 -8.79 6.95 0.98
C HIS A 62 -8.07 5.62 0.82
N ALA A 63 -7.11 5.36 1.71
CA ALA A 63 -6.35 4.12 1.67
C ALA A 63 -7.27 2.91 1.71
N VAL A 64 -8.44 3.07 2.31
CA VAL A 64 -9.40 1.99 2.42
C VAL A 64 -10.15 1.80 1.11
N LYS A 65 -10.75 2.86 0.60
CA LYS A 65 -11.49 2.81 -0.65
C LYS A 65 -10.69 2.09 -1.73
N ALA A 66 -9.40 2.40 -1.81
CA ALA A 66 -8.52 1.79 -2.79
C ALA A 66 -8.32 0.31 -2.49
N TYR A 67 -8.11 -0.01 -1.22
CA TYR A 67 -7.90 -1.39 -0.80
C TYR A 67 -9.15 -2.24 -1.03
N ALA A 68 -10.30 -1.57 -1.10
CA ALA A 68 -11.57 -2.25 -1.31
C ALA A 68 -11.78 -2.53 -2.79
N GLU A 69 -11.27 -1.65 -3.64
CA GLU A 69 -11.42 -1.81 -5.08
C GLU A 69 -10.18 -2.48 -5.68
N VAL A 70 -9.03 -1.85 -5.50
CA VAL A 70 -7.78 -2.38 -6.03
C VAL A 70 -7.67 -3.88 -5.76
N ASP A 71 -7.94 -4.28 -4.53
CA ASP A 71 -7.87 -5.69 -4.15
C ASP A 71 -8.75 -6.54 -5.06
N GLY A 72 -8.13 -7.13 -6.08
CA GLY A 72 -8.87 -7.97 -7.01
C GLY A 72 -9.07 -7.29 -8.35
N GLN A 73 -8.13 -6.44 -8.74
CA GLN A 73 -8.21 -5.72 -10.00
C GLN A 73 -7.09 -6.15 -10.94
N VAL A 74 -7.31 -5.97 -12.24
CA VAL A 74 -6.31 -6.33 -13.23
C VAL A 74 -5.59 -5.10 -13.77
N PHE A 75 -4.27 -5.19 -13.86
CA PHE A 75 -3.46 -4.07 -14.35
C PHE A 75 -2.46 -4.56 -15.39
N GLN A 76 -2.78 -4.34 -16.67
CA GLN A 76 -1.90 -4.75 -17.76
C GLN A 76 -1.72 -6.27 -17.77
N GLY A 77 -2.82 -6.99 -17.61
CA GLY A 77 -2.75 -8.44 -17.60
C GLY A 77 -2.09 -8.99 -16.34
N ARG A 78 -2.15 -8.21 -15.26
CA ARG A 78 -1.55 -8.63 -14.00
C ARG A 78 -2.51 -8.34 -12.84
N MET A 79 -3.01 -9.41 -12.22
CA MET A 79 -3.93 -9.27 -11.10
C MET A 79 -3.21 -8.69 -9.88
N LEU A 80 -3.65 -7.50 -9.46
CA LEU A 80 -3.05 -6.83 -8.32
C LEU A 80 -3.69 -7.30 -7.02
N HIS A 81 -2.86 -7.80 -6.10
CA HIS A 81 -3.35 -8.28 -4.81
C HIS A 81 -2.98 -7.31 -3.69
N VAL A 82 -4.00 -6.76 -3.04
CA VAL A 82 -3.79 -5.82 -1.95
C VAL A 82 -4.15 -6.44 -0.60
N LEU A 83 -3.31 -6.19 0.39
CA LEU A 83 -3.54 -6.73 1.74
C LEU A 83 -3.30 -5.66 2.79
N PRO A 84 -4.18 -5.63 3.80
CA PRO A 84 -4.07 -4.66 4.90
C PRO A 84 -2.89 -4.94 5.82
N SER A 85 -2.11 -3.90 6.10
CA SER A 85 -0.94 -4.03 6.96
C SER A 85 -1.25 -3.58 8.38
N THR A 86 -0.62 -4.22 9.35
CA THR A 86 -0.83 -3.88 10.75
C THR A 86 0.48 -3.53 11.45
N ILE A 87 0.44 -2.55 12.34
CA ILE A 87 1.62 -2.11 13.07
C ILE A 87 2.49 -3.31 13.46
N LYS A 88 3.59 -3.49 12.74
CA LYS A 88 4.51 -4.59 13.01
C LYS A 88 5.09 -4.48 14.42
N LYS A 89 4.45 -5.14 15.38
CA LYS A 89 4.90 -5.12 16.76
C LYS A 89 4.52 -6.40 17.48
N GLU A 90 5.47 -6.99 18.20
CA GLU A 90 5.23 -8.23 18.94
C GLU A 90 5.00 -7.94 20.41
N ALA A 91 3.81 -8.27 20.91
CA ALA A 91 3.47 -8.06 22.31
C ALA A 91 2.31 -8.95 22.74
N SER A 92 2.61 -9.92 23.59
CA SER A 92 1.59 -10.86 24.08
C SER A 92 1.55 -10.87 25.60
N GLN A 93 0.42 -10.45 26.16
CA GLN A 93 0.26 -10.40 27.60
C GLN A 93 -1.17 -10.01 27.97
N SER A 94 -1.60 -10.42 29.16
CA SER A 94 -2.95 -10.11 29.63
C SER A 94 -2.99 -8.73 30.28
N GLY A 95 -2.06 -8.47 31.19
CA GLY A 95 -2.01 -7.19 31.87
C GLY A 95 -2.71 -7.21 33.20
N PRO A 96 -2.07 -7.82 34.21
CA PRO A 96 -2.62 -7.93 35.56
C PRO A 96 -2.66 -6.57 36.28
N SER A 97 -3.72 -6.36 37.07
CA SER A 97 -3.87 -5.11 37.80
C SER A 97 -4.79 -5.30 39.00
N SER A 98 -4.46 -4.64 40.11
CA SER A 98 -5.25 -4.75 41.33
C SER A 98 -5.09 -3.49 42.18
N GLY A 99 -6.18 -2.75 42.35
CA GLY A 99 -6.14 -1.54 43.15
C GLY A 99 -6.10 -0.29 42.30
N GLY A 1 -10.63 11.28 17.37
CA GLY A 1 -10.56 10.95 18.79
C GLY A 1 -9.95 9.59 19.04
N SER A 2 -8.80 9.33 18.42
CA SER A 2 -8.12 8.05 18.59
C SER A 2 -6.62 8.24 18.64
N SER A 3 -5.94 7.41 19.43
CA SER A 3 -4.49 7.49 19.57
C SER A 3 -3.82 7.64 18.21
N GLY A 4 -4.24 6.81 17.26
CA GLY A 4 -3.67 6.85 15.92
C GLY A 4 -3.39 8.27 15.46
N SER A 5 -2.36 8.43 14.65
CA SER A 5 -1.99 9.75 14.14
C SER A 5 -2.55 9.97 12.74
N SER A 6 -2.99 11.20 12.47
CA SER A 6 -3.57 11.53 11.16
C SER A 6 -2.50 11.43 10.07
N GLY A 7 -2.29 10.22 9.57
CA GLY A 7 -1.30 10.00 8.53
C GLY A 7 -0.93 8.54 8.38
N SER A 8 -1.92 7.67 8.49
CA SER A 8 -1.69 6.23 8.37
C SER A 8 -2.49 5.65 7.20
N GLY A 9 -1.77 5.15 6.20
CA GLY A 9 -2.42 4.57 5.04
C GLY A 9 -1.52 3.61 4.28
N ARG A 10 -0.76 2.81 5.02
CA ARG A 10 0.16 1.86 4.41
C ARG A 10 -0.61 0.66 3.85
N LEU A 11 -0.29 0.28 2.62
CA LEU A 11 -0.95 -0.84 1.97
C LEU A 11 0.06 -1.68 1.19
N PHE A 12 0.00 -3.00 1.38
CA PHE A 12 0.91 -3.91 0.69
C PHE A 12 0.30 -4.39 -0.62
N VAL A 13 1.05 -4.24 -1.71
CA VAL A 13 0.59 -4.66 -3.03
C VAL A 13 1.63 -5.51 -3.74
N ARG A 14 1.18 -6.50 -4.49
CA ARG A 14 2.08 -7.38 -5.22
C ARG A 14 1.52 -7.71 -6.61
N ASN A 15 2.30 -8.43 -7.39
CA ASN A 15 1.88 -8.82 -8.74
C ASN A 15 1.91 -7.61 -9.68
N LEU A 16 3.03 -6.90 -9.69
CA LEU A 16 3.19 -5.73 -10.55
C LEU A 16 3.81 -6.10 -11.89
N SER A 17 3.23 -5.58 -12.96
CA SER A 17 3.72 -5.87 -14.31
C SER A 17 5.05 -5.15 -14.57
N TYR A 18 6.04 -5.90 -15.04
CA TYR A 18 7.36 -5.34 -15.32
C TYR A 18 7.25 -4.14 -16.25
N THR A 19 6.25 -4.18 -17.13
CA THR A 19 6.03 -3.09 -18.08
C THR A 19 5.58 -1.82 -17.38
N SER A 20 5.03 -1.97 -16.18
CA SER A 20 4.55 -0.84 -15.40
C SER A 20 5.73 -0.03 -14.85
N SER A 21 5.51 1.27 -14.67
CA SER A 21 6.55 2.16 -14.16
C SER A 21 6.06 2.88 -12.90
N GLU A 22 7.02 3.37 -12.11
CA GLU A 22 6.69 4.09 -10.88
C GLU A 22 5.60 5.12 -11.13
N GLU A 23 5.59 5.69 -12.32
CA GLU A 23 4.60 6.70 -12.68
C GLU A 23 3.21 6.07 -12.83
N ASP A 24 3.09 5.13 -13.76
CA ASP A 24 1.82 4.45 -13.99
C ASP A 24 1.14 4.11 -12.67
N LEU A 25 1.90 3.51 -11.76
CA LEU A 25 1.37 3.12 -10.46
C LEU A 25 0.88 4.35 -9.68
N GLU A 26 1.79 5.30 -9.48
CA GLU A 26 1.46 6.52 -8.74
C GLU A 26 0.05 6.99 -9.09
N LYS A 27 -0.19 7.21 -10.39
CA LYS A 27 -1.49 7.66 -10.85
C LYS A 27 -2.59 6.67 -10.46
N LEU A 28 -2.44 5.43 -10.91
CA LEU A 28 -3.42 4.39 -10.61
C LEU A 28 -3.99 4.56 -9.20
N PHE A 29 -3.13 4.42 -8.20
CA PHE A 29 -3.56 4.57 -6.81
C PHE A 29 -3.96 6.01 -6.51
N SER A 30 -3.08 6.95 -6.84
CA SER A 30 -3.34 8.37 -6.61
C SER A 30 -4.82 8.68 -6.86
N ALA A 31 -5.34 8.19 -7.98
CA ALA A 31 -6.73 8.42 -8.33
C ALA A 31 -7.64 8.33 -7.12
N TYR A 32 -7.50 7.25 -6.35
CA TYR A 32 -8.31 7.05 -5.16
C TYR A 32 -8.08 8.17 -4.15
N GLY A 33 -6.84 8.59 -4.01
CA GLY A 33 -6.51 9.66 -3.08
C GLY A 33 -5.05 10.07 -3.17
N PRO A 34 -4.67 11.06 -2.34
CA PRO A 34 -3.29 11.57 -2.29
C PRO A 34 -2.31 10.55 -1.71
N LEU A 35 -1.21 10.32 -2.43
CA LEU A 35 -0.19 9.38 -1.98
C LEU A 35 0.84 10.07 -1.10
N SER A 36 1.16 9.44 0.03
CA SER A 36 2.13 9.99 0.96
C SER A 36 3.55 9.59 0.57
N GLU A 37 3.69 8.37 0.06
CA GLU A 37 5.00 7.86 -0.36
C GLU A 37 4.85 6.55 -1.12
N LEU A 38 5.63 6.40 -2.17
CA LEU A 38 5.60 5.18 -2.99
C LEU A 38 6.93 4.46 -2.95
N HIS A 39 6.88 3.13 -2.99
CA HIS A 39 8.09 2.32 -2.97
C HIS A 39 8.08 1.29 -4.09
N TYR A 40 8.81 1.59 -5.16
CA TYR A 40 8.88 0.69 -6.31
C TYR A 40 10.29 0.13 -6.47
N PRO A 41 10.53 -1.05 -5.89
CA PRO A 41 11.83 -1.72 -5.97
C PRO A 41 12.14 -2.23 -7.37
N ILE A 42 13.39 -2.07 -7.80
CA ILE A 42 13.82 -2.52 -9.11
C ILE A 42 15.18 -3.21 -9.04
N ASP A 43 15.33 -4.28 -9.81
CA ASP A 43 16.58 -5.03 -9.85
C ASP A 43 17.70 -4.18 -10.46
N SER A 44 18.91 -4.34 -9.91
CA SER A 44 20.06 -3.58 -10.40
C SER A 44 20.69 -4.28 -11.61
N LEU A 45 20.21 -5.49 -11.91
CA LEU A 45 20.72 -6.25 -13.04
C LEU A 45 19.72 -6.26 -14.19
N THR A 46 18.52 -6.79 -13.92
CA THR A 46 17.47 -6.86 -14.93
C THR A 46 16.83 -5.50 -15.15
N LYS A 47 17.03 -4.59 -14.20
CA LYS A 47 16.47 -3.25 -14.29
C LYS A 47 14.95 -3.30 -14.33
N LYS A 48 14.38 -4.28 -13.64
CA LYS A 48 12.93 -4.45 -13.58
C LYS A 48 12.49 -4.91 -12.20
N PRO A 49 11.25 -4.54 -11.81
CA PRO A 49 10.69 -4.92 -10.51
C PRO A 49 10.37 -6.40 -10.43
N LYS A 50 10.64 -7.00 -9.27
CA LYS A 50 10.38 -8.42 -9.06
C LYS A 50 8.88 -8.71 -9.07
N GLY A 51 8.08 -7.66 -8.93
CA GLY A 51 6.64 -7.82 -8.93
C GLY A 51 6.02 -7.54 -7.57
N PHE A 52 6.48 -6.47 -6.93
CA PHE A 52 5.97 -6.10 -5.61
C PHE A 52 6.30 -4.64 -5.30
N ALA A 53 5.43 -4.00 -4.53
CA ALA A 53 5.64 -2.60 -4.14
C ALA A 53 4.80 -2.24 -2.91
N PHE A 54 5.05 -1.06 -2.37
CA PHE A 54 4.33 -0.59 -1.19
C PHE A 54 3.76 0.81 -1.41
N VAL A 55 2.44 0.92 -1.35
CA VAL A 55 1.76 2.20 -1.54
C VAL A 55 1.29 2.77 -0.21
N THR A 56 1.78 3.96 0.13
CA THR A 56 1.40 4.62 1.37
C THR A 56 0.55 5.85 1.11
N PHE A 57 -0.70 5.83 1.58
CA PHE A 57 -1.61 6.95 1.39
C PHE A 57 -1.48 7.95 2.53
N MET A 58 -1.96 9.17 2.29
CA MET A 58 -1.90 10.22 3.31
C MET A 58 -2.97 10.02 4.37
N PHE A 59 -4.18 9.67 3.93
CA PHE A 59 -5.29 9.45 4.83
C PHE A 59 -5.74 7.99 4.80
N PRO A 60 -6.25 7.50 5.94
CA PRO A 60 -6.72 6.12 6.07
C PRO A 60 -8.00 5.87 5.29
N GLU A 61 -8.94 6.80 5.39
CA GLU A 61 -10.21 6.68 4.69
C GLU A 61 -9.99 6.23 3.24
N HIS A 62 -9.12 6.92 2.54
CA HIS A 62 -8.81 6.60 1.15
C HIS A 62 -8.10 5.26 1.05
N ALA A 63 -7.14 5.04 1.94
CA ALA A 63 -6.39 3.79 1.96
C ALA A 63 -7.31 2.58 2.02
N VAL A 64 -8.52 2.80 2.52
CA VAL A 64 -9.51 1.72 2.63
C VAL A 64 -10.27 1.55 1.33
N LYS A 65 -10.73 2.65 0.75
CA LYS A 65 -11.48 2.61 -0.50
C LYS A 65 -10.69 1.87 -1.58
N ALA A 66 -9.41 2.22 -1.72
CA ALA A 66 -8.55 1.58 -2.71
C ALA A 66 -8.41 0.09 -2.44
N TYR A 67 -8.07 -0.26 -1.21
CA TYR A 67 -7.90 -1.65 -0.82
C TYR A 67 -9.17 -2.46 -1.10
N ALA A 68 -10.28 -1.75 -1.23
CA ALA A 68 -11.56 -2.40 -1.51
C ALA A 68 -11.78 -2.58 -3.01
N GLU A 69 -11.26 -1.64 -3.79
CA GLU A 69 -11.39 -1.70 -5.24
C GLU A 69 -10.17 -2.39 -5.87
N VAL A 70 -9.00 -1.82 -5.65
CA VAL A 70 -7.76 -2.37 -6.19
C VAL A 70 -7.68 -3.87 -5.94
N ASP A 71 -7.78 -4.27 -4.67
CA ASP A 71 -7.72 -5.67 -4.30
C ASP A 71 -8.66 -6.51 -5.18
N GLY A 72 -8.12 -7.04 -6.27
CA GLY A 72 -8.92 -7.85 -7.17
C GLY A 72 -9.12 -7.19 -8.52
N GLN A 73 -8.23 -6.26 -8.86
CA GLN A 73 -8.31 -5.56 -10.13
C GLN A 73 -7.15 -5.94 -11.05
N VAL A 74 -7.42 -5.99 -12.35
CA VAL A 74 -6.40 -6.34 -13.32
C VAL A 74 -5.72 -5.09 -13.90
N PHE A 75 -4.40 -5.06 -13.82
CA PHE A 75 -3.64 -3.93 -14.33
C PHE A 75 -2.61 -4.38 -15.37
N GLN A 76 -2.98 -4.28 -16.64
CA GLN A 76 -2.09 -4.67 -17.72
C GLN A 76 -1.97 -6.19 -17.80
N GLY A 77 -3.02 -6.88 -17.36
CA GLY A 77 -3.00 -8.34 -17.38
C GLY A 77 -2.30 -8.93 -16.18
N ARG A 78 -2.22 -8.16 -15.10
CA ARG A 78 -1.55 -8.61 -13.88
C ARG A 78 -2.51 -8.56 -12.70
N MET A 79 -2.80 -9.72 -12.12
CA MET A 79 -3.70 -9.80 -10.98
C MET A 79 -3.06 -9.16 -9.74
N LEU A 80 -3.38 -7.90 -9.51
CA LEU A 80 -2.84 -7.17 -8.36
C LEU A 80 -3.44 -7.68 -7.06
N HIS A 81 -2.59 -7.89 -6.06
CA HIS A 81 -3.05 -8.37 -4.76
C HIS A 81 -2.72 -7.36 -3.66
N VAL A 82 -3.76 -6.76 -3.08
CA VAL A 82 -3.59 -5.78 -2.03
C VAL A 82 -4.01 -6.35 -0.68
N LEU A 83 -3.11 -6.24 0.31
CA LEU A 83 -3.39 -6.74 1.66
C LEU A 83 -3.18 -5.65 2.70
N PRO A 84 -4.10 -5.59 3.68
CA PRO A 84 -4.03 -4.61 4.76
C PRO A 84 -2.88 -4.86 5.71
N SER A 85 -2.20 -3.79 6.12
CA SER A 85 -1.08 -3.90 7.04
C SER A 85 -1.10 -2.77 8.07
N THR A 86 -0.98 -3.13 9.34
CA THR A 86 -0.99 -2.16 10.42
C THR A 86 0.20 -2.37 11.37
N ILE A 87 0.33 -1.48 12.33
CA ILE A 87 1.43 -1.57 13.30
C ILE A 87 1.06 -2.48 14.46
N LYS A 88 1.61 -3.69 14.45
CA LYS A 88 1.34 -4.66 15.51
C LYS A 88 2.14 -4.33 16.77
N LYS A 89 1.49 -3.61 17.68
CA LYS A 89 2.14 -3.22 18.93
C LYS A 89 1.96 -4.31 20.00
N GLU A 90 2.97 -4.48 20.83
CA GLU A 90 2.93 -5.49 21.89
C GLU A 90 2.76 -4.83 23.25
N ALA A 91 1.53 -4.85 23.76
CA ALA A 91 1.24 -4.25 25.06
C ALA A 91 -0.06 -4.80 25.64
N SER A 92 -0.04 -5.12 26.92
CA SER A 92 -1.21 -5.68 27.61
C SER A 92 -2.14 -4.56 28.06
N GLN A 93 -3.05 -4.15 27.18
CA GLN A 93 -4.00 -3.09 27.51
C GLN A 93 -5.04 -2.94 26.41
N SER A 94 -6.31 -3.12 26.75
CA SER A 94 -7.40 -3.01 25.79
C SER A 94 -7.50 -1.58 25.26
N GLY A 95 -7.38 -0.62 26.16
CA GLY A 95 -7.47 0.78 25.76
C GLY A 95 -8.89 1.27 25.67
N PRO A 96 -9.59 1.30 26.81
CA PRO A 96 -10.99 1.74 26.88
C PRO A 96 -11.12 3.25 26.65
N SER A 97 -11.54 3.62 25.44
CA SER A 97 -11.71 5.03 25.09
C SER A 97 -13.02 5.24 24.33
N SER A 98 -13.71 6.32 24.65
CA SER A 98 -14.98 6.65 24.01
C SER A 98 -15.09 8.15 23.76
N GLY A 99 -15.53 8.50 22.55
CA GLY A 99 -15.69 9.90 22.20
C GLY A 99 -14.39 10.68 22.37
N GLY A 1 -15.77 2.76 12.27
CA GLY A 1 -16.83 1.88 12.70
C GLY A 1 -16.68 1.42 14.14
N SER A 2 -16.65 2.39 15.06
CA SER A 2 -16.49 2.08 16.48
C SER A 2 -15.18 1.34 16.73
N SER A 3 -14.12 1.79 16.07
CA SER A 3 -12.81 1.19 16.23
C SER A 3 -11.74 1.99 15.49
N GLY A 4 -10.72 2.43 16.24
CA GLY A 4 -9.65 3.22 15.65
C GLY A 4 -8.38 2.42 15.46
N SER A 5 -7.43 2.62 16.36
CA SER A 5 -6.16 1.90 16.29
C SER A 5 -5.53 2.05 14.90
N SER A 6 -5.53 3.27 14.38
CA SER A 6 -4.96 3.53 13.07
C SER A 6 -4.10 4.79 13.08
N GLY A 7 -3.24 4.92 12.08
CA GLY A 7 -2.36 6.08 12.00
C GLY A 7 -1.70 6.22 10.65
N SER A 8 -1.19 5.12 10.12
CA SER A 8 -0.53 5.12 8.83
C SER A 8 -1.36 4.38 7.79
N GLY A 9 -1.63 5.05 6.67
CA GLY A 9 -2.41 4.44 5.61
C GLY A 9 -1.57 3.63 4.66
N ARG A 10 -0.67 2.83 5.19
CA ARG A 10 0.21 2.00 4.38
C ARG A 10 -0.53 0.75 3.89
N LEU A 11 -0.19 0.33 2.67
CA LEU A 11 -0.82 -0.85 2.08
C LEU A 11 0.21 -1.72 1.36
N PHE A 12 -0.05 -3.02 1.31
CA PHE A 12 0.86 -3.95 0.64
C PHE A 12 0.28 -4.40 -0.70
N VAL A 13 0.91 -3.95 -1.78
CA VAL A 13 0.47 -4.31 -3.12
C VAL A 13 1.48 -5.20 -3.82
N ARG A 14 1.01 -6.29 -4.41
CA ARG A 14 1.87 -7.23 -5.10
C ARG A 14 1.29 -7.60 -6.46
N ASN A 15 2.06 -8.35 -7.25
CA ASN A 15 1.62 -8.78 -8.57
C ASN A 15 1.62 -7.61 -9.55
N LEU A 16 2.76 -6.92 -9.64
CA LEU A 16 2.89 -5.78 -10.54
C LEU A 16 3.54 -6.19 -11.85
N SER A 17 3.03 -5.67 -12.95
CA SER A 17 3.56 -5.99 -14.28
C SER A 17 4.82 -5.18 -14.56
N TYR A 18 5.89 -5.88 -14.90
CA TYR A 18 7.17 -5.23 -15.19
C TYR A 18 6.97 -4.06 -16.15
N THR A 19 6.11 -4.26 -17.15
CA THR A 19 5.82 -3.21 -18.13
C THR A 19 5.42 -1.91 -17.45
N SER A 20 4.77 -2.03 -16.30
CA SER A 20 4.32 -0.85 -15.56
C SER A 20 5.50 -0.08 -14.99
N SER A 21 5.39 1.24 -14.96
CA SER A 21 6.45 2.09 -14.43
C SER A 21 6.02 2.76 -13.13
N GLU A 22 6.99 2.98 -12.24
CA GLU A 22 6.71 3.62 -10.96
C GLU A 22 5.61 4.67 -11.10
N GLU A 23 5.61 5.36 -12.23
CA GLU A 23 4.61 6.40 -12.49
C GLU A 23 3.22 5.79 -12.59
N ASP A 24 3.01 4.97 -13.61
CA ASP A 24 1.71 4.33 -13.82
C ASP A 24 1.06 3.99 -12.49
N LEU A 25 1.86 3.57 -11.53
CA LEU A 25 1.37 3.20 -10.20
C LEU A 25 0.77 4.41 -9.50
N GLU A 26 1.59 5.46 -9.37
CA GLU A 26 1.15 6.69 -8.71
C GLU A 26 -0.14 7.21 -9.34
N LYS A 27 -0.17 7.26 -10.66
CA LYS A 27 -1.34 7.74 -11.39
C LYS A 27 -2.55 6.84 -11.13
N LEU A 28 -2.28 5.57 -10.84
CA LEU A 28 -3.34 4.60 -10.58
C LEU A 28 -3.94 4.82 -9.20
N PHE A 29 -3.10 4.70 -8.17
CA PHE A 29 -3.55 4.88 -6.79
C PHE A 29 -3.97 6.32 -6.54
N SER A 30 -3.09 7.26 -6.89
CA SER A 30 -3.38 8.68 -6.71
C SER A 30 -4.82 9.00 -7.07
N ALA A 31 -5.37 8.23 -8.01
CA ALA A 31 -6.74 8.44 -8.46
C ALA A 31 -7.71 8.33 -7.28
N TYR A 32 -7.52 7.31 -6.45
CA TYR A 32 -8.39 7.10 -5.30
C TYR A 32 -8.21 8.22 -4.27
N GLY A 33 -7.08 8.90 -4.34
CA GLY A 33 -6.80 9.99 -3.41
C GLY A 33 -5.33 10.35 -3.38
N PRO A 34 -4.97 11.26 -2.45
CA PRO A 34 -3.59 11.72 -2.29
C PRO A 34 -2.68 10.63 -1.72
N LEU A 35 -1.43 10.63 -2.16
CA LEU A 35 -0.46 9.64 -1.69
C LEU A 35 0.51 10.27 -0.68
N SER A 36 1.21 9.42 0.05
CA SER A 36 2.18 9.88 1.05
C SER A 36 3.59 9.47 0.67
N GLU A 37 3.75 8.21 0.27
CA GLU A 37 5.06 7.70 -0.12
C GLU A 37 4.91 6.46 -1.02
N LEU A 38 5.85 6.30 -1.93
CA LEU A 38 5.83 5.17 -2.86
C LEU A 38 7.15 4.40 -2.80
N HIS A 39 7.06 3.08 -2.91
CA HIS A 39 8.24 2.22 -2.86
C HIS A 39 8.23 1.23 -4.03
N TYR A 40 9.00 1.54 -5.07
CA TYR A 40 9.07 0.67 -6.23
C TYR A 40 10.46 0.06 -6.37
N PRO A 41 10.62 -1.16 -5.82
CA PRO A 41 11.90 -1.88 -5.87
C PRO A 41 12.25 -2.36 -7.27
N ILE A 42 13.51 -2.21 -7.65
CA ILE A 42 13.97 -2.64 -8.96
C ILE A 42 15.35 -3.27 -8.89
N ASP A 43 15.50 -4.42 -9.53
CA ASP A 43 16.78 -5.14 -9.53
C ASP A 43 17.89 -4.26 -10.10
N SER A 44 19.10 -4.45 -9.60
CA SER A 44 20.25 -3.67 -10.05
C SER A 44 20.86 -4.29 -11.30
N LEU A 45 20.51 -5.53 -11.57
CA LEU A 45 21.03 -6.24 -12.73
C LEU A 45 20.04 -6.19 -13.89
N THR A 46 18.84 -6.73 -13.66
CA THR A 46 17.80 -6.74 -14.67
C THR A 46 17.17 -5.36 -14.84
N LYS A 47 17.38 -4.50 -13.85
CA LYS A 47 16.84 -3.14 -13.89
C LYS A 47 15.32 -3.16 -13.99
N LYS A 48 14.71 -4.22 -13.47
CA LYS A 48 13.26 -4.37 -13.50
C LYS A 48 12.73 -4.80 -12.15
N PRO A 49 11.45 -4.49 -11.88
CA PRO A 49 10.80 -4.84 -10.62
C PRO A 49 10.56 -6.33 -10.48
N LYS A 50 10.31 -6.78 -9.25
CA LYS A 50 10.07 -8.19 -8.99
C LYS A 50 8.58 -8.52 -9.10
N GLY A 51 7.76 -7.48 -9.14
CA GLY A 51 6.32 -7.67 -9.25
C GLY A 51 5.59 -7.35 -7.95
N PHE A 52 6.10 -6.36 -7.23
CA PHE A 52 5.49 -5.94 -5.97
C PHE A 52 6.00 -4.57 -5.54
N ALA A 53 5.22 -3.90 -4.69
CA ALA A 53 5.58 -2.57 -4.22
C ALA A 53 4.79 -2.21 -2.97
N PHE A 54 5.11 -1.05 -2.39
CA PHE A 54 4.43 -0.58 -1.19
C PHE A 54 3.93 0.85 -1.36
N VAL A 55 2.61 1.03 -1.25
CA VAL A 55 2.01 2.35 -1.39
C VAL A 55 1.45 2.85 -0.07
N THR A 56 1.83 4.08 0.30
CA THR A 56 1.37 4.67 1.55
C THR A 56 0.53 5.91 1.29
N PHE A 57 -0.79 5.77 1.44
CA PHE A 57 -1.71 6.87 1.22
C PHE A 57 -1.60 7.91 2.33
N MET A 58 -2.07 9.12 2.06
CA MET A 58 -2.02 10.19 3.05
C MET A 58 -2.99 9.92 4.21
N PHE A 59 -4.22 9.55 3.86
CA PHE A 59 -5.24 9.27 4.87
C PHE A 59 -5.57 7.79 4.89
N PRO A 60 -5.92 7.28 6.08
CA PRO A 60 -6.27 5.87 6.27
C PRO A 60 -7.60 5.50 5.62
N GLU A 61 -8.53 6.45 5.61
CA GLU A 61 -9.84 6.24 5.02
C GLU A 61 -9.73 5.93 3.53
N HIS A 62 -8.93 6.73 2.83
CA HIS A 62 -8.73 6.55 1.40
C HIS A 62 -8.07 5.20 1.11
N ALA A 63 -7.00 4.90 1.84
CA ALA A 63 -6.28 3.64 1.67
C ALA A 63 -7.23 2.45 1.70
N VAL A 64 -8.27 2.56 2.52
CA VAL A 64 -9.25 1.49 2.65
C VAL A 64 -10.06 1.34 1.37
N LYS A 65 -10.57 2.46 0.85
CA LYS A 65 -11.37 2.45 -0.36
C LYS A 65 -10.64 1.71 -1.48
N ALA A 66 -9.37 2.08 -1.71
CA ALA A 66 -8.58 1.44 -2.74
C ALA A 66 -8.42 -0.05 -2.48
N TYR A 67 -8.03 -0.40 -1.26
CA TYR A 67 -7.85 -1.79 -0.88
C TYR A 67 -9.14 -2.58 -1.02
N ALA A 68 -10.26 -1.85 -1.05
CA ALA A 68 -11.57 -2.49 -1.18
C ALA A 68 -11.92 -2.70 -2.65
N GLU A 69 -11.50 -1.77 -3.50
CA GLU A 69 -11.78 -1.86 -4.93
C GLU A 69 -10.60 -2.50 -5.67
N VAL A 70 -9.44 -1.89 -5.56
CA VAL A 70 -8.24 -2.40 -6.22
C VAL A 70 -8.08 -3.90 -5.98
N ASP A 71 -8.13 -4.29 -4.71
CA ASP A 71 -7.99 -5.70 -4.35
C ASP A 71 -8.90 -6.58 -5.20
N GLY A 72 -8.40 -7.00 -6.35
CA GLY A 72 -9.19 -7.84 -7.24
C GLY A 72 -9.35 -7.23 -8.62
N GLN A 73 -8.43 -6.35 -8.98
CA GLN A 73 -8.47 -5.70 -10.28
C GLN A 73 -7.30 -6.13 -11.16
N VAL A 74 -7.49 -6.07 -12.47
CA VAL A 74 -6.44 -6.45 -13.41
C VAL A 74 -5.67 -5.23 -13.91
N PHE A 75 -4.36 -5.38 -14.05
CA PHE A 75 -3.51 -4.30 -14.51
C PHE A 75 -2.55 -4.77 -15.59
N GLN A 76 -2.80 -4.35 -16.84
CA GLN A 76 -1.96 -4.74 -17.96
C GLN A 76 -1.80 -6.26 -18.02
N GLY A 77 -2.81 -6.98 -17.54
CA GLY A 77 -2.77 -8.43 -17.54
C GLY A 77 -2.11 -9.00 -16.30
N ARG A 78 -2.27 -8.30 -15.18
CA ARG A 78 -1.68 -8.75 -13.92
C ARG A 78 -2.67 -8.60 -12.78
N MET A 79 -2.94 -9.71 -12.09
CA MET A 79 -3.88 -9.70 -10.97
C MET A 79 -3.27 -8.99 -9.76
N LEU A 80 -3.62 -7.72 -9.59
CA LEU A 80 -3.11 -6.94 -8.46
C LEU A 80 -3.65 -7.46 -7.15
N HIS A 81 -2.76 -7.80 -6.23
CA HIS A 81 -3.14 -8.30 -4.91
C HIS A 81 -2.86 -7.27 -3.83
N VAL A 82 -3.92 -6.72 -3.25
CA VAL A 82 -3.77 -5.72 -2.19
C VAL A 82 -4.03 -6.33 -0.82
N LEU A 83 -3.21 -5.96 0.15
CA LEU A 83 -3.34 -6.47 1.50
C LEU A 83 -3.05 -5.37 2.53
N PRO A 84 -3.89 -5.28 3.56
CA PRO A 84 -3.75 -4.29 4.63
C PRO A 84 -2.55 -4.57 5.52
N SER A 85 -1.73 -3.54 5.76
CA SER A 85 -0.55 -3.67 6.59
C SER A 85 -0.52 -2.61 7.67
N THR A 86 -0.30 -3.04 8.91
CA THR A 86 -0.24 -2.12 10.04
C THR A 86 1.14 -2.09 10.67
N ILE A 87 1.30 -1.30 11.72
CA ILE A 87 2.58 -1.17 12.40
C ILE A 87 2.71 -2.21 13.52
N LYS A 88 3.44 -3.29 13.24
CA LYS A 88 3.65 -4.35 14.21
C LYS A 88 4.59 -3.90 15.32
N LYS A 89 4.02 -3.34 16.39
CA LYS A 89 4.80 -2.87 17.51
C LYS A 89 4.73 -3.85 18.69
N GLU A 90 5.66 -3.73 19.62
CA GLU A 90 5.69 -4.60 20.78
C GLU A 90 5.82 -3.79 22.07
N ALA A 91 4.83 -3.94 22.94
CA ALA A 91 4.81 -3.23 24.22
C ALA A 91 3.82 -3.85 25.20
N SER A 92 4.34 -4.41 26.28
CA SER A 92 3.50 -5.05 27.29
C SER A 92 3.10 -4.05 28.36
N GLN A 93 1.87 -3.54 28.27
CA GLN A 93 1.37 -2.57 29.23
C GLN A 93 1.32 -3.18 30.63
N SER A 94 2.43 -3.08 31.36
CA SER A 94 2.50 -3.63 32.71
C SER A 94 3.44 -2.79 33.57
N GLY A 95 2.88 -2.12 34.58
CA GLY A 95 3.70 -1.31 35.46
C GLY A 95 2.88 -0.71 36.61
N PRO A 96 2.47 -1.57 37.55
CA PRO A 96 1.68 -1.15 38.71
C PRO A 96 2.49 -0.31 39.69
N SER A 97 3.81 -0.29 39.49
CA SER A 97 4.69 0.48 40.36
C SER A 97 4.08 1.83 40.70
N SER A 98 3.72 2.60 39.68
CA SER A 98 3.13 3.91 39.87
C SER A 98 2.09 3.88 40.98
N GLY A 99 2.02 4.97 41.75
CA GLY A 99 1.06 5.05 42.83
C GLY A 99 1.52 4.28 44.07
N GLY A 1 -10.11 -6.83 9.30
CA GLY A 1 -9.70 -7.47 10.53
C GLY A 1 -9.47 -6.48 11.65
N SER A 2 -8.58 -5.52 11.42
CA SER A 2 -8.27 -4.51 12.42
C SER A 2 -9.23 -3.33 12.32
N SER A 3 -9.73 -2.88 13.47
CA SER A 3 -10.66 -1.75 13.51
C SER A 3 -10.08 -0.60 14.32
N GLY A 4 -9.79 0.51 13.64
CA GLY A 4 -9.24 1.66 14.32
C GLY A 4 -7.79 1.90 13.97
N SER A 5 -7.51 3.00 13.27
CA SER A 5 -6.15 3.33 12.88
C SER A 5 -5.74 4.70 13.40
N SER A 6 -4.48 4.83 13.80
CA SER A 6 -3.98 6.09 14.34
C SER A 6 -3.89 7.14 13.24
N GLY A 7 -3.36 6.75 12.09
CA GLY A 7 -3.24 7.68 10.98
C GLY A 7 -2.25 7.21 9.93
N SER A 8 -2.40 5.95 9.51
CA SER A 8 -1.51 5.37 8.51
C SER A 8 -2.31 4.68 7.41
N GLY A 9 -1.99 5.00 6.16
CA GLY A 9 -2.68 4.41 5.04
C GLY A 9 -1.79 3.51 4.21
N ARG A 10 -0.94 2.74 4.88
CA ARG A 10 -0.02 1.84 4.19
C ARG A 10 -0.74 0.57 3.74
N LEU A 11 -0.39 0.10 2.55
CA LEU A 11 -0.99 -1.11 2.00
C LEU A 11 0.01 -1.90 1.17
N PHE A 12 -0.02 -3.22 1.32
CA PHE A 12 0.89 -4.09 0.58
C PHE A 12 0.30 -4.48 -0.77
N VAL A 13 1.08 -4.26 -1.83
CA VAL A 13 0.63 -4.59 -3.18
C VAL A 13 1.66 -5.43 -3.92
N ARG A 14 1.19 -6.43 -4.65
CA ARG A 14 2.07 -7.31 -5.41
C ARG A 14 1.49 -7.63 -6.78
N ASN A 15 2.20 -8.45 -7.54
CA ASN A 15 1.75 -8.84 -8.87
C ASN A 15 1.78 -7.65 -9.82
N LEU A 16 2.90 -6.95 -9.85
CA LEU A 16 3.07 -5.78 -10.73
C LEU A 16 3.69 -6.18 -12.06
N SER A 17 3.10 -5.71 -13.15
CA SER A 17 3.60 -6.01 -14.49
C SER A 17 4.92 -5.29 -14.74
N TYR A 18 5.98 -6.07 -14.94
CA TYR A 18 7.30 -5.52 -15.19
C TYR A 18 7.22 -4.38 -16.21
N THR A 19 6.20 -4.42 -17.05
CA THR A 19 6.02 -3.39 -18.07
C THR A 19 5.67 -2.06 -17.44
N SER A 20 4.82 -2.09 -16.42
CA SER A 20 4.41 -0.87 -15.73
C SER A 20 5.60 -0.19 -15.06
N SER A 21 5.50 1.12 -14.90
CA SER A 21 6.57 1.90 -14.27
C SER A 21 6.08 2.57 -13.00
N GLU A 22 7.02 2.91 -12.12
CA GLU A 22 6.69 3.55 -10.85
C GLU A 22 5.62 4.62 -11.05
N GLU A 23 5.75 5.39 -12.14
CA GLU A 23 4.81 6.45 -12.44
C GLU A 23 3.39 5.89 -12.59
N ASP A 24 3.23 4.93 -13.49
CA ASP A 24 1.94 4.32 -13.73
C ASP A 24 1.22 4.04 -12.41
N LEU A 25 1.95 3.45 -11.47
CA LEU A 25 1.38 3.11 -10.17
C LEU A 25 0.89 4.36 -9.46
N GLU A 26 1.75 5.37 -9.37
CA GLU A 26 1.38 6.63 -8.72
C GLU A 26 -0.01 7.08 -9.13
N LYS A 27 -0.19 7.26 -10.44
CA LYS A 27 -1.48 7.69 -10.97
C LYS A 27 -2.59 6.70 -10.60
N LEU A 28 -2.37 5.43 -10.94
CA LEU A 28 -3.35 4.39 -10.64
C LEU A 28 -3.97 4.60 -9.27
N PHE A 29 -3.16 4.45 -8.23
CA PHE A 29 -3.63 4.63 -6.87
C PHE A 29 -4.03 6.08 -6.61
N SER A 30 -3.11 7.00 -6.90
CA SER A 30 -3.37 8.42 -6.69
C SER A 30 -4.83 8.76 -6.99
N ALA A 31 -5.36 8.15 -8.04
CA ALA A 31 -6.75 8.38 -8.44
C ALA A 31 -7.67 8.38 -7.23
N TYR A 32 -7.57 7.33 -6.41
CA TYR A 32 -8.40 7.20 -5.22
C TYR A 32 -8.17 8.38 -4.27
N GLY A 33 -6.90 8.77 -4.12
CA GLY A 33 -6.57 9.87 -3.24
C GLY A 33 -5.10 10.24 -3.31
N PRO A 34 -4.70 11.25 -2.52
CA PRO A 34 -3.32 11.72 -2.47
C PRO A 34 -2.39 10.71 -1.82
N LEU A 35 -1.23 10.49 -2.43
CA LEU A 35 -0.24 9.55 -1.91
C LEU A 35 0.81 10.27 -1.08
N SER A 36 1.25 9.62 0.00
CA SER A 36 2.26 10.21 0.88
C SER A 36 3.66 9.76 0.46
N GLU A 37 3.82 8.47 0.22
CA GLU A 37 5.11 7.92 -0.18
C GLU A 37 4.93 6.63 -0.99
N LEU A 38 5.81 6.42 -1.95
CA LEU A 38 5.74 5.23 -2.80
C LEU A 38 7.07 4.46 -2.76
N HIS A 39 6.98 3.14 -2.88
CA HIS A 39 8.17 2.30 -2.87
C HIS A 39 8.11 1.25 -3.98
N TYR A 40 8.89 1.49 -5.03
CA TYR A 40 8.92 0.57 -6.17
C TYR A 40 10.32 -0.01 -6.36
N PRO A 41 10.53 -1.25 -5.88
CA PRO A 41 11.82 -1.93 -5.99
C PRO A 41 12.14 -2.33 -7.43
N ILE A 42 13.40 -2.15 -7.82
CA ILE A 42 13.84 -2.48 -9.17
C ILE A 42 15.23 -3.09 -9.15
N ASP A 43 15.35 -4.29 -9.71
CA ASP A 43 16.64 -4.98 -9.76
C ASP A 43 17.68 -4.14 -10.47
N SER A 44 18.86 -4.02 -9.87
CA SER A 44 19.94 -3.22 -10.45
C SER A 44 20.61 -3.98 -11.60
N LEU A 45 20.14 -5.19 -11.85
CA LEU A 45 20.68 -6.02 -12.92
C LEU A 45 19.75 -6.04 -14.12
N THR A 46 18.50 -6.44 -13.89
CA THR A 46 17.51 -6.50 -14.96
C THR A 46 16.74 -5.18 -15.07
N LYS A 47 17.06 -4.24 -14.20
CA LYS A 47 16.41 -2.93 -14.20
C LYS A 47 14.89 -3.09 -14.19
N LYS A 48 14.42 -4.20 -13.63
CA LYS A 48 12.99 -4.47 -13.55
C LYS A 48 12.59 -4.90 -12.15
N PRO A 49 11.35 -4.59 -11.75
CA PRO A 49 10.82 -4.94 -10.43
C PRO A 49 10.60 -6.44 -10.28
N LYS A 50 10.69 -6.93 -9.05
CA LYS A 50 10.50 -8.35 -8.78
C LYS A 50 9.01 -8.70 -8.78
N GLY A 51 8.16 -7.68 -8.77
CA GLY A 51 6.73 -7.90 -8.78
C GLY A 51 6.08 -7.58 -7.45
N PHE A 52 6.61 -6.58 -6.76
CA PHE A 52 6.09 -6.17 -5.46
C PHE A 52 6.43 -4.72 -5.16
N ALA A 53 5.57 -4.06 -4.37
CA ALA A 53 5.78 -2.67 -4.01
C ALA A 53 5.02 -2.32 -2.74
N PHE A 54 5.24 -1.11 -2.24
CA PHE A 54 4.59 -0.65 -1.03
C PHE A 54 4.01 0.76 -1.21
N VAL A 55 2.69 0.87 -1.11
CA VAL A 55 2.01 2.14 -1.25
C VAL A 55 1.56 2.69 0.09
N THR A 56 1.78 3.99 0.29
CA THR A 56 1.38 4.63 1.54
C THR A 56 0.49 5.84 1.28
N PHE A 57 -0.80 5.67 1.52
CA PHE A 57 -1.77 6.74 1.30
C PHE A 57 -1.64 7.81 2.39
N MET A 58 -2.00 9.04 2.04
CA MET A 58 -1.93 10.15 2.99
C MET A 58 -2.97 9.99 4.09
N PHE A 59 -4.19 9.62 3.71
CA PHE A 59 -5.27 9.44 4.67
C PHE A 59 -5.73 7.99 4.70
N PRO A 60 -6.11 7.52 5.90
CA PRO A 60 -6.57 6.14 6.10
C PRO A 60 -7.93 5.88 5.45
N GLU A 61 -8.78 6.92 5.45
CA GLU A 61 -10.11 6.80 4.86
C GLU A 61 -10.02 6.46 3.38
N HIS A 62 -8.98 6.95 2.73
CA HIS A 62 -8.78 6.70 1.30
C HIS A 62 -8.16 5.32 1.08
N ALA A 63 -7.10 5.03 1.82
CA ALA A 63 -6.41 3.74 1.70
C ALA A 63 -7.40 2.59 1.77
N VAL A 64 -8.40 2.72 2.63
CA VAL A 64 -9.42 1.68 2.79
C VAL A 64 -10.25 1.52 1.52
N LYS A 65 -10.76 2.64 1.01
CA LYS A 65 -11.56 2.63 -0.20
C LYS A 65 -10.83 1.94 -1.34
N ALA A 66 -9.53 2.20 -1.44
CA ALA A 66 -8.71 1.59 -2.49
C ALA A 66 -8.51 0.11 -2.24
N TYR A 67 -8.05 -0.24 -1.04
CA TYR A 67 -7.81 -1.63 -0.69
C TYR A 67 -9.05 -2.47 -0.94
N ALA A 68 -10.21 -1.81 -1.01
CA ALA A 68 -11.47 -2.50 -1.25
C ALA A 68 -11.70 -2.71 -2.75
N GLU A 69 -11.38 -1.69 -3.53
CA GLU A 69 -11.55 -1.76 -4.98
C GLU A 69 -10.36 -2.43 -5.64
N VAL A 70 -9.18 -1.84 -5.46
CA VAL A 70 -7.95 -2.37 -6.04
C VAL A 70 -7.87 -3.89 -5.85
N ASP A 71 -7.81 -4.31 -4.59
CA ASP A 71 -7.73 -5.73 -4.27
C ASP A 71 -8.57 -6.56 -5.24
N GLY A 72 -7.93 -7.07 -6.28
CA GLY A 72 -8.64 -7.87 -7.27
C GLY A 72 -8.85 -7.13 -8.58
N GLN A 73 -8.04 -6.11 -8.81
CA GLN A 73 -8.13 -5.33 -10.03
C GLN A 73 -7.01 -5.68 -11.01
N VAL A 74 -7.38 -5.95 -12.25
CA VAL A 74 -6.40 -6.31 -13.28
C VAL A 74 -5.70 -5.07 -13.82
N PHE A 75 -4.41 -5.20 -14.10
CA PHE A 75 -3.63 -4.10 -14.62
C PHE A 75 -2.66 -4.58 -15.70
N GLN A 76 -2.98 -4.29 -16.95
CA GLN A 76 -2.14 -4.69 -18.07
C GLN A 76 -2.00 -6.20 -18.13
N GLY A 77 -3.02 -6.90 -17.61
CA GLY A 77 -2.99 -8.36 -17.62
C GLY A 77 -2.29 -8.93 -16.40
N ARG A 78 -2.40 -8.22 -15.28
CA ARG A 78 -1.78 -8.67 -14.03
C ARG A 78 -2.74 -8.50 -12.86
N MET A 79 -3.01 -9.59 -12.16
CA MET A 79 -3.91 -9.57 -11.01
C MET A 79 -3.25 -8.88 -9.83
N LEU A 80 -3.56 -7.60 -9.64
CA LEU A 80 -3.00 -6.83 -8.53
C LEU A 80 -3.63 -7.22 -7.21
N HIS A 81 -2.80 -7.74 -6.30
CA HIS A 81 -3.27 -8.17 -4.99
C HIS A 81 -2.93 -7.12 -3.92
N VAL A 82 -3.88 -6.86 -3.03
CA VAL A 82 -3.68 -5.89 -1.96
C VAL A 82 -4.07 -6.48 -0.60
N LEU A 83 -3.12 -6.46 0.33
CA LEU A 83 -3.36 -6.98 1.67
C LEU A 83 -3.26 -5.88 2.71
N PRO A 84 -4.10 -5.97 3.76
CA PRO A 84 -4.12 -4.98 4.84
C PRO A 84 -2.88 -5.06 5.73
N SER A 85 -2.29 -3.91 6.02
CA SER A 85 -1.09 -3.85 6.85
C SER A 85 -1.09 -2.60 7.72
N THR A 86 -0.92 -2.80 9.02
CA THR A 86 -0.90 -1.68 9.97
C THR A 86 0.26 -1.81 10.94
N ILE A 87 0.53 -0.74 11.68
CA ILE A 87 1.63 -0.72 12.64
C ILE A 87 1.41 -1.77 13.72
N LYS A 88 2.18 -2.85 13.65
CA LYS A 88 2.07 -3.93 14.62
C LYS A 88 2.64 -3.51 15.98
N LYS A 89 1.81 -2.84 16.77
CA LYS A 89 2.22 -2.37 18.09
C LYS A 89 1.01 -2.05 18.96
N GLU A 90 0.96 -2.64 20.15
CA GLU A 90 -0.15 -2.43 21.08
C GLU A 90 -1.46 -2.90 20.47
N ALA A 91 -1.47 -4.14 19.98
CA ALA A 91 -2.67 -4.70 19.37
C ALA A 91 -3.22 -5.86 20.21
N SER A 92 -2.32 -6.71 20.68
CA SER A 92 -2.71 -7.86 21.49
C SER A 92 -2.29 -7.66 22.94
N GLN A 93 -2.53 -6.47 23.47
CA GLN A 93 -2.17 -6.15 24.85
C GLN A 93 -3.11 -6.86 25.82
N SER A 94 -2.58 -7.27 26.96
CA SER A 94 -3.36 -7.96 27.98
C SER A 94 -4.01 -6.95 28.93
N GLY A 95 -3.24 -5.94 29.33
CA GLY A 95 -3.75 -4.93 30.24
C GLY A 95 -4.00 -3.60 29.55
N PRO A 96 -5.18 -3.48 28.91
CA PRO A 96 -5.55 -2.25 28.19
C PRO A 96 -5.84 -1.10 29.15
N SER A 97 -6.51 -1.40 30.26
CA SER A 97 -6.85 -0.37 31.23
C SER A 97 -6.00 -0.53 32.50
N SER A 98 -5.82 0.56 33.23
CA SER A 98 -5.04 0.54 34.46
C SER A 98 -5.48 -0.59 35.37
N GLY A 99 -6.78 -0.63 35.66
CA GLY A 99 -7.31 -1.67 36.52
C GLY A 99 -7.70 -1.15 37.89
N GLY A 1 -13.03 -3.71 11.57
CA GLY A 1 -12.46 -3.54 12.90
C GLY A 1 -11.79 -2.19 13.06
N SER A 2 -10.51 -2.21 13.42
CA SER A 2 -9.76 -0.97 13.61
C SER A 2 -8.59 -0.89 12.63
N SER A 3 -8.87 -0.39 11.44
CA SER A 3 -7.84 -0.26 10.41
C SER A 3 -7.24 1.15 10.40
N GLY A 4 -5.92 1.23 10.31
CA GLY A 4 -5.25 2.51 10.30
C GLY A 4 -5.59 3.35 11.52
N SER A 5 -5.28 2.81 12.70
CA SER A 5 -5.55 3.52 13.95
C SER A 5 -4.39 4.43 14.33
N SER A 6 -4.49 5.70 13.95
CA SER A 6 -3.44 6.67 14.25
C SER A 6 -2.09 6.19 13.72
N GLY A 7 -2.08 5.71 12.48
CA GLY A 7 -0.85 5.23 11.88
C GLY A 7 -0.60 5.83 10.51
N SER A 8 -0.91 5.07 9.47
CA SER A 8 -0.70 5.54 8.10
C SER A 8 -1.48 4.67 7.11
N GLY A 9 -1.80 5.25 5.96
CA GLY A 9 -2.54 4.51 4.95
C GLY A 9 -1.65 3.60 4.12
N ARG A 10 -0.68 2.96 4.79
CA ARG A 10 0.23 2.05 4.12
C ARG A 10 -0.46 0.73 3.79
N LEU A 11 -0.20 0.22 2.60
CA LEU A 11 -0.79 -1.05 2.17
C LEU A 11 0.21 -1.88 1.37
N PHE A 12 0.03 -3.19 1.38
CA PHE A 12 0.91 -4.09 0.65
C PHE A 12 0.31 -4.48 -0.70
N VAL A 13 1.07 -4.26 -1.76
CA VAL A 13 0.62 -4.59 -3.10
C VAL A 13 1.60 -5.52 -3.81
N ARG A 14 1.07 -6.46 -4.57
CA ARG A 14 1.90 -7.41 -5.30
C ARG A 14 1.32 -7.71 -6.68
N ASN A 15 2.06 -8.46 -7.48
CA ASN A 15 1.61 -8.82 -8.83
C ASN A 15 1.72 -7.61 -9.77
N LEU A 16 2.86 -6.94 -9.74
CA LEU A 16 3.08 -5.78 -10.59
C LEU A 16 3.69 -6.19 -11.93
N SER A 17 3.10 -5.69 -13.01
CA SER A 17 3.58 -6.00 -14.35
C SER A 17 4.87 -5.25 -14.66
N TYR A 18 5.88 -5.98 -15.12
CA TYR A 18 7.17 -5.39 -15.45
C TYR A 18 6.99 -4.24 -16.43
N THR A 19 5.84 -4.19 -17.09
CA THR A 19 5.54 -3.15 -18.06
C THR A 19 5.16 -1.85 -17.36
N SER A 20 4.58 -1.97 -16.18
CA SER A 20 4.15 -0.80 -15.41
C SER A 20 5.34 0.11 -15.11
N SER A 21 5.05 1.39 -14.86
CA SER A 21 6.10 2.36 -14.57
C SER A 21 5.86 3.01 -13.21
N GLU A 22 6.94 3.22 -12.46
CA GLU A 22 6.85 3.83 -11.14
C GLU A 22 5.87 5.00 -11.16
N GLU A 23 5.69 5.61 -12.32
CA GLU A 23 4.78 6.74 -12.47
C GLU A 23 3.36 6.26 -12.75
N ASP A 24 3.25 5.25 -13.61
CA ASP A 24 1.94 4.70 -13.96
C ASP A 24 1.18 4.27 -12.72
N LEU A 25 1.90 3.77 -11.72
CA LEU A 25 1.29 3.32 -10.48
C LEU A 25 0.71 4.51 -9.70
N GLU A 26 1.56 5.48 -9.40
CA GLU A 26 1.13 6.66 -8.66
C GLU A 26 -0.25 7.14 -9.14
N LYS A 27 -0.41 7.22 -10.45
CA LYS A 27 -1.67 7.66 -11.04
C LYS A 27 -2.78 6.66 -10.74
N LEU A 28 -2.49 5.38 -10.91
CA LEU A 28 -3.47 4.32 -10.65
C LEU A 28 -4.08 4.48 -9.27
N PHE A 29 -3.23 4.41 -8.25
CA PHE A 29 -3.69 4.53 -6.87
C PHE A 29 -4.16 5.96 -6.58
N SER A 30 -3.44 6.94 -7.12
CA SER A 30 -3.79 8.34 -6.92
C SER A 30 -5.28 8.56 -7.14
N ALA A 31 -5.82 7.97 -8.19
CA ALA A 31 -7.24 8.10 -8.52
C ALA A 31 -8.09 8.01 -7.25
N TYR A 32 -7.64 7.20 -6.29
CA TYR A 32 -8.38 7.02 -5.05
C TYR A 32 -8.13 8.19 -4.11
N GLY A 33 -6.87 8.65 -4.05
CA GLY A 33 -6.53 9.76 -3.18
C GLY A 33 -5.07 10.16 -3.31
N PRO A 34 -4.66 11.17 -2.51
CA PRO A 34 -3.29 11.66 -2.53
C PRO A 34 -2.31 10.66 -1.92
N LEU A 35 -1.25 10.35 -2.67
CA LEU A 35 -0.24 9.41 -2.21
C LEU A 35 0.82 10.11 -1.37
N SER A 36 1.17 9.51 -0.24
CA SER A 36 2.18 10.08 0.65
C SER A 36 3.58 9.66 0.23
N GLU A 37 3.73 8.38 -0.10
CA GLU A 37 5.02 7.84 -0.51
C GLU A 37 4.84 6.58 -1.35
N LEU A 38 5.77 6.35 -2.27
CA LEU A 38 5.72 5.17 -3.13
C LEU A 38 6.96 4.31 -2.97
N HIS A 39 6.80 3.01 -3.11
CA HIS A 39 7.91 2.07 -2.98
C HIS A 39 7.91 1.06 -4.12
N TYR A 40 8.77 1.29 -5.10
CA TYR A 40 8.87 0.40 -6.25
C TYR A 40 10.26 -0.23 -6.35
N PRO A 41 10.39 -1.47 -5.87
CA PRO A 41 11.66 -2.20 -5.88
C PRO A 41 12.07 -2.60 -7.29
N ILE A 42 13.36 -2.41 -7.60
CA ILE A 42 13.88 -2.77 -8.92
C ILE A 42 15.28 -3.35 -8.81
N ASP A 43 15.46 -4.53 -9.39
CA ASP A 43 16.76 -5.20 -9.37
C ASP A 43 17.86 -4.27 -9.87
N SER A 44 19.05 -4.41 -9.29
CA SER A 44 20.19 -3.59 -9.66
C SER A 44 20.91 -4.17 -10.88
N LEU A 45 20.57 -5.40 -11.23
CA LEU A 45 21.17 -6.07 -12.37
C LEU A 45 20.25 -6.05 -13.58
N THR A 46 19.04 -6.61 -13.40
CA THR A 46 18.07 -6.66 -14.48
C THR A 46 17.41 -5.29 -14.68
N LYS A 47 17.48 -4.45 -13.66
CA LYS A 47 16.90 -3.11 -13.73
C LYS A 47 15.38 -3.18 -13.91
N LYS A 48 14.77 -4.22 -13.34
CA LYS A 48 13.34 -4.41 -13.44
C LYS A 48 12.75 -4.84 -12.10
N PRO A 49 11.46 -4.53 -11.89
CA PRO A 49 10.75 -4.88 -10.65
C PRO A 49 10.52 -6.38 -10.52
N LYS A 50 10.43 -6.85 -9.29
CA LYS A 50 10.20 -8.27 -9.02
C LYS A 50 8.71 -8.62 -9.14
N GLY A 51 7.89 -7.59 -9.29
CA GLY A 51 6.45 -7.81 -9.41
C GLY A 51 5.72 -7.50 -8.13
N PHE A 52 6.18 -6.50 -7.40
CA PHE A 52 5.56 -6.11 -6.14
C PHE A 52 5.96 -4.69 -5.75
N ALA A 53 5.13 -4.05 -4.93
CA ALA A 53 5.39 -2.68 -4.49
C ALA A 53 4.56 -2.34 -3.25
N PHE A 54 4.88 -1.21 -2.63
CA PHE A 54 4.17 -0.78 -1.43
C PHE A 54 3.69 0.67 -1.59
N VAL A 55 2.38 0.84 -1.51
CA VAL A 55 1.77 2.17 -1.64
C VAL A 55 1.38 2.73 -0.28
N THR A 56 1.70 4.00 -0.05
CA THR A 56 1.38 4.65 1.21
C THR A 56 0.54 5.90 0.98
N PHE A 57 -0.72 5.85 1.42
CA PHE A 57 -1.62 6.99 1.26
C PHE A 57 -1.48 7.97 2.41
N MET A 58 -1.96 9.19 2.21
CA MET A 58 -1.88 10.22 3.24
C MET A 58 -2.95 10.02 4.30
N PHE A 59 -4.18 9.78 3.85
CA PHE A 59 -5.30 9.57 4.77
C PHE A 59 -5.66 8.09 4.86
N PRO A 60 -6.12 7.66 6.04
CA PRO A 60 -6.50 6.27 6.29
C PRO A 60 -7.77 5.88 5.54
N GLU A 61 -8.72 6.81 5.48
CA GLU A 61 -9.99 6.56 4.80
C GLU A 61 -9.76 6.32 3.30
N HIS A 62 -8.65 6.84 2.79
CA HIS A 62 -8.32 6.68 1.39
C HIS A 62 -7.76 5.29 1.10
N ALA A 63 -6.97 4.77 2.04
CA ALA A 63 -6.37 3.45 1.90
C ALA A 63 -7.44 2.36 1.94
N VAL A 64 -8.53 2.63 2.65
CA VAL A 64 -9.62 1.67 2.77
C VAL A 64 -10.35 1.50 1.43
N LYS A 65 -10.82 2.61 0.88
CA LYS A 65 -11.53 2.57 -0.40
C LYS A 65 -10.70 1.87 -1.47
N ALA A 66 -9.39 2.12 -1.45
CA ALA A 66 -8.49 1.50 -2.42
C ALA A 66 -8.34 0.00 -2.15
N TYR A 67 -8.06 -0.35 -0.90
CA TYR A 67 -7.90 -1.74 -0.51
C TYR A 67 -9.17 -2.54 -0.77
N ALA A 68 -10.29 -1.84 -0.83
CA ALA A 68 -11.57 -2.48 -1.07
C ALA A 68 -11.82 -2.67 -2.55
N GLU A 69 -11.40 -1.69 -3.35
CA GLU A 69 -11.57 -1.74 -4.80
C GLU A 69 -10.35 -2.36 -5.47
N VAL A 70 -9.20 -1.73 -5.27
CA VAL A 70 -7.95 -2.21 -5.85
C VAL A 70 -7.80 -3.72 -5.69
N ASP A 71 -7.95 -4.18 -4.44
CA ASP A 71 -7.84 -5.60 -4.14
C ASP A 71 -8.68 -6.42 -5.10
N GLY A 72 -8.06 -6.88 -6.19
CA GLY A 72 -8.77 -7.67 -7.18
C GLY A 72 -8.97 -6.93 -8.48
N GLN A 73 -8.02 -6.08 -8.84
CA GLN A 73 -8.10 -5.30 -10.07
C GLN A 73 -6.95 -5.65 -11.00
N VAL A 74 -7.27 -5.96 -12.25
CA VAL A 74 -6.26 -6.31 -13.23
C VAL A 74 -5.56 -5.06 -13.77
N PHE A 75 -4.24 -5.14 -13.88
CA PHE A 75 -3.45 -4.01 -14.39
C PHE A 75 -2.39 -4.49 -15.36
N GLN A 76 -2.53 -4.07 -16.62
CA GLN A 76 -1.59 -4.44 -17.67
C GLN A 76 -1.49 -5.97 -17.79
N GLY A 77 -2.57 -6.65 -17.40
CA GLY A 77 -2.58 -8.10 -17.47
C GLY A 77 -1.98 -8.75 -16.26
N ARG A 78 -2.14 -8.11 -15.10
CA ARG A 78 -1.59 -8.63 -13.85
C ARG A 78 -2.58 -8.43 -12.70
N MET A 79 -3.07 -9.54 -12.15
CA MET A 79 -4.02 -9.49 -11.04
C MET A 79 -3.40 -8.82 -9.82
N LEU A 80 -3.65 -7.53 -9.66
CA LEU A 80 -3.11 -6.78 -8.53
C LEU A 80 -3.74 -7.24 -7.22
N HIS A 81 -2.90 -7.68 -6.29
CA HIS A 81 -3.38 -8.15 -4.99
C HIS A 81 -3.01 -7.16 -3.89
N VAL A 82 -3.98 -6.81 -3.06
CA VAL A 82 -3.76 -5.87 -1.97
C VAL A 82 -4.10 -6.51 -0.62
N LEU A 83 -3.20 -6.33 0.35
CA LEU A 83 -3.40 -6.89 1.68
C LEU A 83 -3.22 -5.82 2.75
N PRO A 84 -4.03 -5.91 3.82
CA PRO A 84 -3.97 -4.96 4.93
C PRO A 84 -2.69 -5.10 5.76
N SER A 85 -2.00 -3.99 5.96
CA SER A 85 -0.76 -3.99 6.73
C SER A 85 -0.84 -3.01 7.89
N THR A 86 0.06 -3.17 8.86
CA THR A 86 0.08 -2.30 10.03
C THR A 86 1.51 -1.84 10.34
N ILE A 87 1.66 -1.07 11.41
CA ILE A 87 2.96 -0.57 11.81
C ILE A 87 3.66 -1.54 12.77
N LYS A 88 4.93 -1.83 12.50
CA LYS A 88 5.70 -2.73 13.34
C LYS A 88 6.53 -1.96 14.35
N LYS A 89 6.18 -2.10 15.63
CA LYS A 89 6.90 -1.42 16.70
C LYS A 89 7.67 -2.41 17.57
N GLU A 90 8.95 -2.14 17.78
CA GLU A 90 9.80 -3.01 18.59
C GLU A 90 10.96 -2.23 19.20
N ALA A 91 11.62 -2.83 20.18
CA ALA A 91 12.76 -2.20 20.84
C ALA A 91 12.32 -0.93 21.56
N SER A 92 11.16 -0.99 22.21
CA SER A 92 10.64 0.17 22.93
C SER A 92 10.42 -0.17 24.41
N GLN A 93 10.88 0.71 25.29
CA GLN A 93 10.74 0.50 26.72
C GLN A 93 9.85 1.58 27.34
N SER A 94 8.81 1.14 28.04
CA SER A 94 7.88 2.08 28.68
C SER A 94 7.17 1.41 29.86
N GLY A 95 6.74 2.23 30.82
CA GLY A 95 6.07 1.70 31.98
C GLY A 95 6.87 1.91 33.26
N PRO A 96 6.98 3.16 33.70
CA PRO A 96 7.73 3.51 34.92
C PRO A 96 7.03 3.03 36.18
N SER A 97 7.71 2.16 36.93
CA SER A 97 7.15 1.63 38.17
C SER A 97 7.39 2.58 39.34
N SER A 98 6.57 2.46 40.38
CA SER A 98 6.69 3.32 41.55
C SER A 98 6.82 2.48 42.82
N GLY A 99 5.85 1.59 43.03
CA GLY A 99 5.88 0.73 44.20
C GLY A 99 4.48 0.34 44.67
N GLY A 1 -11.83 6.28 27.56
CA GLY A 1 -11.58 6.32 26.13
C GLY A 1 -10.15 6.72 25.81
N SER A 2 -9.85 6.83 24.52
CA SER A 2 -8.52 7.19 24.07
C SER A 2 -8.57 8.41 23.16
N SER A 3 -7.65 9.35 23.39
CA SER A 3 -7.59 10.57 22.60
C SER A 3 -6.53 10.45 21.51
N GLY A 4 -6.48 9.29 20.86
CA GLY A 4 -5.50 9.08 19.80
C GLY A 4 -6.09 9.30 18.43
N SER A 5 -5.28 9.08 17.40
CA SER A 5 -5.72 9.27 16.03
C SER A 5 -5.04 8.27 15.09
N SER A 6 -5.66 8.03 13.94
CA SER A 6 -5.11 7.09 12.96
C SER A 6 -3.90 7.70 12.26
N GLY A 7 -3.00 6.83 11.81
CA GLY A 7 -1.80 7.28 11.13
C GLY A 7 -1.04 6.15 10.47
N SER A 8 -1.75 5.36 9.66
CA SER A 8 -1.12 4.23 8.97
C SER A 8 -0.97 4.53 7.48
N GLY A 9 -2.09 4.76 6.80
CA GLY A 9 -2.05 5.05 5.39
C GLY A 9 -1.05 4.18 4.64
N ARG A 10 -0.96 2.92 5.04
CA ARG A 10 -0.02 1.99 4.40
C ARG A 10 -0.78 0.82 3.78
N LEU A 11 -0.30 0.37 2.63
CA LEU A 11 -0.93 -0.74 1.91
C LEU A 11 0.12 -1.56 1.16
N PHE A 12 -0.08 -2.88 1.13
CA PHE A 12 0.85 -3.76 0.43
C PHE A 12 0.27 -4.22 -0.91
N VAL A 13 1.07 -4.09 -1.95
CA VAL A 13 0.65 -4.47 -3.29
C VAL A 13 1.71 -5.33 -3.99
N ARG A 14 1.26 -6.29 -4.78
CA ARG A 14 2.18 -7.16 -5.50
C ARG A 14 1.63 -7.50 -6.89
N ASN A 15 2.39 -8.28 -7.65
CA ASN A 15 1.99 -8.68 -8.99
C ASN A 15 1.98 -7.47 -9.93
N LEU A 16 3.08 -6.72 -9.93
CA LEU A 16 3.20 -5.54 -10.78
C LEU A 16 3.80 -5.91 -12.14
N SER A 17 3.23 -5.36 -13.20
CA SER A 17 3.71 -5.64 -14.55
C SER A 17 5.02 -4.90 -14.81
N TYR A 18 6.05 -5.64 -15.19
CA TYR A 18 7.35 -5.07 -15.47
C TYR A 18 7.24 -3.93 -16.50
N THR A 19 6.15 -3.94 -17.25
CA THR A 19 5.91 -2.92 -18.26
C THR A 19 5.56 -1.57 -17.63
N SER A 20 4.86 -1.63 -16.50
CA SER A 20 4.46 -0.42 -15.79
C SER A 20 5.65 0.24 -15.11
N SER A 21 5.56 1.55 -14.89
CA SER A 21 6.63 2.28 -14.24
C SER A 21 6.14 2.96 -12.96
N GLU A 22 7.06 3.20 -12.04
CA GLU A 22 6.72 3.83 -10.77
C GLU A 22 5.67 4.91 -10.96
N GLU A 23 5.71 5.57 -12.11
CA GLU A 23 4.75 6.63 -12.42
C GLU A 23 3.33 6.07 -12.50
N ASP A 24 3.08 5.21 -13.48
CA ASP A 24 1.77 4.61 -13.67
C ASP A 24 1.12 4.33 -12.32
N LEU A 25 1.83 3.62 -11.46
CA LEU A 25 1.32 3.27 -10.13
C LEU A 25 0.84 4.52 -9.40
N GLU A 26 1.75 5.46 -9.17
CA GLU A 26 1.42 6.71 -8.47
C GLU A 26 0.04 7.20 -8.89
N LYS A 27 -0.17 7.34 -10.20
CA LYS A 27 -1.44 7.80 -10.73
C LYS A 27 -2.56 6.82 -10.42
N LEU A 28 -2.41 5.59 -10.89
CA LEU A 28 -3.40 4.55 -10.67
C LEU A 28 -4.01 4.68 -9.28
N PHE A 29 -3.16 4.63 -8.26
CA PHE A 29 -3.61 4.73 -6.88
C PHE A 29 -4.10 6.15 -6.57
N SER A 30 -3.31 7.14 -6.98
CA SER A 30 -3.65 8.54 -6.76
C SER A 30 -5.13 8.78 -7.03
N ALA A 31 -5.65 8.13 -8.07
CA ALA A 31 -7.05 8.27 -8.44
C ALA A 31 -7.95 8.21 -7.22
N TYR A 32 -7.64 7.30 -6.30
CA TYR A 32 -8.43 7.14 -5.09
C TYR A 32 -8.23 8.32 -4.15
N GLY A 33 -7.01 8.85 -4.12
CA GLY A 33 -6.71 9.98 -3.26
C GLY A 33 -5.26 10.38 -3.31
N PRO A 34 -4.88 11.37 -2.49
CA PRO A 34 -3.50 11.87 -2.43
C PRO A 34 -2.55 10.86 -1.80
N LEU A 35 -1.43 10.63 -2.47
CA LEU A 35 -0.42 9.68 -1.97
C LEU A 35 0.61 10.39 -1.10
N SER A 36 1.19 9.64 -0.17
CA SER A 36 2.19 10.19 0.73
C SER A 36 3.60 9.77 0.32
N GLU A 37 3.74 8.48 -0.01
CA GLU A 37 5.03 7.94 -0.42
C GLU A 37 4.86 6.64 -1.19
N LEU A 38 5.76 6.38 -2.13
CA LEU A 38 5.70 5.16 -2.94
C LEU A 38 7.05 4.45 -2.94
N HIS A 39 7.01 3.13 -2.92
CA HIS A 39 8.23 2.33 -2.92
C HIS A 39 8.19 1.29 -4.04
N TYR A 40 8.95 1.54 -5.10
CA TYR A 40 9.01 0.64 -6.24
C TYR A 40 10.38 -0.02 -6.35
N PRO A 41 10.53 -1.21 -5.76
CA PRO A 41 11.78 -1.97 -5.77
C PRO A 41 12.11 -2.51 -7.15
N ILE A 42 13.39 -2.49 -7.50
CA ILE A 42 13.83 -2.98 -8.80
C ILE A 42 15.15 -3.74 -8.68
N ASP A 43 15.39 -4.65 -9.61
CA ASP A 43 16.61 -5.45 -9.61
C ASP A 43 17.76 -4.68 -10.26
N SER A 44 18.91 -4.67 -9.58
CA SER A 44 20.08 -3.96 -10.08
C SER A 44 20.75 -4.76 -11.20
N LEU A 45 20.15 -5.89 -11.56
CA LEU A 45 20.68 -6.74 -12.62
C LEU A 45 19.86 -6.61 -13.89
N THR A 46 18.57 -6.93 -13.80
CA THR A 46 17.68 -6.85 -14.94
C THR A 46 17.04 -5.47 -15.04
N LYS A 47 17.18 -4.68 -13.99
CA LYS A 47 16.62 -3.34 -13.95
C LYS A 47 15.10 -3.39 -14.04
N LYS A 48 14.51 -4.49 -13.59
CA LYS A 48 13.06 -4.67 -13.61
C LYS A 48 12.54 -5.05 -12.23
N PRO A 49 11.31 -4.62 -11.92
CA PRO A 49 10.66 -4.92 -10.63
C PRO A 49 10.30 -6.38 -10.49
N LYS A 50 10.59 -6.95 -9.33
CA LYS A 50 10.29 -8.35 -9.05
C LYS A 50 8.77 -8.58 -9.03
N GLY A 51 8.02 -7.49 -8.91
CA GLY A 51 6.56 -7.61 -8.88
C GLY A 51 5.99 -7.33 -7.50
N PHE A 52 6.57 -6.34 -6.82
CA PHE A 52 6.11 -5.97 -5.48
C PHE A 52 6.43 -4.51 -5.19
N ALA A 53 5.53 -3.86 -4.44
CA ALA A 53 5.72 -2.46 -4.08
C ALA A 53 4.87 -2.08 -2.86
N PHE A 54 5.15 -0.92 -2.30
CA PHE A 54 4.42 -0.45 -1.13
C PHE A 54 3.83 0.94 -1.37
N VAL A 55 2.52 1.05 -1.27
CA VAL A 55 1.83 2.32 -1.48
C VAL A 55 1.35 2.90 -0.15
N THR A 56 1.83 4.10 0.16
CA THR A 56 1.45 4.77 1.40
C THR A 56 0.56 5.97 1.12
N PHE A 57 -0.73 5.82 1.38
CA PHE A 57 -1.70 6.89 1.16
C PHE A 57 -1.61 7.94 2.27
N MET A 58 -1.96 9.18 1.93
CA MET A 58 -1.92 10.27 2.90
C MET A 58 -2.88 10.00 4.06
N PHE A 59 -4.09 9.57 3.74
CA PHE A 59 -5.09 9.28 4.76
C PHE A 59 -5.49 7.81 4.72
N PRO A 60 -5.78 7.25 5.91
CA PRO A 60 -6.18 5.84 6.04
C PRO A 60 -7.57 5.58 5.46
N GLU A 61 -8.48 6.53 5.65
CA GLU A 61 -9.84 6.39 5.15
C GLU A 61 -9.83 6.07 3.65
N HIS A 62 -8.99 6.78 2.90
CA HIS A 62 -8.89 6.57 1.47
C HIS A 62 -8.24 5.23 1.15
N ALA A 63 -7.19 4.89 1.91
CA ALA A 63 -6.48 3.63 1.71
C ALA A 63 -7.43 2.45 1.76
N VAL A 64 -8.38 2.50 2.68
CA VAL A 64 -9.37 1.42 2.82
C VAL A 64 -10.20 1.27 1.57
N LYS A 65 -10.71 2.38 1.05
CA LYS A 65 -11.52 2.37 -0.16
C LYS A 65 -10.77 1.72 -1.32
N ALA A 66 -9.48 2.02 -1.43
CA ALA A 66 -8.65 1.46 -2.49
C ALA A 66 -8.44 -0.03 -2.28
N TYR A 67 -8.27 -0.43 -1.03
CA TYR A 67 -8.06 -1.84 -0.69
C TYR A 67 -9.33 -2.65 -0.91
N ALA A 68 -10.47 -1.97 -0.88
CA ALA A 68 -11.75 -2.63 -1.08
C ALA A 68 -12.10 -2.73 -2.57
N GLU A 69 -11.55 -1.82 -3.36
CA GLU A 69 -11.80 -1.81 -4.80
C GLU A 69 -10.64 -2.44 -5.56
N VAL A 70 -9.44 -1.91 -5.35
CA VAL A 70 -8.25 -2.42 -6.01
C VAL A 70 -8.10 -3.93 -5.79
N ASP A 71 -8.02 -4.32 -4.52
CA ASP A 71 -7.88 -5.73 -4.17
C ASP A 71 -8.72 -6.61 -5.09
N GLY A 72 -8.12 -7.09 -6.18
CA GLY A 72 -8.83 -7.93 -7.11
C GLY A 72 -9.04 -7.25 -8.45
N GLN A 73 -8.12 -6.37 -8.82
CA GLN A 73 -8.21 -5.65 -10.08
C GLN A 73 -7.14 -6.13 -11.07
N VAL A 74 -7.40 -5.93 -12.35
CA VAL A 74 -6.46 -6.34 -13.39
C VAL A 74 -5.72 -5.15 -13.98
N PHE A 75 -4.44 -5.33 -14.23
CA PHE A 75 -3.61 -4.25 -14.79
C PHE A 75 -2.62 -4.82 -15.81
N GLN A 76 -2.85 -4.51 -17.08
CA GLN A 76 -1.97 -4.98 -18.15
C GLN A 76 -1.87 -6.50 -18.13
N GLY A 77 -2.92 -7.16 -17.65
CA GLY A 77 -2.92 -8.62 -17.59
C GLY A 77 -2.17 -9.15 -16.39
N ARG A 78 -2.19 -8.39 -15.29
CA ARG A 78 -1.50 -8.80 -14.07
C ARG A 78 -2.43 -8.70 -12.87
N MET A 79 -2.75 -9.85 -12.28
CA MET A 79 -3.62 -9.89 -11.12
C MET A 79 -2.99 -9.19 -9.92
N LEU A 80 -3.42 -7.96 -9.67
CA LEU A 80 -2.89 -7.18 -8.55
C LEU A 80 -3.54 -7.59 -7.24
N HIS A 81 -2.70 -7.81 -6.22
CA HIS A 81 -3.19 -8.21 -4.91
C HIS A 81 -2.90 -7.14 -3.87
N VAL A 82 -3.89 -6.85 -3.02
CA VAL A 82 -3.74 -5.84 -1.98
C VAL A 82 -4.05 -6.42 -0.60
N LEU A 83 -3.15 -6.20 0.34
CA LEU A 83 -3.34 -6.70 1.70
C LEU A 83 -3.12 -5.58 2.73
N PRO A 84 -3.97 -5.57 3.76
CA PRO A 84 -3.90 -4.57 4.83
C PRO A 84 -2.66 -4.74 5.71
N SER A 85 -1.93 -3.65 5.93
CA SER A 85 -0.73 -3.69 6.74
C SER A 85 -0.70 -2.53 7.74
N THR A 86 -0.75 -2.86 9.03
CA THR A 86 -0.73 -1.85 10.08
C THR A 86 0.39 -2.11 11.07
N ILE A 87 0.60 -1.15 11.98
CA ILE A 87 1.64 -1.28 12.99
C ILE A 87 1.55 -2.62 13.71
N LYS A 88 2.50 -3.49 13.43
CA LYS A 88 2.54 -4.81 14.05
C LYS A 88 3.18 -4.75 15.44
N LYS A 89 2.59 -5.46 16.39
CA LYS A 89 3.09 -5.48 17.75
C LYS A 89 2.47 -6.62 18.55
N GLU A 90 3.25 -7.20 19.45
CA GLU A 90 2.78 -8.31 20.28
C GLU A 90 3.22 -8.12 21.73
N ALA A 91 2.27 -8.33 22.65
CA ALA A 91 2.56 -8.19 24.08
C ALA A 91 1.57 -8.98 24.91
N SER A 92 1.88 -9.16 26.19
CA SER A 92 1.02 -9.91 27.10
C SER A 92 0.40 -8.98 28.14
N GLN A 93 -0.87 -9.21 28.45
CA GLN A 93 -1.58 -8.40 29.43
C GLN A 93 -2.27 -9.27 30.46
N SER A 94 -1.77 -9.23 31.70
CA SER A 94 -2.35 -10.03 32.78
C SER A 94 -2.68 -9.15 33.98
N GLY A 95 -3.94 -8.72 34.06
CA GLY A 95 -4.37 -7.88 35.15
C GLY A 95 -5.46 -6.91 34.75
N PRO A 96 -6.37 -6.62 35.69
CA PRO A 96 -7.49 -5.71 35.45
C PRO A 96 -7.04 -4.26 35.31
N SER A 97 -6.92 -3.80 34.07
CA SER A 97 -6.49 -2.43 33.79
C SER A 97 -7.41 -1.77 32.77
N SER A 98 -8.06 -0.67 33.19
CA SER A 98 -8.96 0.05 32.30
C SER A 98 -8.23 0.58 31.08
N GLY A 99 -8.72 0.21 29.90
CA GLY A 99 -8.10 0.66 28.67
C GLY A 99 -8.99 0.43 27.46
N GLY A 1 -17.29 13.89 18.83
CA GLY A 1 -17.19 13.78 17.38
C GLY A 1 -16.49 12.51 16.95
N SER A 2 -15.75 12.58 15.85
CA SER A 2 -15.04 11.42 15.32
C SER A 2 -13.58 11.77 15.04
N SER A 3 -12.68 10.83 15.33
CA SER A 3 -11.27 11.03 15.10
C SER A 3 -10.53 9.70 15.02
N GLY A 4 -9.56 9.62 14.11
CA GLY A 4 -8.79 8.39 13.95
C GLY A 4 -7.37 8.66 13.50
N SER A 5 -6.64 9.46 14.27
CA SER A 5 -5.26 9.79 13.95
C SER A 5 -4.47 8.53 13.58
N SER A 6 -4.59 7.50 14.41
CA SER A 6 -3.89 6.25 14.17
C SER A 6 -4.51 5.49 12.99
N GLY A 7 -3.70 4.69 12.32
CA GLY A 7 -4.17 3.93 11.18
C GLY A 7 -3.50 4.33 9.89
N SER A 8 -2.18 4.47 9.92
CA SER A 8 -1.43 4.87 8.74
C SER A 8 -2.04 4.28 7.47
N GLY A 9 -1.92 5.01 6.37
CA GLY A 9 -2.48 4.55 5.11
C GLY A 9 -1.56 3.58 4.39
N ARG A 10 -0.84 2.77 5.16
CA ARG A 10 0.08 1.79 4.59
C ARG A 10 -0.68 0.60 3.99
N LEU A 11 -0.28 0.18 2.80
CA LEU A 11 -0.92 -0.94 2.13
C LEU A 11 0.09 -1.75 1.33
N PHE A 12 0.04 -3.07 1.49
CA PHE A 12 0.97 -3.96 0.79
C PHE A 12 0.36 -4.42 -0.54
N VAL A 13 1.14 -4.28 -1.61
CA VAL A 13 0.68 -4.68 -2.95
C VAL A 13 1.72 -5.55 -3.64
N ARG A 14 1.25 -6.45 -4.50
CA ARG A 14 2.14 -7.34 -5.23
C ARG A 14 1.57 -7.67 -6.60
N ASN A 15 2.37 -8.34 -7.43
CA ASN A 15 1.94 -8.71 -8.77
C ASN A 15 1.84 -7.49 -9.68
N LEU A 16 2.93 -6.73 -9.75
CA LEU A 16 2.96 -5.54 -10.59
C LEU A 16 3.69 -5.80 -11.90
N SER A 17 2.92 -5.89 -12.99
CA SER A 17 3.50 -6.15 -14.31
C SER A 17 4.77 -5.33 -14.52
N TYR A 18 5.88 -6.02 -14.75
CA TYR A 18 7.16 -5.35 -14.97
C TYR A 18 7.03 -4.24 -16.00
N THR A 19 6.08 -4.39 -16.91
CA THR A 19 5.85 -3.40 -17.95
C THR A 19 5.46 -2.06 -17.35
N SER A 20 4.73 -2.09 -16.24
CA SER A 20 4.28 -0.87 -15.57
C SER A 20 5.47 -0.11 -14.99
N SER A 21 5.30 1.19 -14.84
CA SER A 21 6.36 2.04 -14.30
C SER A 21 5.90 2.73 -13.02
N GLU A 22 6.86 3.19 -12.22
CA GLU A 22 6.56 3.87 -10.97
C GLU A 22 5.37 4.82 -11.14
N GLU A 23 5.38 5.58 -12.23
CA GLU A 23 4.31 6.53 -12.52
C GLU A 23 2.98 5.80 -12.68
N ASP A 24 2.97 4.76 -13.51
CA ASP A 24 1.77 3.98 -13.75
C ASP A 24 1.08 3.61 -12.44
N LEU A 25 1.88 3.43 -11.39
CA LEU A 25 1.35 3.07 -10.09
C LEU A 25 0.75 4.30 -9.39
N GLU A 26 1.53 5.36 -9.32
CA GLU A 26 1.08 6.60 -8.68
C GLU A 26 -0.28 7.04 -9.24
N LYS A 27 -0.36 7.15 -10.56
CA LYS A 27 -1.60 7.56 -11.22
C LYS A 27 -2.73 6.58 -10.90
N LEU A 28 -2.38 5.32 -10.68
CA LEU A 28 -3.37 4.30 -10.36
C LEU A 28 -3.92 4.49 -8.95
N PHE A 29 -3.02 4.45 -7.97
CA PHE A 29 -3.41 4.63 -6.57
C PHE A 29 -3.82 6.07 -6.31
N SER A 30 -2.91 7.00 -6.56
CA SER A 30 -3.17 8.42 -6.33
C SER A 30 -4.61 8.76 -6.69
N ALA A 31 -5.04 8.36 -7.89
CA ALA A 31 -6.40 8.63 -8.36
C ALA A 31 -7.40 8.50 -7.22
N TYR A 32 -7.25 7.44 -6.42
CA TYR A 32 -8.15 7.20 -5.30
C TYR A 32 -8.01 8.30 -4.24
N GLY A 33 -6.77 8.71 -3.98
CA GLY A 33 -6.52 9.74 -3.00
C GLY A 33 -5.08 10.22 -3.02
N PRO A 34 -4.78 11.23 -2.18
CA PRO A 34 -3.44 11.79 -2.08
C PRO A 34 -2.44 10.83 -1.43
N LEU A 35 -1.35 10.55 -2.13
CA LEU A 35 -0.33 9.65 -1.63
C LEU A 35 0.64 10.38 -0.71
N SER A 36 1.38 9.63 0.09
CA SER A 36 2.34 10.21 1.02
C SER A 36 3.75 9.71 0.71
N GLU A 37 3.86 8.44 0.33
CA GLU A 37 5.15 7.84 0.01
C GLU A 37 4.98 6.60 -0.87
N LEU A 38 5.95 6.38 -1.75
CA LEU A 38 5.90 5.23 -2.65
C LEU A 38 7.24 4.50 -2.66
N HIS A 39 7.17 3.17 -2.80
CA HIS A 39 8.38 2.36 -2.82
C HIS A 39 8.33 1.35 -3.98
N TYR A 40 9.05 1.65 -5.05
CA TYR A 40 9.07 0.77 -6.21
C TYR A 40 10.48 0.24 -6.46
N PRO A 41 10.77 -0.96 -5.91
CA PRO A 41 12.07 -1.60 -6.05
C PRO A 41 12.33 -2.08 -7.47
N ILE A 42 13.59 -2.07 -7.88
CA ILE A 42 13.96 -2.52 -9.22
C ILE A 42 15.26 -3.31 -9.20
N ASP A 43 15.34 -4.35 -10.04
CA ASP A 43 16.52 -5.19 -10.12
C ASP A 43 17.70 -4.42 -10.70
N SER A 44 18.84 -4.52 -10.05
CA SER A 44 20.05 -3.83 -10.51
C SER A 44 20.66 -4.55 -11.71
N LEU A 45 20.11 -5.71 -12.04
CA LEU A 45 20.60 -6.50 -13.17
C LEU A 45 19.63 -6.43 -14.34
N THR A 46 18.37 -6.80 -14.08
CA THR A 46 17.35 -6.78 -15.11
C THR A 46 16.73 -5.40 -15.26
N LYS A 47 17.12 -4.48 -14.37
CA LYS A 47 16.60 -3.12 -14.40
C LYS A 47 15.08 -3.11 -14.40
N LYS A 48 14.49 -4.15 -13.82
CA LYS A 48 13.03 -4.27 -13.74
C LYS A 48 12.59 -4.71 -12.35
N PRO A 49 11.39 -4.29 -11.95
CA PRO A 49 10.83 -4.64 -10.65
C PRO A 49 10.47 -6.12 -10.54
N LYS A 50 10.63 -6.68 -9.36
CA LYS A 50 10.32 -8.10 -9.12
C LYS A 50 8.82 -8.35 -9.20
N GLY A 51 8.04 -7.28 -9.05
CA GLY A 51 6.59 -7.41 -9.12
C GLY A 51 5.92 -7.15 -7.78
N PHE A 52 6.39 -6.12 -7.08
CA PHE A 52 5.83 -5.77 -5.77
C PHE A 52 6.22 -4.36 -5.38
N ALA A 53 5.36 -3.71 -4.59
CA ALA A 53 5.61 -2.34 -4.14
C ALA A 53 4.76 -2.01 -2.92
N PHE A 54 5.16 -0.97 -2.20
CA PHE A 54 4.44 -0.54 -1.01
C PHE A 54 3.89 0.87 -1.18
N VAL A 55 2.56 1.00 -1.10
CA VAL A 55 1.91 2.29 -1.25
C VAL A 55 1.49 2.85 0.11
N THR A 56 1.77 4.13 0.34
CA THR A 56 1.41 4.78 1.59
C THR A 56 0.52 5.99 1.35
N PHE A 57 -0.78 5.81 1.56
CA PHE A 57 -1.74 6.88 1.37
C PHE A 57 -1.65 7.92 2.49
N MET A 58 -2.02 9.15 2.19
CA MET A 58 -1.98 10.23 3.16
C MET A 58 -3.03 10.02 4.25
N PHE A 59 -4.22 9.57 3.84
CA PHE A 59 -5.30 9.33 4.78
C PHE A 59 -5.73 7.86 4.75
N PRO A 60 -6.26 7.38 5.88
CA PRO A 60 -6.72 5.99 6.02
C PRO A 60 -7.97 5.72 5.20
N GLU A 61 -8.95 6.62 5.30
CA GLU A 61 -10.20 6.47 4.58
C GLU A 61 -9.96 6.29 3.09
N HIS A 62 -8.88 6.91 2.59
CA HIS A 62 -8.53 6.82 1.18
C HIS A 62 -7.79 5.52 0.89
N ALA A 63 -7.12 4.98 1.91
CA ALA A 63 -6.37 3.73 1.76
C ALA A 63 -7.31 2.53 1.82
N VAL A 64 -8.54 2.76 2.25
CA VAL A 64 -9.53 1.69 2.34
C VAL A 64 -10.21 1.46 1.00
N LYS A 65 -10.66 2.54 0.37
CA LYS A 65 -11.33 2.47 -0.92
C LYS A 65 -10.48 1.70 -1.93
N ALA A 66 -9.21 2.04 -2.00
CA ALA A 66 -8.29 1.37 -2.92
C ALA A 66 -8.20 -0.11 -2.63
N TYR A 67 -7.96 -0.45 -1.37
CA TYR A 67 -7.85 -1.85 -0.95
C TYR A 67 -9.16 -2.59 -1.17
N ALA A 68 -10.24 -1.83 -1.30
CA ALA A 68 -11.57 -2.41 -1.51
C ALA A 68 -11.86 -2.57 -3.00
N GLU A 69 -11.41 -1.62 -3.81
CA GLU A 69 -11.63 -1.66 -5.25
C GLU A 69 -10.45 -2.33 -5.95
N VAL A 70 -9.25 -1.80 -5.73
CA VAL A 70 -8.06 -2.36 -6.35
C VAL A 70 -7.96 -3.87 -6.12
N ASP A 71 -8.03 -4.27 -4.86
CA ASP A 71 -7.96 -5.68 -4.50
C ASP A 71 -8.92 -6.51 -5.34
N GLY A 72 -8.39 -7.14 -6.39
CA GLY A 72 -9.22 -7.95 -7.26
C GLY A 72 -9.24 -7.43 -8.69
N GLN A 73 -8.43 -6.41 -8.95
CA GLN A 73 -8.37 -5.82 -10.29
C GLN A 73 -7.12 -6.29 -11.03
N VAL A 74 -7.11 -6.09 -12.34
CA VAL A 74 -5.98 -6.49 -13.17
C VAL A 74 -5.31 -5.27 -13.82
N PHE A 75 -3.99 -5.25 -13.79
CA PHE A 75 -3.23 -4.14 -14.38
C PHE A 75 -2.20 -4.67 -15.39
N GLN A 76 -2.50 -4.49 -16.66
CA GLN A 76 -1.60 -4.94 -17.73
C GLN A 76 -1.54 -6.47 -17.77
N GLY A 77 -2.65 -7.11 -17.44
CA GLY A 77 -2.71 -8.56 -17.45
C GLY A 77 -2.10 -9.17 -16.21
N ARG A 78 -2.10 -8.41 -15.12
CA ARG A 78 -1.54 -8.90 -13.86
C ARG A 78 -2.48 -8.60 -12.69
N MET A 79 -3.01 -9.66 -12.08
CA MET A 79 -3.92 -9.51 -10.95
C MET A 79 -3.24 -8.80 -9.79
N LEU A 80 -3.75 -7.62 -9.45
CA LEU A 80 -3.19 -6.84 -8.35
C LEU A 80 -3.68 -7.36 -7.00
N HIS A 81 -2.74 -7.73 -6.13
CA HIS A 81 -3.07 -8.25 -4.81
C HIS A 81 -2.80 -7.20 -3.74
N VAL A 82 -3.84 -6.87 -2.98
CA VAL A 82 -3.72 -5.88 -1.91
C VAL A 82 -4.10 -6.47 -0.57
N LEU A 83 -3.29 -6.19 0.45
CA LEU A 83 -3.55 -6.71 1.80
C LEU A 83 -3.38 -5.60 2.84
N PRO A 84 -4.23 -5.63 3.86
CA PRO A 84 -4.20 -4.64 4.95
C PRO A 84 -2.97 -4.79 5.83
N SER A 85 -2.20 -3.71 5.96
CA SER A 85 -1.00 -3.73 6.77
C SER A 85 -1.03 -2.61 7.81
N THR A 86 -1.07 -3.01 9.09
CA THR A 86 -1.11 -2.05 10.18
C THR A 86 0.00 -2.33 11.20
N ILE A 87 0.45 -1.27 11.87
CA ILE A 87 1.51 -1.40 12.87
C ILE A 87 1.33 -2.67 13.69
N LYS A 88 2.34 -3.54 13.65
CA LYS A 88 2.30 -4.80 14.39
C LYS A 88 3.02 -4.65 15.73
N LYS A 89 2.27 -4.27 16.76
CA LYS A 89 2.83 -4.10 18.09
C LYS A 89 3.05 -5.45 18.76
N GLU A 90 4.17 -5.57 19.50
CA GLU A 90 4.49 -6.80 20.18
C GLU A 90 4.83 -6.55 21.65
N ALA A 91 3.85 -6.71 22.52
CA ALA A 91 4.04 -6.50 23.95
C ALA A 91 2.85 -7.05 24.75
N SER A 92 3.05 -7.20 26.05
CA SER A 92 2.01 -7.72 26.93
C SER A 92 0.86 -6.73 27.05
N GLN A 93 1.19 -5.46 27.27
CA GLN A 93 0.19 -4.42 27.41
C GLN A 93 0.84 -3.04 27.46
N SER A 94 0.23 -2.07 26.76
CA SER A 94 0.75 -0.72 26.72
C SER A 94 0.90 -0.15 28.12
N GLY A 95 -0.21 -0.04 28.84
CA GLY A 95 -0.18 0.49 30.19
C GLY A 95 -1.36 1.39 30.49
N PRO A 96 -2.53 0.78 30.74
CA PRO A 96 -3.76 1.52 31.04
C PRO A 96 -3.70 2.21 32.40
N SER A 97 -3.05 3.37 32.46
CA SER A 97 -2.94 4.11 33.70
C SER A 97 -2.97 5.61 33.44
N SER A 98 -3.20 6.38 34.50
CA SER A 98 -3.27 7.83 34.38
C SER A 98 -1.96 8.39 33.81
N GLY A 99 -2.09 9.21 32.77
CA GLY A 99 -0.93 9.80 32.14
C GLY A 99 -0.19 8.82 31.24
N GLY A 1 10.18 12.73 16.89
CA GLY A 1 9.02 13.11 16.12
C GLY A 1 8.20 11.91 15.70
N SER A 2 6.99 12.16 15.20
CA SER A 2 6.10 11.09 14.77
C SER A 2 4.88 11.66 14.04
N SER A 3 4.28 10.83 13.18
CA SER A 3 3.11 11.26 12.42
C SER A 3 2.02 11.79 13.34
N GLY A 4 1.37 12.87 12.90
CA GLY A 4 0.32 13.47 13.70
C GLY A 4 -1.01 12.75 13.55
N SER A 5 -0.97 11.42 13.64
CA SER A 5 -2.17 10.61 13.50
C SER A 5 -1.92 9.17 13.94
N SER A 6 -2.99 8.44 14.24
CA SER A 6 -2.87 7.06 14.67
C SER A 6 -3.45 6.11 13.62
N GLY A 7 -3.12 6.37 12.36
CA GLY A 7 -3.62 5.53 11.28
C GLY A 7 -2.85 5.73 10.00
N SER A 8 -1.92 4.83 9.73
CA SER A 8 -1.10 4.91 8.51
C SER A 8 -1.83 4.30 7.33
N GLY A 9 -1.74 4.96 6.18
CA GLY A 9 -2.40 4.47 4.98
C GLY A 9 -1.51 3.54 4.18
N ARG A 10 -0.74 2.71 4.87
CA ARG A 10 0.16 1.77 4.22
C ARG A 10 -0.62 0.60 3.63
N LEU A 11 -0.22 0.18 2.43
CA LEU A 11 -0.88 -0.94 1.75
C LEU A 11 0.12 -1.76 0.94
N PHE A 12 0.14 -3.06 1.18
CA PHE A 12 1.05 -3.95 0.47
C PHE A 12 0.45 -4.39 -0.86
N VAL A 13 1.23 -4.21 -1.93
CA VAL A 13 0.78 -4.58 -3.26
C VAL A 13 1.76 -5.54 -3.92
N ARG A 14 1.23 -6.51 -4.67
CA ARG A 14 2.06 -7.49 -5.35
C ARG A 14 1.51 -7.78 -6.75
N ASN A 15 2.32 -8.43 -7.58
CA ASN A 15 1.92 -8.78 -8.94
C ASN A 15 1.93 -7.55 -9.84
N LEU A 16 3.08 -6.86 -9.88
CA LEU A 16 3.22 -5.66 -10.70
C LEU A 16 3.88 -5.99 -12.03
N SER A 17 3.11 -5.90 -13.11
CA SER A 17 3.62 -6.18 -14.44
C SER A 17 4.87 -5.36 -14.74
N TYR A 18 5.93 -6.05 -15.16
CA TYR A 18 7.19 -5.39 -15.47
C TYR A 18 6.96 -4.18 -16.37
N THR A 19 6.10 -4.34 -17.36
CA THR A 19 5.80 -3.26 -18.30
C THR A 19 5.36 -2.00 -17.55
N SER A 20 4.77 -2.19 -16.38
CA SER A 20 4.29 -1.08 -15.57
C SER A 20 5.46 -0.28 -15.00
N SER A 21 5.31 1.03 -14.93
CA SER A 21 6.35 1.91 -14.42
C SER A 21 5.91 2.56 -13.11
N GLU A 22 6.89 3.02 -12.33
CA GLU A 22 6.60 3.67 -11.06
C GLU A 22 5.58 4.79 -11.24
N GLU A 23 5.81 5.64 -12.23
CA GLU A 23 4.91 6.76 -12.51
C GLU A 23 3.48 6.26 -12.75
N ASP A 24 3.35 5.26 -13.61
CA ASP A 24 2.05 4.69 -13.92
C ASP A 24 1.29 4.32 -12.64
N LEU A 25 2.00 3.73 -11.69
CA LEU A 25 1.39 3.34 -10.42
C LEU A 25 0.80 4.54 -9.70
N GLU A 26 1.64 5.54 -9.44
CA GLU A 26 1.20 6.75 -8.75
C GLU A 26 -0.19 7.16 -9.23
N LYS A 27 -0.33 7.35 -10.54
CA LYS A 27 -1.61 7.74 -11.12
C LYS A 27 -2.70 6.73 -10.78
N LEU A 28 -2.37 5.45 -10.93
CA LEU A 28 -3.32 4.38 -10.65
C LEU A 28 -3.87 4.51 -9.23
N PHE A 29 -2.96 4.55 -8.26
CA PHE A 29 -3.36 4.67 -6.85
C PHE A 29 -3.86 6.08 -6.54
N SER A 30 -2.97 7.06 -6.69
CA SER A 30 -3.31 8.45 -6.42
C SER A 30 -4.75 8.74 -6.81
N ALA A 31 -5.20 8.13 -7.91
CA ALA A 31 -6.56 8.32 -8.39
C ALA A 31 -7.55 8.28 -7.24
N TYR A 32 -7.48 7.23 -6.42
CA TYR A 32 -8.38 7.07 -5.29
C TYR A 32 -8.24 8.24 -4.32
N GLY A 33 -7.01 8.63 -4.04
CA GLY A 33 -6.76 9.74 -3.13
C GLY A 33 -5.30 10.15 -3.11
N PRO A 34 -4.98 11.14 -2.26
CA PRO A 34 -3.61 11.66 -2.12
C PRO A 34 -2.68 10.64 -1.46
N LEU A 35 -1.64 10.26 -2.19
CA LEU A 35 -0.67 9.30 -1.68
C LEU A 35 0.34 9.97 -0.74
N SER A 36 0.84 9.21 0.22
CA SER A 36 1.80 9.75 1.18
C SER A 36 3.24 9.43 0.75
N GLU A 37 3.46 8.18 0.34
CA GLU A 37 4.78 7.75 -0.10
C GLU A 37 4.67 6.51 -0.98
N LEU A 38 5.65 6.33 -1.86
CA LEU A 38 5.68 5.18 -2.76
C LEU A 38 7.06 4.53 -2.79
N HIS A 39 7.07 3.21 -2.87
CA HIS A 39 8.33 2.47 -2.90
C HIS A 39 8.33 1.43 -4.02
N TYR A 40 9.00 1.75 -5.12
CA TYR A 40 9.07 0.84 -6.26
C TYR A 40 10.46 0.23 -6.39
N PRO A 41 10.64 -0.96 -5.80
CA PRO A 41 11.90 -1.69 -5.83
C PRO A 41 12.24 -2.21 -7.23
N ILE A 42 13.50 -2.06 -7.63
CA ILE A 42 13.94 -2.52 -8.94
C ILE A 42 15.29 -3.21 -8.84
N ASP A 43 15.45 -4.30 -9.60
CA ASP A 43 16.70 -5.05 -9.60
C ASP A 43 17.80 -4.29 -10.34
N SER A 44 19.01 -4.34 -9.81
CA SER A 44 20.14 -3.65 -10.41
C SER A 44 20.80 -4.51 -11.49
N LEU A 45 20.25 -5.70 -11.69
CA LEU A 45 20.77 -6.62 -12.70
C LEU A 45 19.88 -6.66 -13.93
N THR A 46 18.59 -6.86 -13.71
CA THR A 46 17.63 -6.92 -14.81
C THR A 46 16.90 -5.59 -14.97
N LYS A 47 17.27 -4.62 -14.14
CA LYS A 47 16.66 -3.29 -14.20
C LYS A 47 15.14 -3.40 -14.29
N LYS A 48 14.60 -4.50 -13.78
CA LYS A 48 13.16 -4.72 -13.80
C LYS A 48 12.64 -5.10 -12.42
N PRO A 49 11.41 -4.68 -12.10
CA PRO A 49 10.79 -4.97 -10.81
C PRO A 49 10.41 -6.44 -10.67
N LYS A 50 10.58 -6.98 -9.46
CA LYS A 50 10.26 -8.38 -9.20
C LYS A 50 8.76 -8.60 -9.20
N GLY A 51 8.01 -7.51 -9.15
CA GLY A 51 6.55 -7.61 -9.15
C GLY A 51 5.95 -7.33 -7.80
N PHE A 52 6.47 -6.30 -7.11
CA PHE A 52 5.98 -5.93 -5.79
C PHE A 52 6.36 -4.50 -5.46
N ALA A 53 5.51 -3.83 -4.68
CA ALA A 53 5.76 -2.45 -4.28
C ALA A 53 4.93 -2.07 -3.06
N PHE A 54 5.30 -0.97 -2.42
CA PHE A 54 4.59 -0.50 -1.24
C PHE A 54 3.95 0.86 -1.49
N VAL A 55 2.63 0.93 -1.40
CA VAL A 55 1.90 2.17 -1.61
C VAL A 55 1.34 2.71 -0.30
N THR A 56 1.70 3.96 0.01
CA THR A 56 1.23 4.59 1.24
C THR A 56 0.28 5.73 0.93
N PHE A 57 -0.79 5.83 1.73
CA PHE A 57 -1.78 6.87 1.53
C PHE A 57 -1.70 7.92 2.65
N MET A 58 -2.10 9.14 2.33
CA MET A 58 -2.06 10.23 3.30
C MET A 58 -3.14 10.05 4.36
N PHE A 59 -4.36 9.77 3.91
CA PHE A 59 -5.49 9.57 4.82
C PHE A 59 -5.91 8.11 4.86
N PRO A 60 -6.31 7.64 6.05
CA PRO A 60 -6.74 6.25 6.25
C PRO A 60 -8.08 5.95 5.57
N GLU A 61 -9.06 6.83 5.80
CA GLU A 61 -10.38 6.66 5.20
C GLU A 61 -10.27 6.38 3.70
N HIS A 62 -9.25 6.95 3.08
CA HIS A 62 -9.04 6.77 1.64
C HIS A 62 -8.35 5.44 1.36
N ALA A 63 -7.30 5.15 2.13
CA ALA A 63 -6.56 3.91 1.96
C ALA A 63 -7.49 2.70 1.96
N VAL A 64 -8.64 2.85 2.62
CA VAL A 64 -9.61 1.77 2.70
C VAL A 64 -10.38 1.63 1.39
N LYS A 65 -10.91 2.75 0.90
CA LYS A 65 -11.67 2.76 -0.35
C LYS A 65 -10.90 2.05 -1.45
N ALA A 66 -9.62 2.39 -1.60
CA ALA A 66 -8.78 1.78 -2.62
C ALA A 66 -8.60 0.29 -2.36
N TYR A 67 -8.17 -0.05 -1.15
CA TYR A 67 -7.95 -1.45 -0.78
C TYR A 67 -9.20 -2.28 -1.06
N ALA A 68 -10.35 -1.62 -1.14
CA ALA A 68 -11.61 -2.30 -1.39
C ALA A 68 -11.79 -2.55 -2.89
N GLU A 69 -11.38 -1.58 -3.70
CA GLU A 69 -11.51 -1.70 -5.15
C GLU A 69 -10.27 -2.35 -5.75
N VAL A 70 -9.11 -1.72 -5.54
CA VAL A 70 -7.85 -2.24 -6.06
C VAL A 70 -7.77 -3.75 -5.87
N ASP A 71 -7.83 -4.18 -4.62
CA ASP A 71 -7.75 -5.61 -4.30
C ASP A 71 -8.63 -6.43 -5.24
N GLY A 72 -8.01 -7.17 -6.14
CA GLY A 72 -8.75 -7.98 -7.09
C GLY A 72 -8.87 -7.33 -8.45
N GLN A 73 -8.05 -6.31 -8.68
CA GLN A 73 -8.07 -5.60 -9.96
C GLN A 73 -6.96 -6.12 -10.88
N VAL A 74 -7.11 -5.84 -12.18
CA VAL A 74 -6.13 -6.28 -13.16
C VAL A 74 -5.44 -5.09 -13.82
N PHE A 75 -4.11 -5.16 -13.91
CA PHE A 75 -3.33 -4.09 -14.51
C PHE A 75 -2.28 -4.66 -15.46
N GLN A 76 -2.51 -4.47 -16.76
CA GLN A 76 -1.57 -4.96 -17.77
C GLN A 76 -1.52 -6.48 -17.77
N GLY A 77 -2.66 -7.12 -17.51
CA GLY A 77 -2.73 -8.55 -17.48
C GLY A 77 -2.09 -9.15 -16.24
N ARG A 78 -2.12 -8.39 -15.15
CA ARG A 78 -1.53 -8.83 -13.89
C ARG A 78 -2.46 -8.55 -12.73
N MET A 79 -2.98 -9.60 -12.11
CA MET A 79 -3.90 -9.46 -10.98
C MET A 79 -3.18 -8.85 -9.78
N LEU A 80 -3.62 -7.66 -9.37
CA LEU A 80 -3.03 -6.97 -8.24
C LEU A 80 -3.68 -7.40 -6.94
N HIS A 81 -2.88 -7.93 -6.01
CA HIS A 81 -3.39 -8.38 -4.72
C HIS A 81 -3.02 -7.39 -3.62
N VAL A 82 -4.03 -6.73 -3.07
CA VAL A 82 -3.81 -5.76 -2.01
C VAL A 82 -4.24 -6.32 -0.66
N LEU A 83 -3.38 -6.16 0.35
CA LEU A 83 -3.67 -6.65 1.69
C LEU A 83 -3.37 -5.57 2.73
N PRO A 84 -4.20 -5.51 3.78
CA PRO A 84 -4.04 -4.54 4.87
C PRO A 84 -2.81 -4.83 5.73
N SER A 85 -1.97 -3.83 5.93
CA SER A 85 -0.77 -3.98 6.73
C SER A 85 -0.64 -2.84 7.74
N THR A 86 -0.16 -3.17 8.94
CA THR A 86 0.02 -2.18 9.99
C THR A 86 1.22 -2.51 10.86
N ILE A 87 1.48 -1.66 11.85
CA ILE A 87 2.60 -1.86 12.76
C ILE A 87 2.23 -2.80 13.89
N LYS A 88 2.94 -3.92 13.99
CA LYS A 88 2.69 -4.91 15.04
C LYS A 88 2.83 -4.28 16.42
N LYS A 89 1.70 -4.10 17.10
CA LYS A 89 1.70 -3.51 18.43
C LYS A 89 1.15 -4.51 19.46
N GLU A 90 1.96 -4.82 20.47
CA GLU A 90 1.55 -5.75 21.51
C GLU A 90 1.54 -5.07 22.87
N ALA A 91 0.39 -4.50 23.23
CA ALA A 91 0.25 -3.81 24.51
C ALA A 91 -1.22 -3.56 24.83
N SER A 92 -1.54 -3.54 26.13
CA SER A 92 -2.91 -3.32 26.56
C SER A 92 -3.24 -1.82 26.60
N GLN A 93 -2.80 -1.11 25.57
CA GLN A 93 -3.04 0.33 25.48
C GLN A 93 -4.38 0.61 24.79
N SER A 94 -5.43 0.71 25.59
CA SER A 94 -6.77 0.97 25.06
C SER A 94 -7.58 1.83 26.04
N GLY A 95 -7.87 3.06 25.64
CA GLY A 95 -8.63 3.96 26.48
C GLY A 95 -10.05 4.16 25.99
N PRO A 96 -10.95 3.23 26.36
CA PRO A 96 -12.35 3.30 25.95
C PRO A 96 -13.10 4.45 26.63
N SER A 97 -14.04 5.04 25.90
CA SER A 97 -14.83 6.14 26.42
C SER A 97 -16.10 6.35 25.60
N SER A 98 -17.07 7.05 26.18
CA SER A 98 -18.33 7.32 25.50
C SER A 98 -18.40 8.77 25.05
N GLY A 99 -18.14 9.00 23.76
CA GLY A 99 -18.19 10.35 23.23
C GLY A 99 -16.89 10.75 22.54
N GLY A 1 -16.95 7.69 15.07
CA GLY A 1 -16.20 8.52 14.15
C GLY A 1 -15.20 7.72 13.33
N SER A 2 -14.41 6.89 14.01
CA SER A 2 -13.41 6.08 13.34
C SER A 2 -13.51 4.62 13.77
N SER A 3 -13.18 3.71 12.86
CA SER A 3 -13.25 2.28 13.16
C SER A 3 -11.95 1.59 12.73
N GLY A 4 -11.48 1.90 11.53
CA GLY A 4 -10.26 1.30 11.03
C GLY A 4 -9.05 1.66 11.86
N SER A 5 -8.00 2.14 11.21
CA SER A 5 -6.78 2.53 11.89
C SER A 5 -6.37 3.96 11.54
N SER A 6 -6.86 4.91 12.34
CA SER A 6 -6.54 6.32 12.10
C SER A 6 -5.12 6.65 12.51
N GLY A 7 -4.23 6.74 11.52
CA GLY A 7 -2.84 7.04 11.80
C GLY A 7 -1.92 6.65 10.65
N SER A 8 -2.18 5.49 10.06
CA SER A 8 -1.37 5.00 8.95
C SER A 8 -2.24 4.46 7.83
N GLY A 9 -1.82 4.71 6.59
CA GLY A 9 -2.58 4.25 5.45
C GLY A 9 -1.75 3.43 4.49
N ARG A 10 -0.84 2.63 5.03
CA ARG A 10 0.03 1.78 4.21
C ARG A 10 -0.71 0.53 3.75
N LEU A 11 -0.31 0.02 2.58
CA LEU A 11 -0.93 -1.18 2.03
C LEU A 11 0.08 -1.99 1.22
N PHE A 12 0.04 -3.30 1.39
CA PHE A 12 0.96 -4.19 0.68
C PHE A 12 0.38 -4.59 -0.68
N VAL A 13 1.11 -4.26 -1.75
CA VAL A 13 0.67 -4.57 -3.10
C VAL A 13 1.67 -5.50 -3.80
N ARG A 14 1.15 -6.44 -4.59
CA ARG A 14 2.01 -7.37 -5.31
C ARG A 14 1.39 -7.71 -6.67
N ASN A 15 2.16 -8.42 -7.49
CA ASN A 15 1.71 -8.81 -8.82
C ASN A 15 1.64 -7.60 -9.75
N LEU A 16 2.75 -6.89 -9.87
CA LEU A 16 2.82 -5.72 -10.73
C LEU A 16 3.59 -6.02 -12.02
N SER A 17 2.87 -6.04 -13.13
CA SER A 17 3.47 -6.33 -14.43
C SER A 17 4.68 -5.43 -14.68
N TYR A 18 5.77 -6.02 -15.13
CA TYR A 18 7.00 -5.27 -15.41
C TYR A 18 6.73 -4.12 -16.38
N THR A 19 5.68 -4.27 -17.19
CA THR A 19 5.31 -3.24 -18.16
C THR A 19 4.86 -1.96 -17.46
N SER A 20 4.59 -2.07 -16.17
CA SER A 20 4.16 -0.91 -15.38
C SER A 20 5.35 -0.07 -14.94
N SER A 21 5.15 1.25 -14.88
CA SER A 21 6.19 2.17 -14.49
C SER A 21 5.81 2.92 -13.22
N GLU A 22 6.81 3.26 -12.41
CA GLU A 22 6.57 3.99 -11.17
C GLU A 22 5.52 5.08 -11.37
N GLU A 23 5.63 5.80 -12.49
CA GLU A 23 4.70 6.88 -12.80
C GLU A 23 3.28 6.34 -12.94
N ASP A 24 3.14 5.24 -13.70
CA ASP A 24 1.83 4.64 -13.91
C ASP A 24 1.16 4.31 -12.59
N LEU A 25 1.90 3.68 -11.68
CA LEU A 25 1.38 3.31 -10.38
C LEU A 25 0.95 4.55 -9.59
N GLU A 26 1.83 5.53 -9.53
CA GLU A 26 1.55 6.77 -8.80
C GLU A 26 0.15 7.28 -9.14
N LYS A 27 -0.08 7.52 -10.43
CA LYS A 27 -1.38 8.02 -10.89
C LYS A 27 -2.51 7.07 -10.48
N LEU A 28 -2.32 5.79 -10.74
CA LEU A 28 -3.31 4.78 -10.39
C LEU A 28 -3.82 4.98 -8.96
N PHE A 29 -2.95 4.68 -7.99
CA PHE A 29 -3.31 4.84 -6.59
C PHE A 29 -3.69 6.29 -6.28
N SER A 30 -3.00 7.23 -6.91
CA SER A 30 -3.26 8.65 -6.69
C SER A 30 -4.74 8.96 -6.87
N ALA A 31 -5.37 8.31 -7.85
CA ALA A 31 -6.78 8.51 -8.12
C ALA A 31 -7.62 8.29 -6.87
N TYR A 32 -7.36 7.20 -6.17
CA TYR A 32 -8.10 6.87 -4.94
C TYR A 32 -7.83 7.91 -3.86
N GLY A 33 -6.63 8.49 -3.89
CA GLY A 33 -6.26 9.49 -2.91
C GLY A 33 -4.83 9.97 -3.07
N PRO A 34 -4.47 11.02 -2.31
CA PRO A 34 -3.12 11.59 -2.36
C PRO A 34 -2.07 10.67 -1.75
N LEU A 35 -1.10 10.27 -2.57
CA LEU A 35 -0.03 9.38 -2.12
C LEU A 35 0.99 10.15 -1.28
N SER A 36 1.25 9.65 -0.07
CA SER A 36 2.20 10.30 0.83
C SER A 36 3.61 9.78 0.55
N GLU A 37 3.71 8.56 0.05
CA GLU A 37 5.01 7.97 -0.26
C GLU A 37 4.84 6.67 -1.06
N LEU A 38 5.70 6.47 -2.05
CA LEU A 38 5.64 5.28 -2.89
C LEU A 38 6.94 4.50 -2.80
N HIS A 39 6.85 3.18 -2.92
CA HIS A 39 8.02 2.32 -2.86
C HIS A 39 7.99 1.29 -3.99
N TYR A 40 8.76 1.56 -5.04
CA TYR A 40 8.83 0.66 -6.19
C TYR A 40 10.24 0.07 -6.35
N PRO A 41 10.45 -1.11 -5.77
CA PRO A 41 11.73 -1.81 -5.82
C PRO A 41 12.04 -2.33 -7.22
N ILE A 42 13.30 -2.22 -7.62
CA ILE A 42 13.74 -2.67 -8.93
C ILE A 42 15.12 -3.34 -8.87
N ASP A 43 15.34 -4.31 -9.74
CA ASP A 43 16.61 -5.02 -9.78
C ASP A 43 17.70 -4.15 -10.40
N SER A 44 18.88 -4.15 -9.77
CA SER A 44 20.00 -3.36 -10.25
C SER A 44 20.68 -4.05 -11.43
N LEU A 45 20.17 -5.21 -11.82
CA LEU A 45 20.72 -5.97 -12.93
C LEU A 45 19.80 -5.89 -14.15
N THR A 46 18.56 -6.33 -13.98
CA THR A 46 17.58 -6.31 -15.06
C THR A 46 16.89 -4.95 -15.15
N LYS A 47 17.03 -4.16 -14.09
CA LYS A 47 16.41 -2.83 -14.06
C LYS A 47 14.89 -2.93 -14.15
N LYS A 48 14.35 -4.04 -13.66
CA LYS A 48 12.91 -4.26 -13.69
C LYS A 48 12.40 -4.73 -12.32
N PRO A 49 11.14 -4.40 -12.02
CA PRO A 49 10.51 -4.78 -10.75
C PRO A 49 10.25 -6.28 -10.65
N LYS A 50 10.55 -6.86 -9.49
CA LYS A 50 10.34 -8.27 -9.27
C LYS A 50 8.85 -8.62 -9.30
N GLY A 51 8.02 -7.65 -8.97
CA GLY A 51 6.58 -7.87 -8.97
C GLY A 51 5.95 -7.58 -7.63
N PHE A 52 6.43 -6.55 -6.95
CA PHE A 52 5.91 -6.18 -5.64
C PHE A 52 6.30 -4.75 -5.29
N ALA A 53 5.43 -4.05 -4.58
CA ALA A 53 5.68 -2.68 -4.17
C ALA A 53 4.92 -2.32 -2.90
N PHE A 54 5.27 -1.20 -2.29
CA PHE A 54 4.63 -0.76 -1.07
C PHE A 54 4.08 0.66 -1.23
N VAL A 55 2.76 0.80 -1.14
CA VAL A 55 2.11 2.08 -1.27
C VAL A 55 1.67 2.63 0.09
N THR A 56 1.85 3.94 0.29
CA THR A 56 1.48 4.58 1.54
C THR A 56 0.58 5.79 1.29
N PHE A 57 -0.69 5.65 1.66
CA PHE A 57 -1.65 6.73 1.47
C PHE A 57 -1.59 7.71 2.64
N MET A 58 -1.64 9.00 2.32
CA MET A 58 -1.60 10.04 3.34
C MET A 58 -2.70 9.84 4.38
N PHE A 59 -3.92 9.62 3.90
CA PHE A 59 -5.07 9.41 4.78
C PHE A 59 -5.57 7.97 4.69
N PRO A 60 -6.01 7.42 5.83
CA PRO A 60 -6.54 6.05 5.90
C PRO A 60 -7.88 5.90 5.18
N GLU A 61 -8.68 6.95 5.23
CA GLU A 61 -9.99 6.93 4.58
C GLU A 61 -9.88 6.48 3.13
N HIS A 62 -8.93 7.07 2.40
CA HIS A 62 -8.72 6.72 1.00
C HIS A 62 -8.04 5.36 0.87
N ALA A 63 -7.17 5.04 1.84
CA ALA A 63 -6.46 3.77 1.83
C ALA A 63 -7.43 2.59 1.87
N VAL A 64 -8.63 2.84 2.40
CA VAL A 64 -9.65 1.80 2.51
C VAL A 64 -10.35 1.59 1.18
N LYS A 65 -10.79 2.68 0.56
CA LYS A 65 -11.49 2.61 -0.72
C LYS A 65 -10.66 1.83 -1.74
N ALA A 66 -9.41 2.25 -1.93
CA ALA A 66 -8.52 1.59 -2.87
C ALA A 66 -8.45 0.09 -2.60
N TYR A 67 -8.19 -0.27 -1.35
CA TYR A 67 -8.08 -1.67 -0.96
C TYR A 67 -9.39 -2.40 -1.23
N ALA A 68 -10.47 -1.64 -1.39
CA ALA A 68 -11.79 -2.21 -1.65
C ALA A 68 -12.02 -2.40 -3.15
N GLU A 69 -11.42 -1.51 -3.95
CA GLU A 69 -11.56 -1.58 -5.40
C GLU A 69 -10.38 -2.32 -6.02
N VAL A 70 -9.18 -1.80 -5.81
CA VAL A 70 -7.98 -2.41 -6.35
C VAL A 70 -7.95 -3.91 -6.08
N ASP A 71 -7.99 -4.27 -4.79
CA ASP A 71 -7.96 -5.67 -4.40
C ASP A 71 -8.91 -6.50 -5.27
N GLY A 72 -8.33 -7.27 -6.19
CA GLY A 72 -9.12 -8.09 -7.07
C GLY A 72 -9.23 -7.52 -8.47
N GLN A 73 -8.27 -6.66 -8.83
CA GLN A 73 -8.26 -6.04 -10.15
C GLN A 73 -7.05 -6.49 -10.96
N VAL A 74 -7.11 -6.27 -12.27
CA VAL A 74 -6.02 -6.65 -13.15
C VAL A 74 -5.25 -5.43 -13.65
N PHE A 75 -3.94 -5.54 -13.71
CA PHE A 75 -3.10 -4.44 -14.18
C PHE A 75 -1.99 -4.95 -15.10
N GLN A 76 -2.09 -4.61 -16.38
CA GLN A 76 -1.10 -5.03 -17.35
C GLN A 76 -1.06 -6.55 -17.47
N GLY A 77 -2.19 -7.19 -17.20
CA GLY A 77 -2.26 -8.64 -17.28
C GLY A 77 -1.77 -9.31 -15.99
N ARG A 78 -1.87 -8.59 -14.89
CA ARG A 78 -1.44 -9.12 -13.59
C ARG A 78 -2.48 -8.82 -12.51
N MET A 79 -2.96 -9.88 -11.87
CA MET A 79 -3.96 -9.75 -10.81
C MET A 79 -3.36 -9.04 -9.59
N LEU A 80 -3.72 -7.78 -9.40
CA LEU A 80 -3.21 -7.00 -8.27
C LEU A 80 -3.83 -7.50 -6.97
N HIS A 81 -2.96 -7.85 -6.02
CA HIS A 81 -3.42 -8.34 -4.71
C HIS A 81 -3.06 -7.35 -3.61
N VAL A 82 -4.07 -6.65 -3.10
CA VAL A 82 -3.87 -5.67 -2.03
C VAL A 82 -4.28 -6.23 -0.68
N LEU A 83 -3.38 -6.14 0.30
CA LEU A 83 -3.66 -6.64 1.64
C LEU A 83 -3.40 -5.55 2.69
N PRO A 84 -4.25 -5.51 3.71
CA PRO A 84 -4.13 -4.53 4.80
C PRO A 84 -2.92 -4.81 5.69
N SER A 85 -2.21 -3.75 6.07
CA SER A 85 -1.03 -3.87 6.92
C SER A 85 -1.06 -2.84 8.04
N THR A 86 -0.68 -3.28 9.24
CA THR A 86 -0.66 -2.38 10.40
C THR A 86 0.53 -2.68 11.29
N ILE A 87 0.89 -1.71 12.14
CA ILE A 87 2.01 -1.87 13.05
C ILE A 87 1.71 -2.91 14.13
N LYS A 88 2.62 -3.86 14.30
CA LYS A 88 2.44 -4.91 15.31
C LYS A 88 3.72 -5.08 16.13
N LYS A 89 3.70 -4.61 17.37
CA LYS A 89 4.85 -4.73 18.25
C LYS A 89 4.51 -5.58 19.47
N GLU A 90 5.42 -6.47 19.84
CA GLU A 90 5.23 -7.35 20.98
C GLU A 90 6.28 -7.10 22.05
N ALA A 91 6.06 -6.06 22.86
CA ALA A 91 7.00 -5.72 23.93
C ALA A 91 6.26 -5.36 25.21
N SER A 92 7.01 -5.12 26.28
CA SER A 92 6.44 -4.77 27.56
C SER A 92 7.52 -4.37 28.56
N GLN A 93 7.41 -3.16 29.09
CA GLN A 93 8.39 -2.65 30.05
C GLN A 93 8.58 -3.65 31.19
N SER A 94 7.50 -3.93 31.91
CA SER A 94 7.54 -4.86 33.04
C SER A 94 6.15 -5.42 33.34
N GLY A 95 6.09 -6.72 33.62
CA GLY A 95 4.82 -7.36 33.92
C GLY A 95 3.87 -7.33 32.75
N PRO A 96 2.57 -7.47 33.02
CA PRO A 96 1.53 -7.46 31.99
C PRO A 96 1.34 -6.09 31.37
N SER A 97 0.45 -6.01 30.38
CA SER A 97 0.18 -4.75 29.70
C SER A 97 0.04 -3.60 30.70
N SER A 98 1.11 -2.83 30.86
CA SER A 98 1.11 -1.71 31.79
C SER A 98 0.50 -0.47 31.14
N GLY A 99 -0.32 0.25 31.90
CA GLY A 99 -0.96 1.44 31.37
C GLY A 99 -2.14 1.14 30.49
N GLY A 1 -13.32 -8.10 22.65
CA GLY A 1 -12.71 -6.81 22.94
C GLY A 1 -12.20 -6.11 21.70
N SER A 2 -12.17 -4.77 21.76
CA SER A 2 -11.72 -3.97 20.62
C SER A 2 -10.38 -4.48 20.12
N SER A 3 -10.28 -4.66 18.80
CA SER A 3 -9.04 -5.14 18.19
C SER A 3 -7.83 -4.41 18.75
N GLY A 4 -7.87 -3.08 18.71
CA GLY A 4 -6.78 -2.28 19.22
C GLY A 4 -6.72 -0.90 18.59
N SER A 5 -5.53 -0.33 18.53
CA SER A 5 -5.33 0.99 17.94
C SER A 5 -4.73 0.90 16.55
N SER A 6 -5.59 0.89 15.54
CA SER A 6 -5.14 0.81 14.16
C SER A 6 -5.51 2.07 13.38
N GLY A 7 -4.53 2.64 12.68
CA GLY A 7 -4.77 3.84 11.91
C GLY A 7 -3.62 4.17 10.98
N SER A 8 -3.23 3.21 10.15
CA SER A 8 -2.12 3.40 9.22
C SER A 8 -2.63 3.38 7.78
N GLY A 9 -2.21 4.36 6.99
CA GLY A 9 -2.63 4.43 5.61
C GLY A 9 -1.71 3.66 4.69
N ARG A 10 -1.18 2.55 5.18
CA ARG A 10 -0.27 1.72 4.39
C ARG A 10 -1.02 0.57 3.73
N LEU A 11 -0.59 0.19 2.54
CA LEU A 11 -1.23 -0.91 1.81
C LEU A 11 -0.20 -1.70 1.02
N PHE A 12 -0.20 -3.01 1.22
CA PHE A 12 0.74 -3.90 0.53
C PHE A 12 0.17 -4.36 -0.80
N VAL A 13 0.97 -4.22 -1.85
CA VAL A 13 0.55 -4.63 -3.19
C VAL A 13 1.59 -5.53 -3.85
N ARG A 14 1.11 -6.54 -4.58
CA ARG A 14 2.00 -7.47 -5.25
C ARG A 14 1.45 -7.85 -6.63
N ASN A 15 2.27 -8.51 -7.43
CA ASN A 15 1.87 -8.93 -8.77
C ASN A 15 1.86 -7.75 -9.72
N LEU A 16 2.92 -6.94 -9.67
CA LEU A 16 3.03 -5.77 -10.53
C LEU A 16 3.62 -6.14 -11.88
N SER A 17 3.19 -5.45 -12.93
CA SER A 17 3.67 -5.70 -14.28
C SER A 17 4.97 -4.95 -14.54
N TYR A 18 5.99 -5.67 -14.99
CA TYR A 18 7.29 -5.08 -15.28
C TYR A 18 7.14 -3.90 -16.24
N THR A 19 6.27 -4.05 -17.23
CA THR A 19 6.04 -3.00 -18.21
C THR A 19 5.54 -1.72 -17.54
N SER A 20 5.13 -1.84 -16.29
CA SER A 20 4.64 -0.69 -15.53
C SER A 20 5.78 0.12 -14.94
N SER A 21 5.60 1.42 -14.86
CA SER A 21 6.63 2.31 -14.31
C SER A 21 6.13 2.98 -13.03
N GLU A 22 7.07 3.25 -12.12
CA GLU A 22 6.73 3.88 -10.86
C GLU A 22 5.65 4.94 -11.05
N GLU A 23 5.60 5.52 -12.24
CA GLU A 23 4.61 6.54 -12.54
C GLU A 23 3.24 5.92 -12.80
N ASP A 24 3.21 4.87 -13.61
CA ASP A 24 1.96 4.17 -13.93
C ASP A 24 1.19 3.86 -12.66
N LEU A 25 1.89 3.36 -11.65
CA LEU A 25 1.26 3.00 -10.38
C LEU A 25 0.63 4.22 -9.72
N GLU A 26 1.43 5.26 -9.50
CA GLU A 26 0.95 6.49 -8.89
C GLU A 26 -0.40 6.89 -9.48
N LYS A 27 -0.46 6.98 -10.81
CA LYS A 27 -1.68 7.35 -11.50
C LYS A 27 -2.83 6.42 -11.13
N LEU A 28 -2.50 5.16 -10.86
CA LEU A 28 -3.50 4.17 -10.49
C LEU A 28 -3.95 4.36 -9.04
N PHE A 29 -2.98 4.34 -8.13
CA PHE A 29 -3.27 4.52 -6.70
C PHE A 29 -3.66 5.96 -6.40
N SER A 30 -2.75 6.88 -6.69
CA SER A 30 -2.99 8.30 -6.43
C SER A 30 -4.43 8.67 -6.81
N ALA A 31 -4.89 8.16 -7.94
CA ALA A 31 -6.25 8.43 -8.40
C ALA A 31 -7.25 8.36 -7.26
N TYR A 32 -7.11 7.35 -6.41
CA TYR A 32 -8.00 7.17 -5.27
C TYR A 32 -7.80 8.29 -4.25
N GLY A 33 -6.54 8.64 -3.99
CA GLY A 33 -6.24 9.68 -3.03
C GLY A 33 -4.80 10.13 -3.09
N PRO A 34 -4.45 11.13 -2.27
CA PRO A 34 -3.08 11.67 -2.22
C PRO A 34 -2.10 10.68 -1.61
N LEU A 35 -1.10 10.29 -2.39
CA LEU A 35 -0.08 9.35 -1.93
C LEU A 35 0.96 10.06 -1.08
N SER A 36 1.24 9.51 0.09
CA SER A 36 2.23 10.10 1.00
C SER A 36 3.63 9.56 0.69
N GLU A 37 3.67 8.34 0.16
CA GLU A 37 4.96 7.71 -0.17
C GLU A 37 4.73 6.45 -1.00
N LEU A 38 5.56 6.29 -2.03
CA LEU A 38 5.46 5.13 -2.91
C LEU A 38 6.77 4.34 -2.92
N HIS A 39 6.66 3.02 -3.02
CA HIS A 39 7.83 2.15 -3.05
C HIS A 39 7.81 1.25 -4.27
N TYR A 40 8.82 1.39 -5.12
CA TYR A 40 8.92 0.59 -6.33
C TYR A 40 10.32 -0.01 -6.48
N PRO A 41 10.49 -1.24 -5.99
CA PRO A 41 11.77 -1.95 -6.06
C PRO A 41 12.13 -2.36 -7.48
N ILE A 42 13.41 -2.22 -7.83
CA ILE A 42 13.88 -2.58 -9.15
C ILE A 42 15.27 -3.22 -9.09
N ASP A 43 15.41 -4.39 -9.70
CA ASP A 43 16.68 -5.10 -9.73
C ASP A 43 17.78 -4.24 -10.37
N SER A 44 18.91 -4.15 -9.69
CA SER A 44 20.03 -3.36 -10.19
C SER A 44 20.75 -4.09 -11.31
N LEU A 45 20.24 -5.25 -11.67
CA LEU A 45 20.84 -6.05 -12.74
C LEU A 45 20.03 -5.92 -14.03
N THR A 46 18.73 -6.24 -13.95
CA THR A 46 17.85 -6.15 -15.10
C THR A 46 17.13 -4.82 -15.15
N LYS A 47 17.15 -4.09 -14.04
CA LYS A 47 16.50 -2.79 -13.96
C LYS A 47 14.98 -2.93 -14.04
N LYS A 48 14.48 -4.10 -13.64
CA LYS A 48 13.05 -4.36 -13.67
C LYS A 48 12.55 -4.80 -12.30
N PRO A 49 11.30 -4.41 -11.96
CA PRO A 49 10.69 -4.76 -10.69
C PRO A 49 10.34 -6.23 -10.58
N LYS A 50 10.25 -6.74 -9.36
CA LYS A 50 9.93 -8.14 -9.13
C LYS A 50 8.42 -8.36 -9.11
N GLY A 51 7.67 -7.27 -9.28
CA GLY A 51 6.23 -7.37 -9.29
C GLY A 51 5.62 -7.16 -7.92
N PHE A 52 6.18 -6.22 -7.17
CA PHE A 52 5.70 -5.93 -5.82
C PHE A 52 6.12 -4.52 -5.38
N ALA A 53 5.31 -3.91 -4.53
CA ALA A 53 5.60 -2.55 -4.04
C ALA A 53 4.78 -2.25 -2.81
N PHE A 54 5.02 -1.08 -2.21
CA PHE A 54 4.31 -0.66 -1.01
C PHE A 54 3.81 0.78 -1.16
N VAL A 55 2.49 0.94 -1.10
CA VAL A 55 1.88 2.27 -1.21
C VAL A 55 1.42 2.78 0.14
N THR A 56 1.57 4.09 0.35
CA THR A 56 1.17 4.71 1.61
C THR A 56 0.39 6.00 1.35
N PHE A 57 -0.91 5.95 1.63
CA PHE A 57 -1.78 7.11 1.44
C PHE A 57 -1.68 8.07 2.62
N MET A 58 -1.75 9.36 2.34
CA MET A 58 -1.66 10.38 3.38
C MET A 58 -2.76 10.16 4.43
N PHE A 59 -3.93 9.74 3.98
CA PHE A 59 -5.05 9.50 4.89
C PHE A 59 -5.58 8.07 4.72
N PRO A 60 -6.09 7.50 5.82
CA PRO A 60 -6.63 6.14 5.83
C PRO A 60 -7.95 6.04 5.06
N GLU A 61 -8.87 6.96 5.36
CA GLU A 61 -10.18 6.97 4.70
C GLU A 61 -10.03 6.62 3.22
N HIS A 62 -9.03 7.20 2.56
CA HIS A 62 -8.79 6.95 1.15
C HIS A 62 -8.24 5.54 0.94
N ALA A 63 -7.24 5.17 1.73
CA ALA A 63 -6.62 3.86 1.63
C ALA A 63 -7.69 2.76 1.58
N VAL A 64 -8.83 3.02 2.21
CA VAL A 64 -9.93 2.05 2.23
C VAL A 64 -10.54 1.89 0.85
N LYS A 65 -10.89 3.01 0.22
CA LYS A 65 -11.49 2.99 -1.10
C LYS A 65 -10.60 2.24 -2.09
N ALA A 66 -9.30 2.48 -2.01
CA ALA A 66 -8.34 1.83 -2.89
C ALA A 66 -8.21 0.35 -2.56
N TYR A 67 -8.03 0.05 -1.28
CA TYR A 67 -7.89 -1.33 -0.82
C TYR A 67 -9.18 -2.11 -1.06
N ALA A 68 -10.28 -1.39 -1.24
CA ALA A 68 -11.57 -2.02 -1.47
C ALA A 68 -11.77 -2.35 -2.94
N GLU A 69 -11.21 -1.52 -3.82
CA GLU A 69 -11.33 -1.73 -5.25
C GLU A 69 -10.09 -2.43 -5.80
N VAL A 70 -8.93 -1.80 -5.62
CA VAL A 70 -7.67 -2.37 -6.10
C VAL A 70 -7.60 -3.86 -5.81
N ASP A 71 -7.77 -4.23 -4.54
CA ASP A 71 -7.72 -5.62 -4.13
C ASP A 71 -8.65 -6.47 -4.99
N GLY A 72 -8.07 -7.15 -5.97
CA GLY A 72 -8.84 -7.99 -6.86
C GLY A 72 -9.03 -7.37 -8.24
N GLN A 73 -8.11 -6.49 -8.61
CA GLN A 73 -8.19 -5.82 -9.90
C GLN A 73 -7.06 -6.30 -10.82
N VAL A 74 -7.31 -6.25 -12.13
CA VAL A 74 -6.33 -6.67 -13.11
C VAL A 74 -5.59 -5.47 -13.70
N PHE A 75 -4.26 -5.52 -13.65
CA PHE A 75 -3.44 -4.44 -14.18
C PHE A 75 -2.78 -4.85 -15.48
N GLN A 76 -3.37 -4.43 -16.60
CA GLN A 76 -2.85 -4.76 -17.92
C GLN A 76 -2.54 -6.24 -18.03
N GLY A 77 -3.24 -7.05 -17.25
CA GLY A 77 -3.04 -8.49 -17.27
C GLY A 77 -2.25 -8.97 -16.08
N ARG A 78 -2.38 -8.28 -14.95
CA ARG A 78 -1.66 -8.65 -13.73
C ARG A 78 -2.61 -8.64 -12.54
N MET A 79 -2.81 -9.82 -11.94
CA MET A 79 -3.68 -9.94 -10.78
C MET A 79 -3.04 -9.33 -9.55
N LEU A 80 -3.35 -8.06 -9.28
CA LEU A 80 -2.81 -7.36 -8.13
C LEU A 80 -3.46 -7.83 -6.84
N HIS A 81 -2.63 -8.30 -5.91
CA HIS A 81 -3.13 -8.79 -4.63
C HIS A 81 -2.81 -7.80 -3.51
N VAL A 82 -3.84 -7.05 -3.09
CA VAL A 82 -3.66 -6.07 -2.03
C VAL A 82 -4.00 -6.66 -0.66
N LEU A 83 -3.21 -6.31 0.34
CA LEU A 83 -3.42 -6.81 1.69
C LEU A 83 -3.09 -5.74 2.73
N PRO A 84 -3.92 -5.63 3.77
CA PRO A 84 -3.75 -4.66 4.84
C PRO A 84 -2.55 -4.99 5.72
N SER A 85 -1.70 -3.99 5.97
CA SER A 85 -0.51 -4.18 6.79
C SER A 85 -0.57 -3.29 8.02
N THR A 86 -0.56 -3.92 9.21
CA THR A 86 -0.61 -3.19 10.46
C THR A 86 0.42 -3.72 11.44
N ILE A 87 0.76 -2.91 12.45
CA ILE A 87 1.73 -3.29 13.46
C ILE A 87 1.54 -4.75 13.87
N LYS A 88 2.55 -5.57 13.60
CA LYS A 88 2.50 -6.99 13.94
C LYS A 88 2.68 -7.19 15.44
N LYS A 89 1.63 -6.94 16.21
CA LYS A 89 1.67 -7.09 17.65
C LYS A 89 0.27 -7.38 18.21
N GLU A 90 0.22 -8.24 19.22
CA GLU A 90 -1.06 -8.60 19.84
C GLU A 90 -1.01 -8.35 21.34
N ALA A 91 -1.61 -7.24 21.77
CA ALA A 91 -1.64 -6.89 23.19
C ALA A 91 -3.08 -6.73 23.68
N SER A 92 -3.40 -7.40 24.79
CA SER A 92 -4.74 -7.33 25.36
C SER A 92 -4.68 -7.04 26.85
N GLN A 93 -3.88 -6.05 27.22
CA GLN A 93 -3.73 -5.67 28.63
C GLN A 93 -5.09 -5.54 29.30
N SER A 94 -6.00 -4.83 28.65
CA SER A 94 -7.34 -4.61 29.19
C SER A 94 -8.33 -4.29 28.08
N GLY A 95 -9.45 -5.02 28.06
CA GLY A 95 -10.46 -4.79 27.04
C GLY A 95 -11.76 -4.26 27.62
N PRO A 96 -11.78 -2.97 27.95
CA PRO A 96 -12.97 -2.32 28.53
C PRO A 96 -14.09 -2.18 27.52
N SER A 97 -15.19 -2.90 27.76
CA SER A 97 -16.34 -2.85 26.86
C SER A 97 -17.18 -1.61 27.12
N SER A 98 -17.61 -0.96 26.04
CA SER A 98 -18.42 0.25 26.16
C SER A 98 -19.41 0.34 25.00
N GLY A 99 -20.69 0.49 25.34
CA GLY A 99 -21.72 0.59 24.31
C GLY A 99 -22.54 -0.68 24.19
N GLY A 1 -12.58 -9.25 16.91
CA GLY A 1 -12.77 -7.82 16.91
C GLY A 1 -11.52 -7.06 17.32
N SER A 2 -11.34 -5.87 16.77
CA SER A 2 -10.17 -5.05 17.08
C SER A 2 -10.38 -3.61 16.63
N SER A 3 -10.10 -2.66 17.51
CA SER A 3 -10.25 -1.25 17.20
C SER A 3 -9.40 -0.86 15.99
N GLY A 4 -8.14 -1.28 16.02
CA GLY A 4 -7.23 -0.96 14.94
C GLY A 4 -6.74 0.47 14.98
N SER A 5 -5.54 0.71 14.46
CA SER A 5 -4.96 2.04 14.45
C SER A 5 -5.69 2.94 13.46
N SER A 6 -6.09 4.12 13.92
CA SER A 6 -6.80 5.07 13.07
C SER A 6 -5.89 6.24 12.70
N GLY A 7 -5.02 6.03 11.72
CA GLY A 7 -4.12 7.07 11.29
C GLY A 7 -2.96 6.54 10.47
N SER A 8 -3.24 5.54 9.64
CA SER A 8 -2.21 4.94 8.80
C SER A 8 -2.79 4.49 7.46
N GLY A 9 -2.14 4.90 6.38
CA GLY A 9 -2.60 4.54 5.06
C GLY A 9 -1.64 3.60 4.34
N ARG A 10 -0.93 2.79 5.12
CA ARG A 10 0.01 1.84 4.56
C ARG A 10 -0.71 0.58 4.07
N LEU A 11 -0.42 0.18 2.84
CA LEU A 11 -1.03 -1.00 2.26
C LEU A 11 -0.02 -1.79 1.42
N PHE A 12 0.03 -3.10 1.64
CA PHE A 12 0.95 -3.96 0.90
C PHE A 12 0.34 -4.41 -0.42
N VAL A 13 1.05 -4.16 -1.51
CA VAL A 13 0.57 -4.53 -2.84
C VAL A 13 1.58 -5.44 -3.55
N ARG A 14 1.07 -6.43 -4.27
CA ARG A 14 1.91 -7.37 -4.99
C ARG A 14 1.35 -7.66 -6.37
N ASN A 15 2.14 -8.35 -7.20
CA ASN A 15 1.72 -8.69 -8.55
C ASN A 15 1.78 -7.46 -9.47
N LEU A 16 2.94 -6.82 -9.51
CA LEU A 16 3.12 -5.64 -10.35
C LEU A 16 3.73 -6.01 -11.69
N SER A 17 3.00 -5.75 -12.77
CA SER A 17 3.46 -6.06 -14.11
C SER A 17 4.79 -5.37 -14.40
N TYR A 18 5.76 -6.14 -14.87
CA TYR A 18 7.08 -5.60 -15.17
C TYR A 18 6.99 -4.51 -16.24
N THR A 19 5.83 -4.41 -16.88
CA THR A 19 5.61 -3.41 -17.91
C THR A 19 5.08 -2.12 -17.31
N SER A 20 4.89 -2.10 -16.00
CA SER A 20 4.39 -0.92 -15.30
C SER A 20 5.54 -0.05 -14.80
N SER A 21 5.41 1.25 -14.99
CA SER A 21 6.45 2.19 -14.56
C SER A 21 6.03 2.90 -13.26
N GLU A 22 6.99 3.08 -12.36
CA GLU A 22 6.72 3.74 -11.09
C GLU A 22 5.71 4.88 -11.26
N GLU A 23 5.77 5.54 -12.42
CA GLU A 23 4.87 6.64 -12.71
C GLU A 23 3.42 6.15 -12.83
N ASP A 24 3.23 5.12 -13.64
CA ASP A 24 1.90 4.55 -13.85
C ASP A 24 1.22 4.27 -12.51
N LEU A 25 1.90 3.55 -11.64
CA LEU A 25 1.36 3.21 -10.34
C LEU A 25 0.94 4.46 -9.58
N GLU A 26 1.82 5.45 -9.54
CA GLU A 26 1.54 6.70 -8.85
C GLU A 26 0.15 7.22 -9.22
N LYS A 27 -0.10 7.36 -10.51
CA LYS A 27 -1.38 7.85 -10.99
C LYS A 27 -2.50 6.88 -10.62
N LEU A 28 -2.26 5.59 -10.84
CA LEU A 28 -3.26 4.57 -10.54
C LEU A 28 -3.84 4.78 -9.15
N PHE A 29 -3.00 4.64 -8.13
CA PHE A 29 -3.45 4.83 -6.75
C PHE A 29 -3.81 6.28 -6.48
N SER A 30 -2.98 7.20 -6.96
CA SER A 30 -3.22 8.62 -6.77
C SER A 30 -4.66 8.98 -7.09
N ALA A 31 -5.25 8.25 -8.04
CA ALA A 31 -6.63 8.50 -8.45
C ALA A 31 -7.57 8.40 -7.25
N TYR A 32 -7.31 7.45 -6.37
CA TYR A 32 -8.14 7.25 -5.18
C TYR A 32 -7.86 8.34 -4.14
N GLY A 33 -6.59 8.63 -3.92
CA GLY A 33 -6.20 9.64 -2.96
C GLY A 33 -4.77 10.08 -3.12
N PRO A 34 -4.39 11.16 -2.41
CA PRO A 34 -3.03 11.71 -2.46
C PRO A 34 -2.01 10.80 -1.79
N LEU A 35 -1.11 10.24 -2.60
CA LEU A 35 -0.08 9.35 -2.08
C LEU A 35 0.97 10.13 -1.29
N SER A 36 1.36 9.58 -0.14
CA SER A 36 2.35 10.23 0.71
C SER A 36 3.75 9.69 0.42
N GLU A 37 3.83 8.39 0.16
CA GLU A 37 5.10 7.75 -0.13
C GLU A 37 4.91 6.50 -0.98
N LEU A 38 5.78 6.31 -1.96
CA LEU A 38 5.71 5.15 -2.85
C LEU A 38 7.02 4.38 -2.85
N HIS A 39 6.92 3.05 -2.89
CA HIS A 39 8.10 2.20 -2.90
C HIS A 39 8.06 1.22 -4.08
N TYR A 40 8.85 1.52 -5.10
CA TYR A 40 8.91 0.67 -6.28
C TYR A 40 10.31 0.10 -6.49
N PRO A 41 10.53 -1.11 -5.98
CA PRO A 41 11.83 -1.79 -6.08
C PRO A 41 12.13 -2.24 -7.50
N ILE A 42 13.36 -2.02 -7.95
CA ILE A 42 13.77 -2.41 -9.28
C ILE A 42 15.19 -2.97 -9.29
N ASP A 43 15.35 -4.18 -9.82
CA ASP A 43 16.66 -4.82 -9.88
C ASP A 43 17.65 -3.95 -10.65
N SER A 44 18.87 -3.84 -10.12
CA SER A 44 19.91 -3.03 -10.74
C SER A 44 20.59 -3.81 -11.86
N LEU A 45 20.14 -5.04 -12.09
CA LEU A 45 20.70 -5.88 -13.13
C LEU A 45 19.75 -6.00 -14.32
N THR A 46 18.52 -6.42 -14.04
CA THR A 46 17.51 -6.58 -15.07
C THR A 46 16.75 -5.27 -15.30
N LYS A 47 16.93 -4.33 -14.39
CA LYS A 47 16.26 -3.03 -14.49
C LYS A 47 14.75 -3.20 -14.46
N LYS A 48 14.28 -4.21 -13.75
CA LYS A 48 12.85 -4.49 -13.65
C LYS A 48 12.46 -4.82 -12.21
N PRO A 49 11.20 -4.50 -11.84
CA PRO A 49 10.69 -4.76 -10.50
C PRO A 49 10.49 -6.25 -10.23
N LYS A 50 10.28 -6.60 -8.96
CA LYS A 50 10.07 -7.98 -8.57
C LYS A 50 8.59 -8.34 -8.57
N GLY A 51 7.75 -7.37 -8.92
CA GLY A 51 6.32 -7.60 -8.95
C GLY A 51 5.66 -7.31 -7.62
N PHE A 52 6.14 -6.27 -6.93
CA PHE A 52 5.59 -5.90 -5.63
C PHE A 52 6.01 -4.47 -5.26
N ALA A 53 5.19 -3.82 -4.45
CA ALA A 53 5.48 -2.45 -4.01
C ALA A 53 4.66 -2.08 -2.79
N PHE A 54 5.02 -0.98 -2.14
CA PHE A 54 4.32 -0.53 -0.95
C PHE A 54 3.74 0.87 -1.17
N VAL A 55 2.42 0.98 -1.05
CA VAL A 55 1.74 2.25 -1.23
C VAL A 55 1.30 2.85 0.10
N THR A 56 1.72 4.09 0.36
CA THR A 56 1.37 4.76 1.61
C THR A 56 0.51 5.99 1.34
N PHE A 57 -0.80 5.86 1.57
CA PHE A 57 -1.72 6.97 1.35
C PHE A 57 -1.60 8.00 2.47
N MET A 58 -1.91 9.25 2.14
CA MET A 58 -1.84 10.33 3.12
C MET A 58 -2.92 10.18 4.17
N PHE A 59 -4.06 9.64 3.77
CA PHE A 59 -5.18 9.44 4.68
C PHE A 59 -5.62 7.98 4.70
N PRO A 60 -6.07 7.51 5.87
CA PRO A 60 -6.53 6.12 6.04
C PRO A 60 -7.84 5.84 5.31
N GLU A 61 -8.74 6.82 5.35
CA GLU A 61 -10.03 6.68 4.68
C GLU A 61 -9.86 6.27 3.23
N HIS A 62 -8.90 6.89 2.56
CA HIS A 62 -8.62 6.59 1.16
C HIS A 62 -8.04 5.19 1.00
N ALA A 63 -7.00 4.89 1.76
CA ALA A 63 -6.36 3.59 1.72
C ALA A 63 -7.40 2.47 1.66
N VAL A 64 -8.46 2.61 2.44
CA VAL A 64 -9.52 1.61 2.48
C VAL A 64 -10.16 1.45 1.11
N LYS A 65 -10.57 2.57 0.51
CA LYS A 65 -11.21 2.56 -0.80
C LYS A 65 -10.38 1.74 -1.79
N ALA A 66 -9.15 2.15 -2.02
CA ALA A 66 -8.27 1.45 -2.94
C ALA A 66 -8.22 -0.05 -2.63
N TYR A 67 -8.00 -0.38 -1.36
CA TYR A 67 -7.93 -1.77 -0.94
C TYR A 67 -9.25 -2.49 -1.21
N ALA A 68 -10.31 -1.70 -1.42
CA ALA A 68 -11.62 -2.27 -1.70
C ALA A 68 -11.85 -2.42 -3.20
N GLU A 69 -11.16 -1.60 -3.99
CA GLU A 69 -11.29 -1.65 -5.43
C GLU A 69 -10.13 -2.41 -6.06
N VAL A 70 -8.91 -1.94 -5.82
CA VAL A 70 -7.71 -2.57 -6.34
C VAL A 70 -7.70 -4.06 -6.03
N ASP A 71 -7.87 -4.40 -4.75
CA ASP A 71 -7.87 -5.78 -4.31
C ASP A 71 -8.80 -6.63 -5.18
N GLY A 72 -8.26 -7.14 -6.28
CA GLY A 72 -9.05 -7.96 -7.19
C GLY A 72 -9.23 -7.32 -8.55
N GLN A 73 -8.26 -6.50 -8.95
CA GLN A 73 -8.33 -5.81 -10.23
C GLN A 73 -7.16 -6.22 -11.12
N VAL A 74 -7.38 -6.19 -12.43
CA VAL A 74 -6.36 -6.56 -13.40
C VAL A 74 -5.64 -5.32 -13.93
N PHE A 75 -4.31 -5.43 -14.09
CA PHE A 75 -3.51 -4.32 -14.60
C PHE A 75 -2.40 -4.83 -15.51
N GLN A 76 -2.53 -4.55 -16.80
CA GLN A 76 -1.54 -4.98 -17.78
C GLN A 76 -1.37 -6.49 -17.76
N GLY A 77 -2.48 -7.19 -17.52
CA GLY A 77 -2.44 -8.65 -17.49
C GLY A 77 -1.83 -9.18 -16.21
N ARG A 78 -2.01 -8.44 -15.12
CA ARG A 78 -1.47 -8.85 -13.82
C ARG A 78 -2.45 -8.53 -12.70
N MET A 79 -2.99 -9.58 -12.09
CA MET A 79 -3.94 -9.42 -10.99
C MET A 79 -3.27 -8.78 -9.78
N LEU A 80 -3.75 -7.60 -9.41
CA LEU A 80 -3.20 -6.88 -8.27
C LEU A 80 -3.80 -7.39 -6.96
N HIS A 81 -2.94 -7.80 -6.03
CA HIS A 81 -3.38 -8.30 -4.74
C HIS A 81 -3.02 -7.34 -3.62
N VAL A 82 -4.04 -6.86 -2.90
CA VAL A 82 -3.83 -5.93 -1.81
C VAL A 82 -4.13 -6.58 -0.47
N LEU A 83 -3.25 -6.36 0.50
CA LEU A 83 -3.42 -6.93 1.84
C LEU A 83 -3.25 -5.85 2.92
N PRO A 84 -4.12 -5.90 3.94
CA PRO A 84 -4.08 -4.95 5.04
C PRO A 84 -2.87 -5.14 5.94
N SER A 85 -2.10 -4.07 6.16
CA SER A 85 -0.91 -4.13 6.99
C SER A 85 -1.04 -3.20 8.18
N THR A 86 -0.85 -3.74 9.38
CA THR A 86 -0.94 -2.95 10.61
C THR A 86 -0.23 -3.64 11.75
N ILE A 87 0.09 -2.87 12.79
CA ILE A 87 0.78 -3.41 13.96
C ILE A 87 -0.22 -4.07 14.92
N LYS A 88 -0.10 -5.39 15.05
CA LYS A 88 -0.99 -6.14 15.94
C LYS A 88 -0.39 -6.26 17.33
N LYS A 89 -1.08 -5.69 18.32
CA LYS A 89 -0.62 -5.73 19.70
C LYS A 89 -1.79 -5.84 20.67
N GLU A 90 -1.57 -6.50 21.79
CA GLU A 90 -2.61 -6.68 22.79
C GLU A 90 -2.04 -6.55 24.20
N ALA A 91 -2.92 -6.50 25.20
CA ALA A 91 -2.51 -6.38 26.59
C ALA A 91 -1.53 -5.22 26.77
N SER A 92 -1.84 -4.08 26.16
CA SER A 92 -0.98 -2.90 26.26
C SER A 92 -1.64 -1.83 27.12
N GLN A 93 -1.35 -1.85 28.42
CA GLN A 93 -1.91 -0.88 29.35
C GLN A 93 -1.62 0.55 28.88
N SER A 94 -2.67 1.33 28.68
CA SER A 94 -2.53 2.71 28.23
C SER A 94 -2.38 3.65 29.43
N GLY A 95 -1.53 4.66 29.27
CA GLY A 95 -1.31 5.62 30.34
C GLY A 95 -0.78 4.97 31.60
N PRO A 96 0.08 5.69 32.32
CA PRO A 96 0.69 5.19 33.57
C PRO A 96 -0.33 5.10 34.71
N SER A 97 -1.35 5.95 34.64
CA SER A 97 -2.39 5.96 35.67
C SER A 97 -3.77 5.80 35.05
N SER A 98 -4.68 5.19 35.80
CA SER A 98 -6.05 4.97 35.32
C SER A 98 -6.67 6.27 34.82
N GLY A 99 -6.73 6.42 33.51
CA GLY A 99 -7.30 7.63 32.92
C GLY A 99 -6.89 8.88 33.66
N GLY A 1 -6.60 0.61 19.87
CA GLY A 1 -5.84 0.40 21.09
C GLY A 1 -4.42 0.94 20.99
N SER A 2 -4.31 2.25 20.75
CA SER A 2 -2.99 2.88 20.62
C SER A 2 -3.05 4.33 21.14
N SER A 3 -1.86 4.90 21.35
CA SER A 3 -1.77 6.27 21.84
C SER A 3 -2.09 7.27 20.73
N GLY A 4 -3.28 7.87 20.80
CA GLY A 4 -3.68 8.84 19.80
C GLY A 4 -4.34 8.19 18.60
N SER A 5 -4.78 9.00 17.65
CA SER A 5 -5.45 8.50 16.45
C SER A 5 -4.47 8.43 15.28
N SER A 6 -4.12 7.21 14.89
CA SER A 6 -3.19 7.00 13.78
C SER A 6 -3.92 7.09 12.44
N GLY A 7 -3.17 7.44 11.39
CA GLY A 7 -3.76 7.55 10.07
C GLY A 7 -2.85 7.01 8.99
N SER A 8 -2.16 5.91 9.29
CA SER A 8 -1.25 5.29 8.33
C SER A 8 -2.03 4.48 7.28
N GLY A 9 -2.14 5.05 6.09
CA GLY A 9 -2.84 4.37 5.01
C GLY A 9 -1.94 3.48 4.18
N ARG A 10 -1.12 2.68 4.86
CA ARG A 10 -0.21 1.78 4.17
C ARG A 10 -0.93 0.53 3.68
N LEU A 11 -0.57 0.08 2.49
CA LEU A 11 -1.18 -1.11 1.91
C LEU A 11 -0.16 -1.91 1.11
N PHE A 12 -0.23 -3.24 1.22
CA PHE A 12 0.69 -4.12 0.50
C PHE A 12 0.16 -4.42 -0.90
N VAL A 13 1.02 -4.28 -1.89
CA VAL A 13 0.65 -4.54 -3.28
C VAL A 13 1.66 -5.47 -3.95
N ARG A 14 1.15 -6.50 -4.61
CA ARG A 14 2.00 -7.47 -5.30
C ARG A 14 1.48 -7.74 -6.70
N ASN A 15 2.31 -8.39 -7.52
CA ASN A 15 1.92 -8.71 -8.89
C ASN A 15 1.96 -7.48 -9.78
N LEU A 16 3.10 -6.80 -9.80
CA LEU A 16 3.26 -5.59 -10.61
C LEU A 16 3.89 -5.92 -11.96
N SER A 17 3.09 -5.87 -13.01
CA SER A 17 3.57 -6.15 -14.36
C SER A 17 4.88 -5.43 -14.63
N TYR A 18 5.90 -6.19 -15.01
CA TYR A 18 7.21 -5.62 -15.31
C TYR A 18 7.09 -4.49 -16.33
N THR A 19 6.10 -4.59 -17.21
CA THR A 19 5.88 -3.59 -18.24
C THR A 19 5.43 -2.27 -17.64
N SER A 20 4.88 -2.33 -16.43
CA SER A 20 4.40 -1.14 -15.74
C SER A 20 5.55 -0.37 -15.11
N SER A 21 5.39 0.94 -14.99
CA SER A 21 6.42 1.79 -14.42
C SER A 21 5.97 2.36 -13.08
N GLU A 22 6.89 3.03 -12.38
CA GLU A 22 6.59 3.62 -11.09
C GLU A 22 5.61 4.78 -11.23
N GLU A 23 5.73 5.52 -12.34
CA GLU A 23 4.86 6.65 -12.59
C GLU A 23 3.40 6.21 -12.64
N ASP A 24 3.09 5.28 -13.54
CA ASP A 24 1.74 4.77 -13.68
C ASP A 24 1.12 4.46 -12.32
N LEU A 25 1.82 3.65 -11.53
CA LEU A 25 1.34 3.27 -10.21
C LEU A 25 0.86 4.49 -9.44
N GLU A 26 1.73 5.50 -9.31
CA GLU A 26 1.40 6.71 -8.59
C GLU A 26 0.01 7.22 -9.01
N LYS A 27 -0.18 7.39 -10.30
CA LYS A 27 -1.45 7.87 -10.83
C LYS A 27 -2.58 6.90 -10.50
N LEU A 28 -2.41 5.64 -10.89
CA LEU A 28 -3.41 4.62 -10.63
C LEU A 28 -4.01 4.79 -9.23
N PHE A 29 -3.21 4.58 -8.21
CA PHE A 29 -3.65 4.71 -6.82
C PHE A 29 -4.02 6.17 -6.51
N SER A 30 -3.14 7.08 -6.89
CA SER A 30 -3.37 8.51 -6.64
C SER A 30 -4.85 8.85 -6.79
N ALA A 31 -5.49 8.27 -7.80
CA ALA A 31 -6.90 8.52 -8.05
C ALA A 31 -7.72 8.36 -6.77
N TYR A 32 -7.52 7.24 -6.08
CA TYR A 32 -8.25 6.96 -4.84
C TYR A 32 -7.97 8.04 -3.80
N GLY A 33 -6.69 8.41 -3.68
CA GLY A 33 -6.31 9.44 -2.71
C GLY A 33 -4.89 9.91 -2.91
N PRO A 34 -4.51 10.96 -2.18
CA PRO A 34 -3.16 11.54 -2.25
C PRO A 34 -2.10 10.62 -1.67
N LEU A 35 -1.23 10.10 -2.52
CA LEU A 35 -0.17 9.20 -2.09
C LEU A 35 0.86 9.96 -1.24
N SER A 36 1.18 9.41 -0.08
CA SER A 36 2.15 10.02 0.82
C SER A 36 3.57 9.56 0.48
N GLU A 37 3.70 8.30 0.08
CA GLU A 37 5.00 7.74 -0.27
C GLU A 37 4.84 6.48 -1.11
N LEU A 38 5.80 6.24 -1.99
CA LEU A 38 5.77 5.07 -2.86
C LEU A 38 7.09 4.32 -2.82
N HIS A 39 7.03 2.99 -2.90
CA HIS A 39 8.22 2.17 -2.88
C HIS A 39 8.23 1.17 -4.04
N TYR A 40 8.97 1.49 -5.09
CA TYR A 40 9.05 0.63 -6.25
C TYR A 40 10.46 0.08 -6.44
N PRO A 41 10.72 -1.11 -5.89
CA PRO A 41 12.03 -1.76 -5.99
C PRO A 41 12.34 -2.24 -7.41
N ILE A 42 13.57 -2.03 -7.83
CA ILE A 42 14.00 -2.44 -9.16
C ILE A 42 15.40 -3.04 -9.13
N ASP A 43 15.54 -4.22 -9.73
CA ASP A 43 16.83 -4.91 -9.78
C ASP A 43 17.86 -4.07 -10.52
N SER A 44 18.99 -3.80 -9.86
CA SER A 44 20.06 -3.01 -10.46
C SER A 44 20.76 -3.80 -11.57
N LEU A 45 20.33 -5.04 -11.77
CA LEU A 45 20.93 -5.89 -12.79
C LEU A 45 20.03 -5.97 -14.02
N THR A 46 18.78 -6.36 -13.82
CA THR A 46 17.82 -6.47 -14.91
C THR A 46 17.05 -5.17 -15.11
N LYS A 47 17.31 -4.20 -14.22
CA LYS A 47 16.64 -2.91 -14.30
C LYS A 47 15.13 -3.08 -14.39
N LYS A 48 14.61 -4.11 -13.71
CA LYS A 48 13.18 -4.38 -13.71
C LYS A 48 12.70 -4.77 -12.31
N PRO A 49 11.43 -4.47 -12.02
CA PRO A 49 10.83 -4.78 -10.72
C PRO A 49 10.62 -6.27 -10.52
N LYS A 50 10.45 -6.67 -9.26
CA LYS A 50 10.24 -8.08 -8.94
C LYS A 50 8.75 -8.43 -8.96
N GLY A 51 7.92 -7.42 -9.18
CA GLY A 51 6.48 -7.64 -9.23
C GLY A 51 5.81 -7.38 -7.89
N PHE A 52 6.26 -6.35 -7.19
CA PHE A 52 5.70 -6.00 -5.90
C PHE A 52 6.09 -4.57 -5.50
N ALA A 53 5.26 -3.94 -4.69
CA ALA A 53 5.51 -2.58 -4.24
C ALA A 53 4.68 -2.25 -3.00
N PHE A 54 5.02 -1.14 -2.35
CA PHE A 54 4.32 -0.71 -1.15
C PHE A 54 3.79 0.72 -1.31
N VAL A 55 2.47 0.86 -1.26
CA VAL A 55 1.84 2.16 -1.40
C VAL A 55 1.37 2.70 -0.04
N THR A 56 1.67 3.97 0.22
CA THR A 56 1.29 4.60 1.48
C THR A 56 0.42 5.82 1.23
N PHE A 57 -0.85 5.74 1.63
CA PHE A 57 -1.78 6.85 1.46
C PHE A 57 -1.70 7.82 2.63
N MET A 58 -1.73 9.11 2.32
CA MET A 58 -1.67 10.15 3.35
C MET A 58 -2.69 9.89 4.44
N PHE A 59 -3.93 9.62 4.05
CA PHE A 59 -5.00 9.37 5.00
C PHE A 59 -5.51 7.93 4.87
N PRO A 60 -5.97 7.36 5.99
CA PRO A 60 -6.50 5.99 6.04
C PRO A 60 -7.82 5.85 5.29
N GLU A 61 -8.67 6.87 5.40
CA GLU A 61 -9.96 6.87 4.74
C GLU A 61 -9.82 6.46 3.27
N HIS A 62 -8.89 7.11 2.58
CA HIS A 62 -8.64 6.82 1.17
C HIS A 62 -8.01 5.44 0.99
N ALA A 63 -6.93 5.19 1.74
CA ALA A 63 -6.25 3.92 1.66
C ALA A 63 -7.23 2.74 1.75
N VAL A 64 -8.31 2.95 2.49
CA VAL A 64 -9.32 1.91 2.65
C VAL A 64 -10.16 1.76 1.38
N LYS A 65 -10.55 2.88 0.80
CA LYS A 65 -11.35 2.87 -0.43
C LYS A 65 -10.63 2.12 -1.54
N ALA A 66 -9.33 2.34 -1.65
CA ALA A 66 -8.52 1.69 -2.68
C ALA A 66 -8.46 0.18 -2.43
N TYR A 67 -8.26 -0.21 -1.18
CA TYR A 67 -8.17 -1.61 -0.82
C TYR A 67 -9.49 -2.33 -1.06
N ALA A 68 -10.58 -1.54 -1.10
CA ALA A 68 -11.90 -2.10 -1.33
C ALA A 68 -12.16 -2.31 -2.81
N GLU A 69 -11.58 -1.45 -3.64
CA GLU A 69 -11.74 -1.54 -5.09
C GLU A 69 -10.57 -2.26 -5.73
N VAL A 70 -9.37 -1.72 -5.54
CA VAL A 70 -8.17 -2.31 -6.11
C VAL A 70 -8.10 -3.81 -5.82
N ASP A 71 -7.98 -4.16 -4.54
CA ASP A 71 -7.91 -5.55 -4.14
C ASP A 71 -8.78 -6.43 -5.04
N GLY A 72 -8.17 -6.98 -6.09
CA GLY A 72 -8.90 -7.83 -7.01
C GLY A 72 -8.95 -7.25 -8.41
N GLN A 73 -8.16 -6.22 -8.64
CA GLN A 73 -8.12 -5.57 -9.95
C GLN A 73 -7.00 -6.15 -10.81
N VAL A 74 -7.05 -5.86 -12.11
CA VAL A 74 -6.04 -6.36 -13.04
C VAL A 74 -5.30 -5.21 -13.71
N PHE A 75 -3.97 -5.31 -13.73
CA PHE A 75 -3.14 -4.27 -14.33
C PHE A 75 -2.14 -4.87 -15.31
N GLN A 76 -2.34 -4.60 -16.60
CA GLN A 76 -1.44 -5.12 -17.63
C GLN A 76 -1.44 -6.65 -17.63
N GLY A 77 -2.62 -7.23 -17.45
CA GLY A 77 -2.72 -8.68 -17.42
C GLY A 77 -2.10 -9.30 -16.19
N ARG A 78 -2.06 -8.53 -15.11
CA ARG A 78 -1.47 -9.01 -13.86
C ARG A 78 -2.41 -8.76 -12.69
N MET A 79 -2.94 -9.84 -12.13
CA MET A 79 -3.86 -9.75 -10.99
C MET A 79 -3.18 -9.09 -9.80
N LEU A 80 -3.78 -8.02 -9.29
CA LEU A 80 -3.24 -7.31 -8.14
C LEU A 80 -3.91 -7.75 -6.85
N HIS A 81 -3.10 -8.23 -5.91
CA HIS A 81 -3.62 -8.69 -4.62
C HIS A 81 -3.24 -7.72 -3.51
N VAL A 82 -4.18 -6.86 -3.14
CA VAL A 82 -3.96 -5.88 -2.08
C VAL A 82 -4.33 -6.44 -0.71
N LEU A 83 -3.38 -6.41 0.22
CA LEU A 83 -3.62 -6.93 1.56
C LEU A 83 -3.52 -5.80 2.59
N PRO A 84 -4.36 -5.89 3.64
CA PRO A 84 -4.38 -4.89 4.72
C PRO A 84 -3.14 -4.94 5.58
N SER A 85 -2.51 -3.78 5.79
CA SER A 85 -1.30 -3.69 6.59
C SER A 85 -1.41 -2.56 7.61
N THR A 86 -0.81 -2.77 8.78
CA THR A 86 -0.84 -1.77 9.85
C THR A 86 0.49 -1.70 10.58
N ILE A 87 0.69 -0.64 11.33
CA ILE A 87 1.92 -0.45 12.09
C ILE A 87 2.07 -1.52 13.17
N LYS A 88 3.15 -2.29 13.08
CA LYS A 88 3.42 -3.35 14.04
C LYS A 88 3.91 -2.77 15.36
N LYS A 89 3.12 -2.95 16.41
CA LYS A 89 3.47 -2.45 17.73
C LYS A 89 2.50 -2.97 18.80
N GLU A 90 3.04 -3.47 19.89
CA GLU A 90 2.23 -4.00 20.98
C GLU A 90 3.05 -4.19 22.25
N ALA A 91 2.48 -3.80 23.39
CA ALA A 91 3.16 -3.92 24.66
C ALA A 91 2.16 -4.03 25.81
N SER A 92 2.48 -4.89 26.78
CA SER A 92 1.60 -5.09 27.93
C SER A 92 1.88 -4.05 29.01
N GLN A 93 1.10 -2.98 29.01
CA GLN A 93 1.26 -1.90 29.99
C GLN A 93 -0.07 -1.58 30.66
N SER A 94 -0.25 -2.06 31.87
CA SER A 94 -1.48 -1.82 32.62
C SER A 94 -1.18 -1.23 34.00
N GLY A 95 -2.10 -0.42 34.50
CA GLY A 95 -1.91 0.20 35.81
C GLY A 95 -2.53 1.57 35.89
N PRO A 96 -2.97 1.96 37.10
CA PRO A 96 -3.58 3.27 37.34
C PRO A 96 -2.57 4.41 37.23
N SER A 97 -3.09 5.64 37.21
CA SER A 97 -2.23 6.82 37.11
C SER A 97 -2.43 7.74 38.31
N SER A 98 -3.68 7.99 38.67
CA SER A 98 -4.00 8.84 39.80
C SER A 98 -4.95 8.15 40.76
N GLY A 99 -4.40 7.66 41.88
CA GLY A 99 -5.23 6.97 42.86
C GLY A 99 -4.99 7.49 44.27
N GLY A 1 -9.32 -2.13 22.44
CA GLY A 1 -8.02 -2.57 21.97
C GLY A 1 -7.55 -1.80 20.76
N SER A 2 -6.87 -2.48 19.84
CA SER A 2 -6.36 -1.84 18.64
C SER A 2 -5.35 -0.75 18.99
N SER A 3 -4.47 -1.04 19.93
CA SER A 3 -3.45 -0.09 20.36
C SER A 3 -2.72 0.50 19.16
N GLY A 4 -3.04 1.75 18.84
CA GLY A 4 -2.40 2.41 17.71
C GLY A 4 -3.10 3.70 17.31
N SER A 5 -2.37 4.80 17.37
CA SER A 5 -2.92 6.11 17.02
C SER A 5 -3.00 6.28 15.51
N SER A 6 -4.17 6.69 15.03
CA SER A 6 -4.37 6.90 13.59
C SER A 6 -3.12 7.48 12.95
N GLY A 7 -2.59 6.75 11.96
CA GLY A 7 -1.40 7.21 11.28
C GLY A 7 -0.69 6.09 10.54
N SER A 8 -1.43 5.36 9.71
CA SER A 8 -0.88 4.25 8.96
C SER A 8 -1.03 4.48 7.46
N GLY A 9 -2.29 4.54 7.00
CA GLY A 9 -2.55 4.76 5.60
C GLY A 9 -1.59 4.02 4.70
N ARG A 10 -1.20 2.82 5.12
CA ARG A 10 -0.27 1.99 4.35
C ARG A 10 -0.95 0.71 3.87
N LEU A 11 -0.49 0.19 2.74
CA LEU A 11 -1.05 -1.04 2.18
C LEU A 11 0.03 -1.86 1.49
N PHE A 12 -0.28 -3.12 1.22
CA PHE A 12 0.68 -4.01 0.56
C PHE A 12 0.12 -4.49 -0.79
N VAL A 13 0.81 -4.13 -1.86
CA VAL A 13 0.40 -4.52 -3.20
C VAL A 13 1.47 -5.34 -3.90
N ARG A 14 1.05 -6.29 -4.73
CA ARG A 14 1.97 -7.16 -5.44
C ARG A 14 1.39 -7.55 -6.80
N ASN A 15 2.17 -8.31 -7.56
CA ASN A 15 1.74 -8.76 -8.89
C ASN A 15 1.74 -7.61 -9.88
N LEU A 16 2.77 -6.77 -9.82
CA LEU A 16 2.90 -5.62 -10.71
C LEU A 16 3.61 -6.02 -12.00
N SER A 17 3.02 -5.66 -13.13
CA SER A 17 3.60 -5.97 -14.43
C SER A 17 4.93 -5.24 -14.62
N TYR A 18 5.99 -6.00 -14.83
CA TYR A 18 7.32 -5.43 -15.02
C TYR A 18 7.27 -4.26 -16.01
N THR A 19 6.55 -4.46 -17.10
CA THR A 19 6.42 -3.43 -18.13
C THR A 19 5.99 -2.10 -17.51
N SER A 20 5.16 -2.18 -16.48
CA SER A 20 4.66 -0.99 -15.80
C SER A 20 5.81 -0.23 -15.13
N SER A 21 5.65 1.09 -15.02
CA SER A 21 6.67 1.93 -14.40
C SER A 21 6.13 2.58 -13.12
N GLU A 22 7.05 3.08 -12.29
CA GLU A 22 6.67 3.73 -11.05
C GLU A 22 5.64 4.82 -11.28
N GLU A 23 5.87 5.62 -12.32
CA GLU A 23 4.96 6.71 -12.66
C GLU A 23 3.55 6.18 -12.91
N ASP A 24 3.47 5.03 -13.56
CA ASP A 24 2.18 4.41 -13.86
C ASP A 24 1.40 4.12 -12.58
N LEU A 25 2.10 3.62 -11.58
CA LEU A 25 1.47 3.30 -10.30
C LEU A 25 0.94 4.56 -9.62
N GLU A 26 1.82 5.54 -9.45
CA GLU A 26 1.45 6.80 -8.81
C GLU A 26 0.04 7.23 -9.24
N LYS A 27 -0.16 7.36 -10.54
CA LYS A 27 -1.45 7.76 -11.08
C LYS A 27 -2.54 6.77 -10.68
N LEU A 28 -2.33 5.50 -11.00
CA LEU A 28 -3.29 4.45 -10.67
C LEU A 28 -3.87 4.66 -9.27
N PHE A 29 -3.03 4.52 -8.25
CA PHE A 29 -3.45 4.70 -6.88
C PHE A 29 -3.91 6.13 -6.62
N SER A 30 -3.05 7.09 -6.96
CA SER A 30 -3.36 8.50 -6.76
C SER A 30 -4.84 8.76 -7.04
N ALA A 31 -5.35 8.19 -8.11
CA ALA A 31 -6.75 8.36 -8.48
C ALA A 31 -7.66 8.25 -7.27
N TYR A 32 -7.50 7.17 -6.51
CA TYR A 32 -8.31 6.93 -5.32
C TYR A 32 -8.12 8.07 -4.31
N GLY A 33 -6.87 8.46 -4.10
CA GLY A 33 -6.57 9.53 -3.17
C GLY A 33 -5.12 9.96 -3.22
N PRO A 34 -4.75 10.92 -2.35
CA PRO A 34 -3.38 11.43 -2.29
C PRO A 34 -2.40 10.42 -1.73
N LEU A 35 -1.23 10.33 -2.36
CA LEU A 35 -0.20 9.38 -1.93
C LEU A 35 0.83 10.08 -1.05
N SER A 36 1.09 9.49 0.11
CA SER A 36 2.05 10.05 1.05
C SER A 36 3.48 9.66 0.67
N GLU A 37 3.67 8.40 0.29
CA GLU A 37 4.97 7.91 -0.11
C GLU A 37 4.85 6.70 -1.04
N LEU A 38 5.88 6.47 -1.85
CA LEU A 38 5.88 5.36 -2.78
C LEU A 38 7.23 4.65 -2.78
N HIS A 39 7.20 3.33 -2.94
CA HIS A 39 8.42 2.54 -2.96
C HIS A 39 8.36 1.47 -4.04
N TYR A 40 9.13 1.66 -5.11
CA TYR A 40 9.16 0.71 -6.21
C TYR A 40 10.58 0.26 -6.50
N PRO A 41 10.97 -0.88 -5.89
CA PRO A 41 12.31 -1.45 -6.07
C PRO A 41 12.52 -2.02 -7.47
N ILE A 42 13.74 -1.88 -7.98
CA ILE A 42 14.07 -2.38 -9.31
C ILE A 42 15.46 -3.02 -9.33
N ASP A 43 15.52 -4.25 -9.84
CA ASP A 43 16.78 -4.98 -9.91
C ASP A 43 17.84 -4.15 -10.65
N SER A 44 19.08 -4.22 -10.15
CA SER A 44 20.18 -3.47 -10.76
C SER A 44 20.78 -4.25 -11.93
N LEU A 45 20.38 -5.51 -12.06
CA LEU A 45 20.88 -6.37 -13.14
C LEU A 45 19.85 -6.49 -14.25
N THR A 46 18.64 -6.90 -13.89
CA THR A 46 17.55 -7.06 -14.86
C THR A 46 16.91 -5.73 -15.18
N LYS A 47 17.03 -4.77 -14.26
CA LYS A 47 16.45 -3.44 -14.44
C LYS A 47 14.93 -3.51 -14.41
N LYS A 48 14.38 -4.46 -13.66
CA LYS A 48 12.95 -4.62 -13.54
C LYS A 48 12.55 -4.94 -12.10
N PRO A 49 11.31 -4.59 -11.74
CA PRO A 49 10.78 -4.84 -10.39
C PRO A 49 10.54 -6.32 -10.13
N LYS A 50 10.52 -6.70 -8.85
CA LYS A 50 10.30 -8.08 -8.46
C LYS A 50 8.82 -8.40 -8.41
N GLY A 51 7.98 -7.37 -8.57
CA GLY A 51 6.54 -7.56 -8.55
C GLY A 51 5.95 -7.26 -7.19
N PHE A 52 6.45 -6.20 -6.55
CA PHE A 52 5.96 -5.80 -5.24
C PHE A 52 6.33 -4.36 -4.94
N ALA A 53 5.46 -3.66 -4.23
CA ALA A 53 5.69 -2.27 -3.87
C ALA A 53 4.97 -1.89 -2.58
N PHE A 54 5.22 -0.69 -2.10
CA PHE A 54 4.60 -0.21 -0.86
C PHE A 54 3.92 1.13 -1.08
N VAL A 55 2.60 1.13 -1.07
CA VAL A 55 1.83 2.36 -1.27
C VAL A 55 1.27 2.87 0.06
N THR A 56 1.68 4.09 0.43
CA THR A 56 1.22 4.69 1.67
C THR A 56 0.44 5.96 1.41
N PHE A 57 -0.88 5.89 1.61
CA PHE A 57 -1.75 7.04 1.39
C PHE A 57 -1.64 8.03 2.55
N MET A 58 -2.07 9.27 2.29
CA MET A 58 -2.01 10.32 3.30
C MET A 58 -2.96 10.01 4.45
N PHE A 59 -4.18 9.60 4.11
CA PHE A 59 -5.19 9.27 5.12
C PHE A 59 -5.58 7.80 5.04
N PRO A 60 -5.81 7.19 6.22
CA PRO A 60 -6.18 5.77 6.31
C PRO A 60 -7.59 5.53 5.79
N GLU A 61 -8.41 6.57 5.79
CA GLU A 61 -9.79 6.46 5.32
C GLU A 61 -9.84 6.13 3.83
N HIS A 62 -9.04 6.86 3.04
CA HIS A 62 -8.98 6.64 1.61
C HIS A 62 -8.36 5.29 1.29
N ALA A 63 -7.25 4.98 1.95
CA ALA A 63 -6.56 3.71 1.74
C ALA A 63 -7.54 2.55 1.71
N VAL A 64 -8.59 2.64 2.53
CA VAL A 64 -9.61 1.59 2.59
C VAL A 64 -10.37 1.48 1.28
N LYS A 65 -10.84 2.61 0.79
CA LYS A 65 -11.59 2.65 -0.46
C LYS A 65 -10.85 1.91 -1.57
N ALA A 66 -9.55 2.17 -1.68
CA ALA A 66 -8.71 1.52 -2.69
C ALA A 66 -8.60 0.03 -2.43
N TYR A 67 -8.18 -0.32 -1.21
CA TYR A 67 -8.02 -1.73 -0.84
C TYR A 67 -9.31 -2.51 -1.08
N ALA A 68 -10.43 -1.78 -1.12
CA ALA A 68 -11.73 -2.41 -1.35
C ALA A 68 -11.97 -2.64 -2.84
N GLU A 69 -11.56 -1.68 -3.66
CA GLU A 69 -11.73 -1.78 -5.10
C GLU A 69 -10.54 -2.46 -5.75
N VAL A 70 -9.36 -1.87 -5.58
CA VAL A 70 -8.14 -2.41 -6.15
C VAL A 70 -8.05 -3.92 -5.92
N ASP A 71 -8.11 -4.33 -4.66
CA ASP A 71 -8.04 -5.74 -4.30
C ASP A 71 -8.93 -6.57 -5.22
N GLY A 72 -8.33 -7.17 -6.24
CA GLY A 72 -9.07 -7.98 -7.17
C GLY A 72 -9.25 -7.32 -8.52
N GLN A 73 -8.36 -6.38 -8.83
CA GLN A 73 -8.42 -5.66 -10.10
C GLN A 73 -7.28 -6.09 -11.02
N VAL A 74 -7.48 -5.93 -12.32
CA VAL A 74 -6.47 -6.31 -13.31
C VAL A 74 -5.73 -5.07 -13.82
N PHE A 75 -4.40 -5.17 -13.89
CA PHE A 75 -3.57 -4.07 -14.37
C PHE A 75 -2.56 -4.56 -15.40
N GLN A 76 -2.87 -4.34 -16.67
CA GLN A 76 -1.99 -4.75 -17.76
C GLN A 76 -1.85 -6.27 -17.79
N GLY A 77 -2.95 -6.97 -17.52
CA GLY A 77 -2.92 -8.41 -17.53
C GLY A 77 -2.20 -8.99 -16.32
N ARG A 78 -2.26 -8.28 -15.21
CA ARG A 78 -1.61 -8.72 -13.98
C ARG A 78 -2.59 -8.68 -12.80
N MET A 79 -2.89 -9.86 -12.25
CA MET A 79 -3.80 -9.96 -11.12
C MET A 79 -3.22 -9.28 -9.89
N LEU A 80 -3.62 -8.04 -9.67
CA LEU A 80 -3.14 -7.28 -8.51
C LEU A 80 -3.73 -7.81 -7.21
N HIS A 81 -2.87 -7.99 -6.21
CA HIS A 81 -3.32 -8.49 -4.91
C HIS A 81 -3.02 -7.49 -3.81
N VAL A 82 -4.08 -6.92 -3.23
CA VAL A 82 -3.93 -5.94 -2.16
C VAL A 82 -4.30 -6.55 -0.81
N LEU A 83 -3.51 -6.23 0.21
CA LEU A 83 -3.75 -6.74 1.56
C LEU A 83 -3.52 -5.64 2.60
N PRO A 84 -4.34 -5.66 3.66
CA PRO A 84 -4.25 -4.68 4.74
C PRO A 84 -3.00 -4.88 5.59
N SER A 85 -2.26 -3.79 5.80
CA SER A 85 -1.03 -3.85 6.59
C SER A 85 -0.99 -2.70 7.60
N THR A 86 -0.20 -2.87 8.65
CA THR A 86 -0.07 -1.85 9.69
C THR A 86 1.33 -1.86 10.29
N ILE A 87 1.71 -0.74 10.89
CA ILE A 87 3.03 -0.62 11.51
C ILE A 87 3.05 -1.24 12.90
N LYS A 88 4.05 -2.08 13.16
CA LYS A 88 4.18 -2.75 14.45
C LYS A 88 4.99 -1.89 15.42
N LYS A 89 4.61 -0.61 15.52
CA LYS A 89 5.30 0.31 16.42
C LYS A 89 5.53 -0.33 17.79
N GLU A 90 6.61 0.07 18.44
CA GLU A 90 6.95 -0.47 19.75
C GLU A 90 6.94 0.63 20.81
N ALA A 91 5.95 1.51 20.73
CA ALA A 91 5.83 2.62 21.68
C ALA A 91 4.86 2.27 22.81
N SER A 92 5.38 1.59 23.84
CA SER A 92 4.56 1.20 24.98
C SER A 92 4.42 2.34 25.97
N GLN A 93 4.24 3.55 25.45
CA GLN A 93 4.10 4.73 26.29
C GLN A 93 3.55 5.90 25.49
N SER A 94 3.19 6.99 26.19
CA SER A 94 2.64 8.17 25.55
C SER A 94 3.04 9.43 26.32
N GLY A 95 3.18 10.53 25.60
CA GLY A 95 3.54 11.80 26.23
C GLY A 95 5.03 12.08 26.14
N PRO A 96 5.38 13.24 25.56
CA PRO A 96 6.77 13.65 25.39
C PRO A 96 7.44 14.00 26.72
N SER A 97 8.63 13.48 26.93
CA SER A 97 9.38 13.75 28.16
C SER A 97 10.76 14.32 27.86
N SER A 98 11.06 15.47 28.47
CA SER A 98 12.34 16.13 28.26
C SER A 98 12.75 16.92 29.49
N GLY A 99 14.05 16.97 29.75
CA GLY A 99 14.56 17.71 30.90
C GLY A 99 13.62 17.62 32.09
N GLY A 1 -9.06 -9.38 9.38
CA GLY A 1 -8.13 -8.51 10.08
C GLY A 1 -8.82 -7.34 10.76
N SER A 2 -8.12 -6.22 10.87
CA SER A 2 -8.68 -5.03 11.52
C SER A 2 -8.28 -3.77 10.76
N SER A 3 -9.27 -2.95 10.43
CA SER A 3 -9.03 -1.71 9.70
C SER A 3 -8.15 -0.77 10.52
N GLY A 4 -8.50 -0.59 11.79
CA GLY A 4 -7.73 0.28 12.66
C GLY A 4 -7.74 1.71 12.18
N SER A 5 -7.92 2.66 13.11
CA SER A 5 -7.96 4.07 12.77
C SER A 5 -6.80 4.81 13.44
N SER A 6 -5.71 4.09 13.69
CA SER A 6 -4.53 4.68 14.33
C SER A 6 -3.27 3.91 13.95
N GLY A 7 -2.42 4.54 13.15
CA GLY A 7 -1.19 3.90 12.74
C GLY A 7 -0.63 4.51 11.46
N SER A 8 -1.10 4.01 10.32
CA SER A 8 -0.65 4.51 9.02
C SER A 8 -1.52 3.98 7.90
N GLY A 9 -1.66 4.77 6.84
CA GLY A 9 -2.47 4.36 5.71
C GLY A 9 -1.67 3.60 4.67
N ARG A 10 -0.75 2.75 5.14
CA ARG A 10 0.08 1.96 4.24
C ARG A 10 -0.64 0.68 3.82
N LEU A 11 -0.33 0.20 2.62
CA LEU A 11 -0.94 -1.03 2.11
C LEU A 11 0.08 -1.85 1.33
N PHE A 12 -0.05 -3.17 1.40
CA PHE A 12 0.85 -4.07 0.70
C PHE A 12 0.27 -4.49 -0.65
N VAL A 13 1.01 -4.21 -1.71
CA VAL A 13 0.57 -4.56 -3.06
C VAL A 13 1.58 -5.46 -3.75
N ARG A 14 1.08 -6.41 -4.53
CA ARG A 14 1.94 -7.35 -5.26
C ARG A 14 1.37 -7.64 -6.65
N ASN A 15 2.10 -8.45 -7.41
CA ASN A 15 1.68 -8.82 -8.76
C ASN A 15 1.74 -7.61 -9.69
N LEU A 16 2.90 -6.98 -9.75
CA LEU A 16 3.10 -5.80 -10.60
C LEU A 16 3.75 -6.20 -11.92
N SER A 17 3.07 -5.91 -13.02
CA SER A 17 3.59 -6.24 -14.34
C SER A 17 4.83 -5.40 -14.66
N TYR A 18 5.90 -6.08 -15.05
CA TYR A 18 7.15 -5.39 -15.38
C TYR A 18 6.90 -4.23 -16.33
N THR A 19 5.95 -4.41 -17.24
CA THR A 19 5.61 -3.37 -18.21
C THR A 19 5.20 -2.07 -17.51
N SER A 20 4.59 -2.22 -16.34
CA SER A 20 4.14 -1.06 -15.56
C SER A 20 5.33 -0.34 -14.94
N SER A 21 5.25 0.99 -14.88
CA SER A 21 6.32 1.80 -14.30
C SER A 21 5.85 2.51 -13.03
N GLU A 22 6.79 2.86 -12.17
CA GLU A 22 6.47 3.54 -10.92
C GLU A 22 5.43 4.63 -11.15
N GLU A 23 5.65 5.44 -12.18
CA GLU A 23 4.73 6.53 -12.50
C GLU A 23 3.31 6.00 -12.69
N ASP A 24 3.18 4.93 -13.46
CA ASP A 24 1.87 4.33 -13.70
C ASP A 24 1.15 4.04 -12.40
N LEU A 25 1.86 3.44 -11.45
CA LEU A 25 1.28 3.10 -10.16
C LEU A 25 0.82 4.36 -9.42
N GLU A 26 1.69 5.37 -9.40
CA GLU A 26 1.38 6.63 -8.73
C GLU A 26 0.01 7.14 -9.16
N LYS A 27 -0.20 7.25 -10.46
CA LYS A 27 -1.47 7.73 -11.00
C LYS A 27 -2.61 6.78 -10.64
N LEU A 28 -2.44 5.51 -10.96
CA LEU A 28 -3.45 4.50 -10.66
C LEU A 28 -4.03 4.71 -9.27
N PHE A 29 -3.18 4.58 -8.25
CA PHE A 29 -3.62 4.76 -6.87
C PHE A 29 -4.03 6.21 -6.61
N SER A 30 -3.18 7.13 -7.04
CA SER A 30 -3.45 8.55 -6.85
C SER A 30 -4.92 8.87 -7.05
N ALA A 31 -5.52 8.23 -8.06
CA ALA A 31 -6.94 8.44 -8.35
C ALA A 31 -7.78 8.37 -7.08
N TYR A 32 -7.53 7.36 -6.26
CA TYR A 32 -8.26 7.19 -5.01
C TYR A 32 -7.98 8.34 -4.05
N GLY A 33 -6.76 8.83 -4.07
CA GLY A 33 -6.37 9.92 -3.19
C GLY A 33 -4.89 10.27 -3.30
N PRO A 34 -4.47 11.27 -2.52
CA PRO A 34 -3.08 11.73 -2.52
C PRO A 34 -2.14 10.71 -1.89
N LEU A 35 -1.11 10.32 -2.63
CA LEU A 35 -0.14 9.35 -2.13
C LEU A 35 0.91 10.02 -1.24
N SER A 36 1.11 9.45 -0.06
CA SER A 36 2.08 9.99 0.90
C SER A 36 3.50 9.55 0.55
N GLU A 37 3.65 8.26 0.23
CA GLU A 37 4.95 7.70 -0.11
C GLU A 37 4.79 6.41 -0.91
N LEU A 38 5.59 6.28 -1.97
CA LEU A 38 5.55 5.09 -2.81
C LEU A 38 6.88 4.35 -2.79
N HIS A 39 6.82 3.03 -2.78
CA HIS A 39 8.02 2.21 -2.77
C HIS A 39 8.01 1.20 -3.91
N TYR A 40 8.76 1.50 -4.96
CA TYR A 40 8.84 0.62 -6.13
C TYR A 40 10.25 0.09 -6.32
N PRO A 41 10.52 -1.10 -5.76
CA PRO A 41 11.83 -1.74 -5.86
C PRO A 41 12.13 -2.23 -7.27
N ILE A 42 13.36 -2.01 -7.72
CA ILE A 42 13.78 -2.43 -9.05
C ILE A 42 15.20 -2.98 -9.03
N ASP A 43 15.38 -4.16 -9.60
CA ASP A 43 16.68 -4.80 -9.67
C ASP A 43 17.69 -3.91 -10.37
N SER A 44 18.97 -4.06 -10.01
CA SER A 44 20.03 -3.27 -10.62
C SER A 44 20.58 -3.95 -11.87
N LEU A 45 20.33 -5.25 -11.97
CA LEU A 45 20.80 -6.02 -13.12
C LEU A 45 19.79 -5.99 -14.25
N THR A 46 18.61 -6.53 -14.00
CA THR A 46 17.54 -6.57 -15.00
C THR A 46 16.89 -5.20 -15.15
N LYS A 47 17.05 -4.36 -14.13
CA LYS A 47 16.48 -3.01 -14.15
C LYS A 47 14.95 -3.07 -14.22
N LYS A 48 14.37 -4.07 -13.56
CA LYS A 48 12.92 -4.23 -13.53
C LYS A 48 12.45 -4.67 -12.15
N PRO A 49 11.18 -4.38 -11.85
CA PRO A 49 10.57 -4.73 -10.55
C PRO A 49 10.36 -6.24 -10.42
N LYS A 50 10.59 -6.75 -9.22
CA LYS A 50 10.43 -8.17 -8.94
C LYS A 50 8.95 -8.57 -9.02
N GLY A 51 8.07 -7.60 -8.85
CA GLY A 51 6.65 -7.87 -8.90
C GLY A 51 5.95 -7.57 -7.59
N PHE A 52 6.43 -6.55 -6.88
CA PHE A 52 5.84 -6.17 -5.60
C PHE A 52 6.21 -4.73 -5.25
N ALA A 53 5.35 -4.07 -4.48
CA ALA A 53 5.58 -2.69 -4.07
C ALA A 53 4.77 -2.34 -2.83
N PHE A 54 4.95 -1.13 -2.32
CA PHE A 54 4.24 -0.67 -1.15
C PHE A 54 3.71 0.74 -1.34
N VAL A 55 2.40 0.91 -1.22
CA VAL A 55 1.77 2.21 -1.39
C VAL A 55 1.34 2.79 -0.05
N THR A 56 1.70 4.05 0.20
CA THR A 56 1.36 4.72 1.45
C THR A 56 0.44 5.90 1.20
N PHE A 57 -0.81 5.78 1.62
CA PHE A 57 -1.79 6.84 1.44
C PHE A 57 -1.76 7.82 2.61
N MET A 58 -1.76 9.12 2.30
CA MET A 58 -1.73 10.14 3.33
C MET A 58 -2.83 9.91 4.36
N PHE A 59 -4.05 9.70 3.88
CA PHE A 59 -5.19 9.46 4.76
C PHE A 59 -5.52 7.97 4.84
N PRO A 60 -5.95 7.52 6.03
CA PRO A 60 -6.31 6.12 6.26
C PRO A 60 -7.59 5.73 5.54
N GLU A 61 -8.54 6.66 5.47
CA GLU A 61 -9.81 6.41 4.80
C GLU A 61 -9.61 6.14 3.31
N HIS A 62 -8.63 6.80 2.73
CA HIS A 62 -8.33 6.63 1.31
C HIS A 62 -7.72 5.25 1.05
N ALA A 63 -6.83 4.82 1.94
CA ALA A 63 -6.17 3.54 1.81
C ALA A 63 -7.18 2.40 1.82
N VAL A 64 -8.22 2.54 2.64
CA VAL A 64 -9.27 1.53 2.73
C VAL A 64 -10.08 1.45 1.45
N LYS A 65 -10.56 2.61 0.99
CA LYS A 65 -11.35 2.67 -0.23
C LYS A 65 -10.65 1.95 -1.38
N ALA A 66 -9.34 2.20 -1.52
CA ALA A 66 -8.55 1.58 -2.57
C ALA A 66 -8.45 0.07 -2.37
N TYR A 67 -8.11 -0.33 -1.15
CA TYR A 67 -7.96 -1.74 -0.82
C TYR A 67 -9.27 -2.50 -1.09
N ALA A 68 -10.36 -1.74 -1.20
CA ALA A 68 -11.66 -2.35 -1.47
C ALA A 68 -11.92 -2.47 -2.97
N GLU A 69 -11.30 -1.59 -3.74
CA GLU A 69 -11.47 -1.59 -5.19
C GLU A 69 -10.27 -2.27 -5.87
N VAL A 70 -9.08 -1.72 -5.64
CA VAL A 70 -7.87 -2.27 -6.23
C VAL A 70 -7.79 -3.78 -6.03
N ASP A 71 -7.86 -4.21 -4.78
CA ASP A 71 -7.81 -5.63 -4.45
C ASP A 71 -8.68 -6.44 -5.39
N GLY A 72 -8.07 -7.00 -6.43
CA GLY A 72 -8.82 -7.79 -7.40
C GLY A 72 -8.93 -7.10 -8.74
N GLN A 73 -8.03 -6.16 -9.01
CA GLN A 73 -8.03 -5.43 -10.27
C GLN A 73 -6.86 -5.84 -11.14
N VAL A 74 -7.13 -6.10 -12.41
CA VAL A 74 -6.09 -6.50 -13.35
C VAL A 74 -5.38 -5.29 -13.95
N PHE A 75 -4.05 -5.38 -14.07
CA PHE A 75 -3.26 -4.29 -14.62
C PHE A 75 -2.18 -4.82 -15.56
N GLN A 76 -2.34 -4.53 -16.85
CA GLN A 76 -1.38 -4.97 -17.85
C GLN A 76 -1.29 -6.50 -17.87
N GLY A 77 -2.42 -7.16 -17.62
CA GLY A 77 -2.44 -8.61 -17.62
C GLY A 77 -1.86 -9.19 -16.35
N ARG A 78 -1.96 -8.45 -15.25
CA ARG A 78 -1.44 -8.90 -13.97
C ARG A 78 -2.41 -8.57 -12.84
N MET A 79 -3.00 -9.60 -12.25
CA MET A 79 -3.94 -9.43 -11.16
C MET A 79 -3.27 -8.79 -9.95
N LEU A 80 -3.64 -7.55 -9.65
CA LEU A 80 -3.06 -6.84 -8.52
C LEU A 80 -3.72 -7.26 -7.21
N HIS A 81 -2.90 -7.67 -6.25
CA HIS A 81 -3.42 -8.10 -4.95
C HIS A 81 -3.09 -7.07 -3.87
N VAL A 82 -4.05 -6.84 -2.98
CA VAL A 82 -3.86 -5.88 -1.90
C VAL A 82 -4.20 -6.50 -0.55
N LEU A 83 -3.50 -6.06 0.49
CA LEU A 83 -3.72 -6.58 1.83
C LEU A 83 -3.48 -5.48 2.87
N PRO A 84 -4.28 -5.51 3.96
CA PRO A 84 -4.18 -4.54 5.04
C PRO A 84 -2.91 -4.71 5.86
N SER A 85 -2.21 -3.61 6.11
CA SER A 85 -0.97 -3.64 6.88
C SER A 85 -0.96 -2.55 7.95
N THR A 86 -0.94 -2.97 9.21
CA THR A 86 -0.92 -2.02 10.32
C THR A 86 0.27 -2.26 11.22
N ILE A 87 0.44 -1.39 12.22
CA ILE A 87 1.55 -1.49 13.15
C ILE A 87 1.30 -2.60 14.18
N LYS A 88 2.29 -3.48 14.34
CA LYS A 88 2.17 -4.58 15.29
C LYS A 88 2.91 -4.25 16.59
N LYS A 89 2.15 -3.94 17.63
CA LYS A 89 2.73 -3.61 18.93
C LYS A 89 1.86 -4.17 20.06
N GLU A 90 2.50 -4.85 21.01
CA GLU A 90 1.79 -5.42 22.14
C GLU A 90 2.42 -4.98 23.46
N ALA A 91 1.87 -3.92 24.04
CA ALA A 91 2.37 -3.39 25.30
C ALA A 91 1.44 -2.32 25.87
N SER A 92 1.04 -2.50 27.12
CA SER A 92 0.13 -1.55 27.77
C SER A 92 0.82 -0.88 28.96
N GLN A 93 1.54 0.20 28.69
CA GLN A 93 2.25 0.93 29.74
C GLN A 93 2.15 2.43 29.51
N SER A 94 1.97 3.18 30.60
CA SER A 94 1.85 4.63 30.52
C SER A 94 2.76 5.31 31.54
N GLY A 95 3.02 6.59 31.33
CA GLY A 95 3.88 7.33 32.24
C GLY A 95 4.06 8.78 31.82
N PRO A 96 3.09 9.63 32.19
CA PRO A 96 3.12 11.06 31.85
C PRO A 96 4.20 11.81 32.62
N SER A 97 5.21 12.29 31.89
CA SER A 97 6.31 13.03 32.50
C SER A 97 5.88 14.43 32.90
N SER A 98 5.42 15.19 31.92
CA SER A 98 4.98 16.57 32.17
C SER A 98 3.98 16.62 33.32
N GLY A 99 4.22 17.52 34.26
CA GLY A 99 3.34 17.66 35.41
C GLY A 99 3.98 17.18 36.70
N GLY A 1 -17.16 -5.86 5.12
CA GLY A 1 -16.36 -4.65 5.12
C GLY A 1 -15.29 -4.67 6.20
N SER A 2 -14.03 -4.61 5.79
CA SER A 2 -12.92 -4.62 6.73
C SER A 2 -12.50 -3.19 7.09
N SER A 3 -12.24 -2.97 8.38
CA SER A 3 -11.85 -1.66 8.86
C SER A 3 -10.62 -1.77 9.78
N GLY A 4 -9.50 -1.22 9.33
CA GLY A 4 -8.29 -1.27 10.12
C GLY A 4 -8.25 -0.18 11.17
N SER A 5 -7.08 0.00 11.79
CA SER A 5 -6.91 1.00 12.82
C SER A 5 -6.33 2.29 12.24
N SER A 6 -6.52 3.40 12.95
CA SER A 6 -6.03 4.70 12.52
C SER A 6 -4.56 4.87 12.87
N GLY A 7 -3.71 4.92 11.85
CA GLY A 7 -2.28 5.08 12.07
C GLY A 7 -1.54 5.46 10.82
N SER A 8 -1.36 4.49 9.92
CA SER A 8 -0.66 4.74 8.67
C SER A 8 -1.45 4.18 7.48
N GLY A 9 -1.57 5.01 6.43
CA GLY A 9 -2.31 4.58 5.26
C GLY A 9 -1.46 3.79 4.28
N ARG A 10 -0.54 2.98 4.83
CA ARG A 10 0.34 2.16 4.00
C ARG A 10 -0.30 0.81 3.70
N LEU A 11 -0.18 0.39 2.45
CA LEU A 11 -0.75 -0.89 2.02
C LEU A 11 0.28 -1.71 1.24
N PHE A 12 0.04 -3.01 1.14
CA PHE A 12 0.94 -3.90 0.42
C PHE A 12 0.34 -4.31 -0.92
N VAL A 13 1.08 -4.06 -2.00
CA VAL A 13 0.63 -4.41 -3.34
C VAL A 13 1.59 -5.37 -4.02
N ARG A 14 1.06 -6.26 -4.84
CA ARG A 14 1.87 -7.23 -5.56
C ARG A 14 1.32 -7.48 -6.96
N ASN A 15 1.96 -8.39 -7.68
CA ASN A 15 1.53 -8.72 -9.05
C ASN A 15 1.71 -7.51 -9.97
N LEU A 16 2.80 -6.78 -9.79
CA LEU A 16 3.09 -5.61 -10.60
C LEU A 16 3.82 -6.01 -11.88
N SER A 17 3.14 -5.85 -13.02
CA SER A 17 3.74 -6.19 -14.31
C SER A 17 5.06 -5.45 -14.51
N TYR A 18 6.07 -6.19 -14.93
CA TYR A 18 7.39 -5.60 -15.16
C TYR A 18 7.29 -4.39 -16.10
N THR A 19 6.25 -4.37 -16.91
CA THR A 19 6.04 -3.28 -17.85
C THR A 19 5.62 -2.00 -17.13
N SER A 20 4.86 -2.16 -16.05
CA SER A 20 4.40 -1.01 -15.27
C SER A 20 5.58 -0.15 -14.82
N SER A 21 5.36 1.16 -14.76
CA SER A 21 6.40 2.09 -14.35
C SER A 21 6.02 2.80 -13.06
N GLU A 22 7.02 3.16 -12.27
CA GLU A 22 6.80 3.85 -11.00
C GLU A 22 5.76 4.96 -11.16
N GLU A 23 5.77 5.60 -12.33
CA GLU A 23 4.84 6.69 -12.61
C GLU A 23 3.42 6.16 -12.78
N ASP A 24 3.24 5.27 -13.74
CA ASP A 24 1.94 4.68 -14.01
C ASP A 24 1.21 4.36 -12.71
N LEU A 25 1.93 3.77 -11.77
CA LEU A 25 1.34 3.40 -10.48
C LEU A 25 0.90 4.64 -9.72
N GLU A 26 1.82 5.59 -9.53
CA GLU A 26 1.52 6.82 -8.83
C GLU A 26 0.14 7.34 -9.20
N LYS A 27 -0.22 7.21 -10.47
CA LYS A 27 -1.51 7.66 -10.96
C LYS A 27 -2.61 6.66 -10.59
N LEU A 28 -2.30 5.37 -10.75
CA LEU A 28 -3.26 4.32 -10.44
C LEU A 28 -3.88 4.53 -9.06
N PHE A 29 -3.03 4.61 -8.05
CA PHE A 29 -3.49 4.80 -6.67
C PHE A 29 -3.93 6.24 -6.46
N SER A 30 -3.09 7.18 -6.85
CA SER A 30 -3.39 8.60 -6.70
C SER A 30 -4.88 8.87 -6.93
N ALA A 31 -5.46 8.16 -7.88
CA ALA A 31 -6.88 8.31 -8.19
C ALA A 31 -7.74 8.19 -6.94
N TYR A 32 -7.50 7.13 -6.17
CA TYR A 32 -8.25 6.90 -4.94
C TYR A 32 -8.05 8.05 -3.95
N GLY A 33 -6.86 8.61 -3.95
CA GLY A 33 -6.55 9.71 -3.05
C GLY A 33 -5.12 10.21 -3.20
N PRO A 34 -4.79 11.26 -2.44
CA PRO A 34 -3.44 11.85 -2.47
C PRO A 34 -2.38 10.94 -1.85
N LEU A 35 -1.48 10.44 -2.68
CA LEU A 35 -0.42 9.56 -2.22
C LEU A 35 0.59 10.32 -1.37
N SER A 36 1.07 9.67 -0.30
CA SER A 36 2.04 10.29 0.60
C SER A 36 3.46 9.90 0.20
N GLU A 37 3.65 8.63 -0.14
CA GLU A 37 4.97 8.12 -0.52
C GLU A 37 4.83 6.78 -1.23
N LEU A 38 5.48 6.67 -2.39
CA LEU A 38 5.45 5.43 -3.17
C LEU A 38 6.79 4.71 -3.11
N HIS A 39 6.74 3.39 -3.17
CA HIS A 39 7.95 2.57 -3.12
C HIS A 39 7.94 1.51 -4.21
N TYR A 40 8.67 1.78 -5.29
CA TYR A 40 8.74 0.84 -6.42
C TYR A 40 10.13 0.22 -6.51
N PRO A 41 10.26 -1.00 -5.96
CA PRO A 41 11.52 -1.74 -5.98
C PRO A 41 11.91 -2.23 -7.38
N ILE A 42 13.18 -2.10 -7.71
CA ILE A 42 13.66 -2.52 -9.02
C ILE A 42 15.08 -3.11 -8.92
N ASP A 43 15.24 -4.33 -9.41
CA ASP A 43 16.54 -4.99 -9.38
C ASP A 43 17.59 -4.17 -10.12
N SER A 44 18.75 -4.01 -9.50
CA SER A 44 19.83 -3.25 -10.10
C SER A 44 20.59 -4.08 -11.14
N LEU A 45 20.20 -5.35 -11.25
CA LEU A 45 20.83 -6.26 -12.21
C LEU A 45 20.00 -6.38 -13.48
N THR A 46 18.73 -6.76 -13.33
CA THR A 46 17.84 -6.91 -14.47
C THR A 46 17.12 -5.59 -14.77
N LYS A 47 17.22 -4.64 -13.85
CA LYS A 47 16.57 -3.35 -14.02
C LYS A 47 15.07 -3.50 -14.13
N LYS A 48 14.53 -4.54 -13.49
CA LYS A 48 13.09 -4.79 -13.52
C LYS A 48 12.58 -5.16 -12.13
N PRO A 49 11.34 -4.76 -11.84
CA PRO A 49 10.69 -5.03 -10.54
C PRO A 49 10.38 -6.52 -10.36
N LYS A 50 10.26 -6.94 -9.11
CA LYS A 50 9.96 -8.33 -8.79
C LYS A 50 8.45 -8.57 -8.78
N GLY A 51 7.69 -7.49 -8.89
CA GLY A 51 6.24 -7.60 -8.89
C GLY A 51 5.64 -7.27 -7.55
N PHE A 52 6.19 -6.27 -6.87
CA PHE A 52 5.71 -5.85 -5.57
C PHE A 52 6.17 -4.44 -5.23
N ALA A 53 5.39 -3.75 -4.42
CA ALA A 53 5.72 -2.38 -4.01
C ALA A 53 4.97 -1.99 -2.76
N PHE A 54 5.22 -0.77 -2.28
CA PHE A 54 4.56 -0.26 -1.07
C PHE A 54 3.98 1.13 -1.32
N VAL A 55 2.68 1.27 -1.09
CA VAL A 55 2.01 2.55 -1.29
C VAL A 55 1.58 3.15 0.05
N THR A 56 2.02 4.38 0.31
CA THR A 56 1.69 5.06 1.55
C THR A 56 0.75 6.24 1.29
N PHE A 57 -0.53 6.05 1.60
CA PHE A 57 -1.53 7.09 1.40
C PHE A 57 -1.45 8.13 2.50
N MET A 58 -1.95 9.33 2.22
CA MET A 58 -1.95 10.42 3.21
C MET A 58 -3.00 10.18 4.27
N PHE A 59 -4.20 9.80 3.85
CA PHE A 59 -5.30 9.55 4.78
C PHE A 59 -5.64 8.07 4.83
N PRO A 60 -6.01 7.58 6.03
CA PRO A 60 -6.37 6.18 6.23
C PRO A 60 -7.69 5.81 5.57
N GLU A 61 -8.56 6.81 5.41
CA GLU A 61 -9.87 6.59 4.79
C GLU A 61 -9.71 6.09 3.36
N HIS A 62 -8.90 6.81 2.58
CA HIS A 62 -8.66 6.45 1.19
C HIS A 62 -7.96 5.10 1.09
N ALA A 63 -6.98 4.88 1.96
CA ALA A 63 -6.23 3.64 1.98
C ALA A 63 -7.16 2.44 2.01
N VAL A 64 -8.30 2.60 2.69
CA VAL A 64 -9.27 1.52 2.80
C VAL A 64 -10.08 1.38 1.52
N LYS A 65 -10.64 2.49 1.05
CA LYS A 65 -11.44 2.51 -0.17
C LYS A 65 -10.70 1.82 -1.31
N ALA A 66 -9.42 2.12 -1.44
CA ALA A 66 -8.60 1.53 -2.49
C ALA A 66 -8.46 0.02 -2.29
N TYR A 67 -8.15 -0.39 -1.07
CA TYR A 67 -7.98 -1.80 -0.75
C TYR A 67 -9.27 -2.57 -0.98
N ALA A 68 -10.39 -1.85 -1.00
CA ALA A 68 -11.69 -2.46 -1.22
C ALA A 68 -11.97 -2.64 -2.71
N GLU A 69 -11.53 -1.67 -3.51
CA GLU A 69 -11.74 -1.72 -4.95
C GLU A 69 -10.56 -2.41 -5.64
N VAL A 70 -9.37 -1.84 -5.46
CA VAL A 70 -8.16 -2.39 -6.07
C VAL A 70 -8.10 -3.90 -5.88
N ASP A 71 -8.06 -4.35 -4.63
CA ASP A 71 -8.00 -5.77 -4.32
C ASP A 71 -8.96 -6.56 -5.20
N GLY A 72 -8.44 -7.09 -6.31
CA GLY A 72 -9.27 -7.85 -7.22
C GLY A 72 -9.40 -7.19 -8.58
N GLN A 73 -8.41 -6.38 -8.94
CA GLN A 73 -8.43 -5.68 -10.23
C GLN A 73 -7.23 -6.09 -11.07
N VAL A 74 -7.43 -6.15 -12.38
CA VAL A 74 -6.37 -6.52 -13.31
C VAL A 74 -5.64 -5.29 -13.84
N PHE A 75 -4.33 -5.42 -14.01
CA PHE A 75 -3.51 -4.32 -14.51
C PHE A 75 -2.50 -4.81 -15.54
N GLN A 76 -2.65 -4.33 -16.78
CA GLN A 76 -1.75 -4.73 -17.86
C GLN A 76 -1.64 -6.24 -17.94
N GLY A 77 -2.72 -6.94 -17.57
CA GLY A 77 -2.72 -8.39 -17.61
C GLY A 77 -2.05 -9.01 -16.40
N ARG A 78 -2.13 -8.32 -15.27
CA ARG A 78 -1.53 -8.81 -14.03
C ARG A 78 -2.50 -8.68 -12.87
N MET A 79 -2.91 -9.82 -12.31
CA MET A 79 -3.85 -9.85 -11.20
C MET A 79 -3.23 -9.20 -9.95
N LEU A 80 -3.58 -7.94 -9.71
CA LEU A 80 -3.06 -7.21 -8.56
C LEU A 80 -3.72 -7.69 -7.27
N HIS A 81 -2.91 -8.02 -6.28
CA HIS A 81 -3.41 -8.48 -4.99
C HIS A 81 -3.05 -7.50 -3.87
N VAL A 82 -4.06 -6.88 -3.28
CA VAL A 82 -3.85 -5.92 -2.20
C VAL A 82 -4.20 -6.53 -0.85
N LEU A 83 -3.44 -6.14 0.18
CA LEU A 83 -3.67 -6.65 1.53
C LEU A 83 -3.37 -5.58 2.58
N PRO A 84 -4.05 -5.66 3.72
CA PRO A 84 -3.87 -4.71 4.82
C PRO A 84 -2.50 -4.86 5.50
N SER A 85 -1.83 -3.74 5.72
CA SER A 85 -0.52 -3.74 6.35
C SER A 85 -0.65 -3.58 7.86
N THR A 86 0.17 -4.32 8.60
CA THR A 86 0.14 -4.26 10.06
C THR A 86 1.54 -4.47 10.63
N ILE A 87 1.84 -3.74 11.71
CA ILE A 87 3.15 -3.85 12.35
C ILE A 87 3.44 -5.29 12.76
N LYS A 88 3.97 -6.07 11.82
CA LYS A 88 4.30 -7.47 12.07
C LYS A 88 3.31 -8.09 13.05
N LYS A 89 2.04 -7.71 12.94
CA LYS A 89 1.00 -8.22 13.82
C LYS A 89 0.16 -9.27 13.11
N GLU A 90 0.07 -10.46 13.69
CA GLU A 90 -0.70 -11.55 13.11
C GLU A 90 -1.66 -12.14 14.13
N ALA A 91 -2.88 -11.59 14.20
CA ALA A 91 -3.89 -12.07 15.13
C ALA A 91 -5.28 -11.64 14.69
N SER A 92 -6.29 -12.35 15.17
CA SER A 92 -7.68 -12.04 14.83
C SER A 92 -8.06 -10.66 15.33
N GLN A 93 -8.64 -9.86 14.43
CA GLN A 93 -9.07 -8.51 14.78
C GLN A 93 -10.46 -8.22 14.23
N SER A 94 -11.26 -7.50 15.02
CA SER A 94 -12.62 -7.15 14.61
C SER A 94 -13.19 -6.06 15.50
N GLY A 95 -13.96 -5.15 14.91
CA GLY A 95 -14.55 -4.07 15.66
C GLY A 95 -13.64 -2.86 15.74
N PRO A 96 -14.26 -1.65 15.74
CA PRO A 96 -13.51 -0.39 15.81
C PRO A 96 -12.87 -0.18 17.17
N SER A 97 -12.14 0.93 17.31
CA SER A 97 -11.48 1.26 18.57
C SER A 97 -11.92 2.61 19.09
N SER A 98 -12.62 2.61 20.22
CA SER A 98 -13.11 3.85 20.82
C SER A 98 -12.50 4.07 22.20
N GLY A 99 -11.80 5.18 22.36
CA GLY A 99 -11.17 5.49 23.64
C GLY A 99 -10.67 4.24 24.35
#